data_2K2I
#
_entry.id   2K2I
#
loop_
_entity.id
_entity.type
_entity.pdbx_description
1 polymer Centrin-2
2 polymer 'SFI1 peptide'
#
loop_
_entity_poly.entity_id
_entity_poly.type
_entity_poly.pdbx_seq_one_letter_code
_entity_poly.pdbx_strand_id
1 'polypeptide(L)' TQKMSEKDTKEEILKAFKLFDDDETGKISFKNLKRVAKELGENLTDEELQEMIDEADRDGDGEVSEQEFLRIMKKTSLY A
2 'polypeptide(L)' RADLHHQHSVLHRALQAWVT B
#
# COMPACT_ATOMS: atom_id res chain seq x y z
N THR A 1 -20.37 -10.19 17.01
CA THR A 1 -20.52 -8.72 17.33
C THR A 1 -20.39 -7.90 16.07
N GLN A 2 -21.23 -6.86 15.87
CA GLN A 2 -21.19 -6.06 14.67
C GLN A 2 -20.04 -5.05 14.71
N LYS A 3 -19.30 -4.90 13.59
CA LYS A 3 -18.32 -3.85 13.44
C LYS A 3 -18.49 -3.25 12.06
N MET A 4 -17.75 -3.78 11.06
CA MET A 4 -17.77 -3.26 9.71
C MET A 4 -18.84 -3.93 8.88
N SER A 5 -19.95 -3.22 8.62
CA SER A 5 -21.06 -3.71 7.81
C SER A 5 -20.85 -3.39 6.34
N GLU A 6 -19.95 -2.45 6.03
CA GLU A 6 -19.66 -2.01 4.69
C GLU A 6 -18.71 -2.97 3.98
N LYS A 7 -18.54 -2.82 2.66
CA LYS A 7 -17.72 -3.74 1.86
C LYS A 7 -16.48 -3.01 1.40
N ASP A 8 -16.41 -1.74 1.79
CA ASP A 8 -15.73 -0.68 1.10
C ASP A 8 -14.32 -0.51 1.63
N THR A 9 -13.81 -1.58 2.30
CA THR A 9 -12.40 -1.82 2.48
C THR A 9 -11.76 -2.11 1.14
N LYS A 10 -12.47 -2.77 0.20
CA LYS A 10 -12.01 -2.96 -1.16
C LYS A 10 -11.83 -1.62 -1.87
N GLU A 11 -12.80 -0.68 -1.73
CA GLU A 11 -12.72 0.70 -2.16
C GLU A 11 -11.52 1.41 -1.56
N GLU A 12 -11.35 1.34 -0.21
CA GLU A 12 -10.18 1.83 0.51
C GLU A 12 -8.87 1.32 -0.08
N ILE A 13 -8.73 -0.02 -0.20
CA ILE A 13 -7.55 -0.69 -0.73
C ILE A 13 -7.29 -0.30 -2.19
N LEU A 14 -8.33 -0.27 -3.04
CA LEU A 14 -8.24 0.17 -4.43
C LEU A 14 -7.77 1.61 -4.57
N LYS A 15 -8.35 2.55 -3.79
CA LYS A 15 -7.98 3.95 -3.86
C LYS A 15 -6.64 4.19 -3.21
N ALA A 16 -6.29 3.44 -2.14
CA ALA A 16 -4.96 3.38 -1.58
C ALA A 16 -3.94 2.89 -2.60
N PHE A 17 -4.20 1.77 -3.31
CA PHE A 17 -3.38 1.27 -4.41
C PHE A 17 -3.10 2.35 -5.45
N LYS A 18 -4.13 3.10 -5.87
CA LYS A 18 -3.99 4.18 -6.81
C LYS A 18 -3.18 5.38 -6.32
N LEU A 19 -3.12 5.63 -4.98
CA LEU A 19 -2.25 6.63 -4.40
C LEU A 19 -0.77 6.24 -4.45
N PHE A 20 -0.46 4.93 -4.53
CA PHE A 20 0.87 4.45 -4.87
C PHE A 20 1.08 4.46 -6.39
N ASP A 21 0.14 3.86 -7.16
CA ASP A 21 0.24 3.71 -8.60
C ASP A 21 -0.05 5.01 -9.35
N ASP A 22 0.95 5.92 -9.36
CA ASP A 22 1.00 7.15 -10.14
C ASP A 22 0.92 6.88 -11.62
N ASP A 23 1.55 5.78 -12.03
CA ASP A 23 1.84 5.44 -13.39
C ASP A 23 0.61 4.90 -14.10
N GLU A 24 -0.38 4.46 -13.30
CA GLU A 24 -1.61 3.79 -13.70
C GLU A 24 -1.29 2.47 -14.37
N THR A 25 -0.27 1.78 -13.84
CA THR A 25 0.34 0.64 -14.51
C THR A 25 -0.26 -0.65 -14.00
N GLY A 26 -0.89 -0.63 -12.81
CA GLY A 26 -1.56 -1.79 -12.25
C GLY A 26 -0.65 -2.53 -11.32
N LYS A 27 0.47 -1.88 -10.96
CA LYS A 27 1.47 -2.43 -10.06
C LYS A 27 1.88 -1.35 -9.10
N ILE A 28 2.15 -1.74 -7.84
CA ILE A 28 2.95 -0.95 -6.93
C ILE A 28 4.35 -1.52 -7.08
N SER A 29 5.25 -0.75 -7.73
CA SER A 29 6.65 -1.10 -7.75
C SER A 29 7.35 -0.55 -6.52
N PHE A 30 8.62 -0.97 -6.33
CA PHE A 30 9.58 -0.41 -5.39
C PHE A 30 9.62 1.11 -5.45
N LYS A 31 9.72 1.65 -6.68
CA LYS A 31 9.71 3.07 -6.98
C LYS A 31 8.43 3.74 -6.50
N ASN A 32 7.24 3.14 -6.77
CA ASN A 32 5.96 3.65 -6.30
C ASN A 32 5.88 3.62 -4.78
N LEU A 33 6.37 2.51 -4.17
CA LEU A 33 6.52 2.36 -2.73
C LEU A 33 7.36 3.47 -2.10
N LYS A 34 8.58 3.71 -2.64
CA LYS A 34 9.46 4.76 -2.16
C LYS A 34 8.94 6.17 -2.44
N ARG A 35 8.20 6.36 -3.56
CA ARG A 35 7.49 7.59 -3.87
C ARG A 35 6.40 7.89 -2.84
N VAL A 36 5.70 6.86 -2.33
CA VAL A 36 4.79 6.97 -1.20
C VAL A 36 5.53 7.31 0.08
N ALA A 37 6.63 6.61 0.40
CA ALA A 37 7.45 6.90 1.57
C ALA A 37 7.89 8.37 1.67
N LYS A 38 8.36 8.96 0.54
CA LYS A 38 8.73 10.36 0.52
C LYS A 38 7.54 11.32 0.46
N GLU A 39 6.33 10.83 0.14
CA GLU A 39 5.11 11.61 0.22
C GLU A 39 4.68 11.81 1.66
N LEU A 40 4.75 10.74 2.49
CA LEU A 40 4.56 10.87 3.92
C LEU A 40 5.72 11.62 4.55
N GLY A 41 6.95 11.38 4.03
CA GLY A 41 8.15 12.11 4.46
C GLY A 41 8.93 11.28 5.44
N GLU A 42 8.75 9.95 5.37
CA GLU A 42 9.39 9.00 6.24
C GLU A 42 10.72 8.61 5.59
N ASN A 43 11.86 8.77 6.31
CA ASN A 43 13.18 8.60 5.73
C ASN A 43 13.63 7.16 5.77
N LEU A 44 13.03 6.33 4.89
CA LEU A 44 13.32 4.91 4.78
C LEU A 44 14.58 4.64 3.96
N THR A 45 15.32 3.59 4.34
CA THR A 45 16.67 3.27 3.89
C THR A 45 16.78 2.28 2.74
N ASP A 46 15.80 2.27 1.80
CA ASP A 46 15.75 1.41 0.62
C ASP A 46 15.54 -0.08 0.91
N GLU A 47 16.25 -0.63 1.89
CA GLU A 47 16.18 -2.04 2.27
C GLU A 47 14.82 -2.45 2.81
N GLU A 48 14.15 -1.61 3.61
CA GLU A 48 12.80 -1.88 4.08
C GLU A 48 11.74 -1.68 2.99
N LEU A 49 12.03 -0.82 1.97
CA LEU A 49 11.24 -0.77 0.75
C LEU A 49 11.34 -2.09 0.01
N GLN A 50 12.56 -2.66 -0.06
CA GLN A 50 12.80 -3.98 -0.61
C GLN A 50 12.06 -5.03 0.18
N GLU A 51 12.18 -5.04 1.54
CA GLU A 51 11.41 -5.90 2.43
C GLU A 51 9.92 -5.86 2.17
N MET A 52 9.31 -4.64 2.12
CA MET A 52 7.89 -4.48 1.81
C MET A 52 7.46 -5.09 0.49
N ILE A 53 8.26 -4.94 -0.58
CA ILE A 53 7.97 -5.56 -1.86
C ILE A 53 8.22 -7.07 -1.80
N ASP A 54 9.33 -7.51 -1.15
CA ASP A 54 9.67 -8.91 -1.02
C ASP A 54 8.62 -9.71 -0.24
N GLU A 55 8.09 -9.11 0.84
CA GLU A 55 6.89 -9.53 1.58
C GLU A 55 5.70 -9.67 0.64
N ALA A 56 5.38 -8.62 -0.13
CA ALA A 56 4.26 -8.60 -1.04
C ALA A 56 4.55 -9.26 -2.40
N ASP A 57 5.10 -10.49 -2.35
CA ASP A 57 5.12 -11.47 -3.41
C ASP A 57 6.24 -11.37 -4.45
N ARG A 58 7.35 -12.08 -4.19
CA ARG A 58 8.33 -12.43 -5.21
C ARG A 58 8.08 -13.80 -5.78
N ASP A 59 7.01 -14.46 -5.30
CA ASP A 59 6.68 -15.84 -5.59
C ASP A 59 6.00 -15.94 -6.94
N GLY A 60 5.11 -14.98 -7.28
CA GLY A 60 4.26 -15.09 -8.46
C GLY A 60 4.28 -13.86 -9.32
N ASP A 61 4.05 -12.68 -8.72
CA ASP A 61 3.88 -11.45 -9.49
C ASP A 61 5.20 -10.72 -9.63
N GLY A 62 6.01 -10.66 -8.55
CA GLY A 62 7.37 -10.14 -8.64
C GLY A 62 7.45 -8.78 -8.02
N GLU A 63 6.59 -7.85 -8.46
CA GLU A 63 6.28 -6.63 -7.74
C GLU A 63 4.82 -6.79 -7.37
N VAL A 64 4.09 -5.70 -7.05
CA VAL A 64 2.87 -5.86 -6.28
C VAL A 64 1.65 -5.42 -7.07
N SER A 65 0.77 -6.33 -7.56
CA SER A 65 -0.50 -5.92 -8.13
C SER A 65 -1.57 -5.80 -7.05
N GLU A 66 -2.83 -5.50 -7.42
CA GLU A 66 -3.86 -5.27 -6.42
C GLU A 66 -4.20 -6.51 -5.64
N GLN A 67 -4.11 -7.71 -6.25
CA GLN A 67 -4.28 -8.97 -5.55
C GLN A 67 -3.18 -9.21 -4.51
N GLU A 68 -1.91 -8.84 -4.80
CA GLU A 68 -0.81 -8.93 -3.86
C GLU A 68 -1.01 -7.94 -2.72
N PHE A 69 -1.45 -6.71 -3.05
CA PHE A 69 -1.78 -5.71 -2.07
C PHE A 69 -2.99 -6.13 -1.21
N LEU A 70 -4.05 -6.69 -1.82
CA LEU A 70 -5.15 -7.34 -1.12
C LEU A 70 -4.65 -8.46 -0.22
N ARG A 71 -3.76 -9.37 -0.69
CA ARG A 71 -3.10 -10.37 0.14
C ARG A 71 -2.31 -9.78 1.30
N ILE A 72 -1.50 -8.72 1.09
CA ILE A 72 -0.75 -8.04 2.16
C ILE A 72 -1.68 -7.40 3.18
N MET A 73 -2.82 -6.81 2.74
CA MET A 73 -3.82 -6.27 3.64
C MET A 73 -4.61 -7.36 4.35
N LYS A 74 -5.09 -8.41 3.63
CA LYS A 74 -5.86 -9.51 4.17
C LYS A 74 -5.07 -10.47 5.03
N LYS A 75 -3.73 -10.31 5.09
CA LYS A 75 -2.85 -10.87 6.10
C LYS A 75 -3.37 -10.60 7.49
N THR A 76 -3.82 -9.35 7.74
CA THR A 76 -4.64 -9.03 8.91
C THR A 76 -6.07 -9.44 8.64
N SER A 77 -6.35 -10.72 8.89
CA SER A 77 -7.70 -11.26 8.97
C SER A 77 -7.92 -11.67 10.40
N LEU A 78 -7.66 -10.71 11.33
CA LEU A 78 -7.57 -10.86 12.77
C LEU A 78 -6.20 -11.41 13.11
N TYR A 79 -5.16 -10.62 12.77
CA TYR A 79 -3.78 -11.00 12.90
C TYR A 79 -2.98 -9.69 12.84
N ARG B 1 -5.23 11.54 15.38
CA ARG B 1 -5.11 10.23 14.65
C ARG B 1 -5.90 10.17 13.35
N ALA B 2 -5.88 11.23 12.52
CA ALA B 2 -6.81 11.40 11.41
C ALA B 2 -8.26 11.35 11.90
N ASP B 3 -8.60 12.35 12.73
CA ASP B 3 -9.83 12.49 13.46
C ASP B 3 -10.50 13.75 12.94
N LEU B 4 -9.88 14.92 13.21
CA LEU B 4 -10.35 16.19 12.71
C LEU B 4 -9.64 16.58 11.43
N HIS B 5 -10.41 17.10 10.45
CA HIS B 5 -9.94 17.69 9.20
C HIS B 5 -9.11 16.79 8.30
N HIS B 6 -9.73 15.75 7.70
CA HIS B 6 -9.06 14.83 6.78
C HIS B 6 -8.67 15.42 5.44
N GLN B 7 -7.65 16.30 5.45
CA GLN B 7 -7.08 16.90 4.25
C GLN B 7 -6.22 15.90 3.51
N HIS B 8 -5.45 15.08 4.24
CA HIS B 8 -4.63 14.04 3.64
C HIS B 8 -4.52 12.88 4.61
N SER B 9 -3.36 12.70 5.28
CA SER B 9 -2.97 11.58 6.14
C SER B 9 -3.06 10.19 5.55
N VAL B 10 -4.28 9.72 5.20
CA VAL B 10 -4.75 8.32 5.10
C VAL B 10 -3.98 7.41 4.13
N LEU B 11 -3.03 7.95 3.36
CA LEU B 11 -1.98 7.16 2.73
C LEU B 11 -1.07 6.51 3.77
N HIS B 12 -0.95 7.14 4.98
CA HIS B 12 -0.24 6.62 6.13
C HIS B 12 -0.80 5.28 6.54
N ARG B 13 -2.14 5.18 6.71
CA ARG B 13 -2.89 3.95 6.93
C ARG B 13 -2.49 2.83 5.99
N ALA B 14 -2.36 3.09 4.68
CA ALA B 14 -1.91 2.10 3.73
C ALA B 14 -0.44 1.76 3.89
N LEU B 15 0.47 2.77 3.95
CA LEU B 15 1.90 2.55 4.08
C LEU B 15 2.30 1.93 5.40
N GLN B 16 1.82 2.50 6.52
CA GLN B 16 2.21 2.10 7.85
C GLN B 16 1.61 0.75 8.21
N ALA B 17 0.44 0.35 7.63
CA ALA B 17 -0.09 -0.99 7.80
C ALA B 17 0.72 -2.05 7.06
N TRP B 18 1.48 -1.65 6.04
CA TRP B 18 2.37 -2.51 5.31
C TRP B 18 3.71 -2.63 6.03
N VAL B 19 4.29 -1.51 6.51
CA VAL B 19 5.61 -1.54 7.13
C VAL B 19 5.64 -1.86 8.62
N THR B 20 4.65 -1.41 9.42
CA THR B 20 4.75 -1.41 10.89
C THR B 20 3.72 -2.37 11.49
N THR A 1 -11.70 11.49 13.61
CA THR A 1 -12.99 12.12 14.09
C THR A 1 -14.15 11.17 13.97
N GLN A 2 -14.84 11.14 12.79
CA GLN A 2 -15.90 10.18 12.53
C GLN A 2 -15.32 8.84 12.13
N LYS A 3 -16.16 7.80 12.11
CA LYS A 3 -15.78 6.46 11.71
C LYS A 3 -16.90 5.93 10.82
N MET A 4 -17.17 4.60 10.90
CA MET A 4 -18.18 3.87 10.13
C MET A 4 -17.70 3.52 8.73
N SER A 5 -18.11 2.34 8.22
CA SER A 5 -17.83 1.87 6.88
C SER A 5 -18.55 0.55 6.77
N GLU A 6 -18.81 0.08 5.54
CA GLU A 6 -19.35 -1.23 5.27
C GLU A 6 -18.46 -1.91 4.26
N LYS A 7 -18.48 -1.35 3.03
CA LYS A 7 -17.98 -1.91 1.79
C LYS A 7 -16.71 -1.18 1.41
N ASP A 8 -16.60 0.05 1.95
CA ASP A 8 -15.77 1.17 1.66
C ASP A 8 -14.29 0.87 1.75
N THR A 9 -13.90 -0.06 2.64
CA THR A 9 -12.55 -0.52 2.83
C THR A 9 -11.93 -1.08 1.55
N LYS A 10 -12.73 -1.78 0.73
CA LYS A 10 -12.27 -2.32 -0.53
C LYS A 10 -11.92 -1.24 -1.54
N GLU A 11 -12.81 -0.22 -1.70
CA GLU A 11 -12.55 0.88 -2.61
C GLU A 11 -11.44 1.77 -2.08
N GLU A 12 -11.37 1.98 -0.74
CA GLU A 12 -10.29 2.63 -0.04
C GLU A 12 -8.94 2.00 -0.30
N ILE A 13 -8.81 0.66 -0.16
CA ILE A 13 -7.62 -0.10 -0.53
C ILE A 13 -7.28 0.05 -2.01
N LEU A 14 -8.26 -0.07 -2.93
CA LEU A 14 -8.04 0.16 -4.36
C LEU A 14 -7.61 1.59 -4.68
N LYS A 15 -8.18 2.61 -4.02
CA LYS A 15 -7.73 3.99 -4.12
C LYS A 15 -6.35 4.19 -3.53
N ALA A 16 -6.01 3.60 -2.36
CA ALA A 16 -4.68 3.59 -1.79
C ALA A 16 -3.65 2.98 -2.73
N PHE A 17 -3.98 1.83 -3.36
CA PHE A 17 -3.22 1.20 -4.43
C PHE A 17 -2.94 2.15 -5.59
N LYS A 18 -3.96 2.92 -6.03
CA LYS A 18 -3.78 3.90 -7.09
C LYS A 18 -3.09 5.18 -6.67
N LEU A 19 -3.03 5.50 -5.36
CA LEU A 19 -2.22 6.57 -4.79
C LEU A 19 -0.77 6.14 -4.71
N PHE A 20 -0.49 4.85 -4.45
CA PHE A 20 0.82 4.27 -4.67
C PHE A 20 1.29 4.38 -6.11
N ASP A 21 0.54 3.80 -7.07
CA ASP A 21 0.99 3.75 -8.44
C ASP A 21 0.60 4.98 -9.27
N ASP A 22 1.45 6.04 -9.33
CA ASP A 22 1.25 7.14 -10.25
C ASP A 22 1.40 6.74 -11.72
N ASP A 23 2.19 5.66 -11.97
CA ASP A 23 2.80 5.42 -13.26
C ASP A 23 1.85 4.64 -14.13
N GLU A 24 0.84 3.99 -13.51
CA GLU A 24 -0.15 3.17 -14.17
C GLU A 24 0.46 1.91 -14.77
N THR A 25 1.26 1.20 -13.93
CA THR A 25 1.73 -0.15 -14.18
C THR A 25 0.62 -1.08 -13.72
N GLY A 26 -0.13 -0.66 -12.67
CA GLY A 26 -1.23 -1.43 -12.11
C GLY A 26 -0.73 -2.37 -11.07
N LYS A 27 0.55 -2.18 -10.70
CA LYS A 27 1.27 -2.97 -9.74
C LYS A 27 2.16 -1.98 -9.01
N ILE A 28 2.41 -2.21 -7.70
CA ILE A 28 3.24 -1.32 -6.92
C ILE A 28 4.67 -1.79 -7.01
N SER A 29 5.50 -1.13 -7.85
CA SER A 29 6.93 -1.37 -7.83
C SER A 29 7.59 -0.59 -6.70
N PHE A 30 8.90 -0.82 -6.50
CA PHE A 30 9.78 -0.09 -5.60
C PHE A 30 9.65 1.43 -5.80
N LYS A 31 9.60 1.87 -7.09
CA LYS A 31 9.50 3.25 -7.50
C LYS A 31 8.22 3.91 -7.01
N ASN A 32 7.10 3.16 -7.10
CA ASN A 32 5.75 3.56 -6.74
C ASN A 32 5.62 3.57 -5.22
N LEU A 33 6.20 2.54 -4.57
CA LEU A 33 6.34 2.46 -3.13
C LEU A 33 7.10 3.65 -2.54
N LYS A 34 8.22 4.04 -3.19
CA LYS A 34 9.03 5.18 -2.81
C LYS A 34 8.30 6.51 -2.86
N ARG A 35 7.29 6.68 -3.75
CA ARG A 35 6.42 7.87 -3.78
C ARG A 35 5.75 8.08 -2.45
N VAL A 36 5.10 7.03 -1.95
CA VAL A 36 4.36 7.06 -0.70
C VAL A 36 5.29 7.26 0.48
N ALA A 37 6.47 6.60 0.46
CA ALA A 37 7.53 6.83 1.42
C ALA A 37 8.01 8.27 1.50
N LYS A 38 8.14 8.96 0.33
CA LYS A 38 8.40 10.39 0.25
C LYS A 38 7.27 11.21 0.85
N GLU A 39 6.02 11.00 0.39
CA GLU A 39 4.91 11.88 0.70
C GLU A 39 4.48 11.80 2.16
N LEU A 40 4.62 10.63 2.82
CA LEU A 40 4.49 10.58 4.26
C LEU A 40 5.77 11.06 4.93
N GLY A 41 6.95 10.68 4.41
CA GLY A 41 8.24 11.10 4.93
C GLY A 41 8.70 10.15 5.98
N GLU A 42 8.99 8.89 5.57
CA GLU A 42 9.33 7.84 6.50
C GLU A 42 10.74 7.92 7.07
N ASN A 43 10.97 7.11 8.12
CA ASN A 43 12.17 7.10 8.93
C ASN A 43 13.25 6.20 8.35
N LEU A 44 12.86 5.28 7.45
CA LEU A 44 13.73 4.28 6.86
C LEU A 44 14.52 4.85 5.69
N THR A 45 15.40 4.05 5.05
CA THR A 45 16.36 4.53 4.07
C THR A 45 15.88 4.15 2.70
N ASP A 46 15.97 2.84 2.37
CA ASP A 46 15.45 2.19 1.19
C ASP A 46 15.11 0.73 1.49
N GLU A 47 15.29 0.28 2.76
CA GLU A 47 15.00 -1.04 3.25
C GLU A 47 13.52 -1.27 3.17
N GLU A 48 12.76 -0.26 3.66
CA GLU A 48 11.33 -0.06 3.63
C GLU A 48 10.66 -0.68 2.43
N LEU A 49 11.01 -0.18 1.23
CA LEU A 49 10.35 -0.57 0.01
C LEU A 49 10.68 -2.00 -0.33
N GLN A 50 11.99 -2.38 -0.24
CA GLN A 50 12.43 -3.74 -0.52
C GLN A 50 11.78 -4.75 0.39
N GLU A 51 11.73 -4.47 1.72
CA GLU A 51 11.04 -5.24 2.72
C GLU A 51 9.57 -5.37 2.40
N MET A 52 8.87 -4.23 2.14
CA MET A 52 7.48 -4.22 1.76
C MET A 52 7.16 -5.00 0.49
N ILE A 53 7.99 -4.87 -0.59
CA ILE A 53 7.90 -5.69 -1.79
C ILE A 53 8.04 -7.16 -1.46
N ASP A 54 9.12 -7.56 -0.75
CA ASP A 54 9.46 -8.93 -0.44
C ASP A 54 8.42 -9.58 0.47
N GLU A 55 7.84 -8.84 1.43
CA GLU A 55 6.79 -9.31 2.31
C GLU A 55 5.47 -9.49 1.58
N ALA A 56 5.10 -8.53 0.70
CA ALA A 56 3.86 -8.60 -0.06
C ALA A 56 3.85 -9.60 -1.19
N ASP A 57 4.83 -9.56 -2.11
CA ASP A 57 4.81 -10.36 -3.32
C ASP A 57 5.23 -11.79 -3.03
N ARG A 58 4.23 -12.68 -2.92
CA ARG A 58 4.41 -14.03 -2.48
C ARG A 58 4.51 -14.98 -3.62
N ASP A 59 3.91 -14.64 -4.78
CA ASP A 59 4.02 -15.45 -5.97
C ASP A 59 5.27 -15.09 -6.76
N GLY A 60 5.74 -13.82 -6.75
CA GLY A 60 6.98 -13.45 -7.42
C GLY A 60 6.75 -12.85 -8.78
N ASP A 61 6.29 -11.60 -8.80
CA ASP A 61 6.19 -10.77 -9.98
C ASP A 61 7.42 -9.87 -9.97
N GLY A 62 7.66 -9.16 -8.87
CA GLY A 62 8.65 -8.11 -8.77
C GLY A 62 7.99 -6.85 -8.35
N GLU A 63 6.83 -6.54 -8.97
CA GLU A 63 5.99 -5.46 -8.52
C GLU A 63 4.83 -6.06 -7.76
N VAL A 64 4.29 -5.30 -6.79
CA VAL A 64 3.26 -5.82 -5.91
C VAL A 64 1.92 -5.55 -6.55
N SER A 65 1.30 -6.62 -7.10
CA SER A 65 0.06 -6.53 -7.83
C SER A 65 -1.13 -6.21 -6.93
N GLU A 66 -2.30 -6.02 -7.55
CA GLU A 66 -3.61 -5.85 -6.92
C GLU A 66 -3.87 -6.99 -5.95
N GLN A 67 -3.79 -8.23 -6.45
CA GLN A 67 -3.81 -9.47 -5.70
C GLN A 67 -2.80 -9.50 -4.57
N GLU A 68 -1.50 -9.19 -4.82
CA GLU A 68 -0.50 -9.22 -3.76
C GLU A 68 -0.74 -8.16 -2.69
N PHE A 69 -1.21 -6.96 -3.10
CA PHE A 69 -1.61 -5.90 -2.19
C PHE A 69 -2.83 -6.28 -1.38
N LEU A 70 -3.86 -6.88 -2.02
CA LEU A 70 -5.00 -7.44 -1.32
C LEU A 70 -4.59 -8.56 -0.36
N ARG A 71 -3.67 -9.47 -0.77
CA ARG A 71 -3.09 -10.49 0.10
C ARG A 71 -2.32 -9.91 1.28
N ILE A 72 -1.45 -8.89 1.09
CA ILE A 72 -0.75 -8.23 2.20
C ILE A 72 -1.72 -7.57 3.18
N MET A 73 -2.78 -6.90 2.67
CA MET A 73 -3.78 -6.29 3.53
C MET A 73 -4.69 -7.33 4.20
N LYS A 74 -5.15 -8.37 3.48
CA LYS A 74 -6.02 -9.41 4.00
C LYS A 74 -5.30 -10.36 4.96
N LYS A 75 -3.94 -10.36 4.97
CA LYS A 75 -3.08 -11.02 5.94
C LYS A 75 -3.56 -10.85 7.37
N THR A 76 -3.87 -9.60 7.78
CA THR A 76 -4.45 -9.31 9.09
C THR A 76 -5.93 -9.61 9.09
N SER A 77 -6.26 -10.91 9.02
CA SER A 77 -7.62 -11.40 9.14
C SER A 77 -7.90 -11.85 10.56
N LEU A 78 -6.91 -11.69 11.46
CA LEU A 78 -7.01 -12.08 12.85
C LEU A 78 -7.44 -10.92 13.72
N TYR A 79 -7.24 -9.68 13.21
CA TYR A 79 -7.34 -8.43 13.92
C TYR A 79 -6.07 -8.22 14.79
N ARG B 1 7.29 18.34 -11.18
CA ARG B 1 7.62 18.30 -12.65
C ARG B 1 6.49 17.74 -13.51
N ALA B 2 5.45 18.52 -13.88
CA ALA B 2 5.16 19.92 -13.61
C ALA B 2 4.63 20.10 -12.20
N ASP B 3 3.33 20.40 -12.03
CA ASP B 3 2.69 20.54 -10.74
C ASP B 3 2.44 19.16 -10.10
N LEU B 4 1.86 19.15 -8.89
CA LEU B 4 1.43 17.93 -8.22
C LEU B 4 0.18 18.23 -7.43
N HIS B 5 -0.75 17.26 -7.34
CA HIS B 5 -2.02 17.45 -6.68
C HIS B 5 -2.36 16.15 -6.00
N HIS B 6 -3.41 16.16 -5.15
CA HIS B 6 -3.94 14.99 -4.46
C HIS B 6 -3.02 14.42 -3.40
N GLN B 7 -2.03 15.21 -2.96
CA GLN B 7 -1.16 14.90 -1.83
C GLN B 7 -1.96 15.08 -0.55
N HIS B 8 -1.95 14.10 0.38
CA HIS B 8 -2.86 14.16 1.50
C HIS B 8 -2.35 13.28 2.62
N SER B 9 -3.19 13.10 3.65
CA SER B 9 -2.96 12.23 4.79
C SER B 9 -3.59 10.88 4.48
N VAL B 10 -4.01 10.14 5.54
CA VAL B 10 -4.67 8.84 5.51
C VAL B 10 -3.76 7.71 5.07
N LEU B 11 -3.07 7.90 3.92
CA LEU B 11 -2.18 7.02 3.20
C LEU B 11 -1.12 6.29 4.01
N HIS B 12 -0.73 6.84 5.19
CA HIS B 12 0.13 6.19 6.15
C HIS B 12 -0.48 4.92 6.71
N ARG B 13 -1.83 4.78 6.69
CA ARG B 13 -2.56 3.54 6.91
C ARG B 13 -2.02 2.41 6.06
N ALA B 14 -1.89 2.66 4.75
CA ALA B 14 -1.48 1.65 3.79
C ALA B 14 0.01 1.45 3.85
N LEU B 15 0.79 2.54 4.01
CA LEU B 15 2.23 2.43 4.14
C LEU B 15 2.67 1.74 5.42
N GLN B 16 2.20 2.23 6.58
CA GLN B 16 2.79 1.84 7.84
C GLN B 16 2.26 0.52 8.33
N ALA B 17 1.00 0.15 7.97
CA ALA B 17 0.47 -1.15 8.30
C ALA B 17 0.92 -2.23 7.34
N TRP B 18 1.65 -1.82 6.27
CA TRP B 18 2.39 -2.74 5.43
C TRP B 18 3.77 -2.93 6.01
N VAL B 19 4.48 -1.85 6.43
CA VAL B 19 5.82 -1.98 6.99
C VAL B 19 5.82 -2.56 8.41
N THR B 20 4.84 -2.21 9.26
CA THR B 20 4.75 -2.72 10.63
C THR B 20 3.42 -3.50 10.78
N THR A 1 -12.31 -13.63 17.03
CA THR A 1 -11.74 -13.00 15.77
C THR A 1 -12.74 -11.95 15.42
N GLN A 2 -12.64 -11.21 14.31
CA GLN A 2 -13.62 -10.21 13.93
C GLN A 2 -13.80 -10.34 12.43
N LYS A 3 -14.98 -9.93 11.91
CA LYS A 3 -15.24 -9.90 10.49
C LYS A 3 -16.17 -8.73 10.24
N MET A 4 -16.05 -8.06 9.07
CA MET A 4 -16.84 -6.89 8.76
C MET A 4 -17.52 -7.08 7.43
N SER A 5 -18.79 -6.64 7.32
CA SER A 5 -19.52 -6.59 6.07
C SER A 5 -19.13 -5.34 5.31
N GLU A 6 -17.93 -5.35 4.70
CA GLU A 6 -17.35 -4.19 4.07
C GLU A 6 -17.81 -4.00 2.63
N LYS A 7 -17.93 -2.72 2.22
CA LYS A 7 -18.22 -2.32 0.86
C LYS A 7 -17.46 -1.02 0.65
N ASP A 8 -16.28 -0.91 1.31
CA ASP A 8 -15.75 0.38 1.71
C ASP A 8 -14.25 0.28 1.90
N THR A 9 -13.75 -0.58 2.80
CA THR A 9 -12.31 -0.79 2.96
C THR A 9 -11.62 -1.34 1.72
N LYS A 10 -12.11 -2.39 1.03
CA LYS A 10 -11.57 -2.79 -0.28
C LYS A 10 -11.59 -1.69 -1.34
N GLU A 11 -12.63 -0.81 -1.35
CA GLU A 11 -12.68 0.40 -2.15
C GLU A 11 -11.53 1.34 -1.78
N GLU A 12 -11.35 1.63 -0.47
CA GLU A 12 -10.21 2.39 0.01
C GLU A 12 -8.86 1.76 -0.32
N ILE A 13 -8.73 0.42 -0.23
CA ILE A 13 -7.55 -0.33 -0.64
C ILE A 13 -7.26 -0.14 -2.13
N LEU A 14 -8.28 -0.27 -3.01
CA LEU A 14 -8.16 0.01 -4.43
C LEU A 14 -7.76 1.46 -4.71
N LYS A 15 -8.37 2.43 -3.98
CA LYS A 15 -7.97 3.82 -4.04
C LYS A 15 -6.55 4.06 -3.55
N ALA A 16 -6.13 3.44 -2.42
CA ALA A 16 -4.78 3.47 -1.90
C ALA A 16 -3.76 2.90 -2.85
N PHE A 17 -4.09 1.78 -3.54
CA PHE A 17 -3.33 1.21 -4.64
C PHE A 17 -3.08 2.24 -5.74
N LYS A 18 -4.11 3.04 -6.09
CA LYS A 18 -3.96 4.11 -7.06
C LYS A 18 -3.28 5.37 -6.53
N LEU A 19 -3.12 5.53 -5.19
CA LEU A 19 -2.32 6.59 -4.60
C LEU A 19 -0.85 6.20 -4.64
N PHE A 20 -0.55 4.90 -4.43
CA PHE A 20 0.73 4.32 -4.77
C PHE A 20 1.05 4.44 -6.26
N ASP A 21 0.23 3.84 -7.15
CA ASP A 21 0.50 3.76 -8.58
C ASP A 21 0.46 5.12 -9.28
N ASP A 22 1.64 5.77 -9.41
CA ASP A 22 1.87 7.05 -10.05
C ASP A 22 1.43 7.13 -11.50
N ASP A 23 1.66 6.05 -12.25
CA ASP A 23 1.47 5.98 -13.68
C ASP A 23 0.04 5.59 -13.99
N GLU A 24 -0.64 4.95 -13.00
CA GLU A 24 -1.95 4.35 -13.10
C GLU A 24 -1.85 3.11 -13.96
N THR A 25 -0.76 2.33 -13.73
CA THR A 25 -0.29 1.28 -14.61
C THR A 25 -0.93 -0.04 -14.24
N GLY A 26 -1.15 -0.27 -12.93
CA GLY A 26 -1.75 -1.48 -12.40
C GLY A 26 -0.78 -2.24 -11.55
N LYS A 27 0.19 -1.56 -10.92
CA LYS A 27 1.17 -2.19 -10.07
C LYS A 27 1.70 -1.21 -9.04
N ILE A 28 2.01 -1.70 -7.83
CA ILE A 28 2.82 -0.97 -6.88
C ILE A 28 4.24 -1.46 -7.07
N SER A 29 5.07 -0.69 -7.79
CA SER A 29 6.47 -0.98 -7.95
C SER A 29 7.26 -0.38 -6.82
N PHE A 30 8.57 -0.71 -6.75
CA PHE A 30 9.52 -0.19 -5.80
C PHE A 30 9.55 1.34 -5.82
N LYS A 31 9.48 1.87 -7.06
CA LYS A 31 9.39 3.27 -7.42
C LYS A 31 8.24 3.96 -6.69
N ASN A 32 7.04 3.35 -6.78
CA ASN A 32 5.80 3.82 -6.20
C ASN A 32 5.82 3.71 -4.68
N LEU A 33 6.37 2.58 -4.18
CA LEU A 33 6.59 2.30 -2.78
C LEU A 33 7.45 3.39 -2.13
N LYS A 34 8.63 3.65 -2.73
CA LYS A 34 9.53 4.70 -2.30
C LYS A 34 8.95 6.09 -2.48
N ARG A 35 8.15 6.31 -3.55
CA ARG A 35 7.38 7.54 -3.76
C ARG A 35 6.45 7.84 -2.61
N VAL A 36 5.60 6.89 -2.17
CA VAL A 36 4.70 7.10 -1.04
C VAL A 36 5.44 7.44 0.24
N ALA A 37 6.58 6.76 0.51
CA ALA A 37 7.48 7.13 1.59
C ALA A 37 7.93 8.60 1.55
N LYS A 38 8.31 9.15 0.37
CA LYS A 38 8.64 10.58 0.24
C LYS A 38 7.45 11.50 0.06
N GLU A 39 6.19 11.01 0.06
CA GLU A 39 5.03 11.86 0.25
C GLU A 39 4.80 12.10 1.72
N LEU A 40 4.86 11.01 2.52
CA LEU A 40 4.72 11.07 3.96
C LEU A 40 5.89 11.74 4.63
N GLY A 41 7.12 11.42 4.19
CA GLY A 41 8.35 11.91 4.81
C GLY A 41 8.94 10.88 5.71
N GLU A 42 8.67 9.59 5.44
CA GLU A 42 9.16 8.50 6.26
C GLU A 42 10.53 8.08 5.75
N ASN A 43 11.57 8.25 6.59
CA ASN A 43 12.96 8.06 6.22
C ASN A 43 13.41 6.60 6.17
N LEU A 44 12.69 5.74 5.42
CA LEU A 44 13.02 4.34 5.29
C LEU A 44 14.07 4.11 4.23
N THR A 45 14.91 3.08 4.46
CA THR A 45 15.99 2.67 3.59
C THR A 45 15.43 1.77 2.51
N ASP A 46 16.08 1.71 1.33
CA ASP A 46 15.70 0.90 0.19
C ASP A 46 15.43 -0.56 0.49
N GLU A 47 16.25 -1.17 1.36
CA GLU A 47 16.08 -2.48 1.92
C GLU A 47 14.73 -2.68 2.60
N GLU A 48 14.28 -1.67 3.39
CA GLU A 48 13.03 -1.67 4.11
C GLU A 48 11.85 -1.53 3.16
N LEU A 49 12.00 -0.71 2.08
CA LEU A 49 11.02 -0.63 1.00
C LEU A 49 10.94 -1.95 0.25
N GLN A 50 12.09 -2.61 -0.01
CA GLN A 50 12.15 -3.89 -0.68
C GLN A 50 11.53 -5.01 0.14
N GLU A 51 11.77 -5.05 1.48
CA GLU A 51 11.12 -5.94 2.42
C GLU A 51 9.60 -5.92 2.29
N MET A 52 8.98 -4.71 2.26
CA MET A 52 7.57 -4.54 1.97
C MET A 52 7.13 -5.17 0.65
N ILE A 53 7.85 -4.89 -0.46
CA ILE A 53 7.60 -5.52 -1.76
C ILE A 53 7.71 -7.04 -1.67
N ASP A 54 8.83 -7.58 -1.14
CA ASP A 54 9.12 -9.00 -1.08
C ASP A 54 8.15 -9.76 -0.18
N GLU A 55 7.68 -9.13 0.92
CA GLU A 55 6.62 -9.65 1.77
C GLU A 55 5.30 -9.84 1.03
N ALA A 56 4.88 -8.82 0.25
CA ALA A 56 3.66 -8.87 -0.52
C ALA A 56 3.77 -9.76 -1.75
N ASP A 57 4.87 -9.61 -2.53
CA ASP A 57 5.13 -10.34 -3.75
C ASP A 57 5.63 -11.76 -3.48
N ARG A 58 4.70 -12.58 -2.96
CA ARG A 58 4.89 -13.97 -2.58
C ARG A 58 5.23 -14.86 -3.78
N ASP A 59 4.74 -14.49 -4.97
CA ASP A 59 4.91 -15.27 -6.18
C ASP A 59 6.09 -14.82 -7.01
N GLY A 60 6.54 -13.54 -6.92
CA GLY A 60 7.81 -13.14 -7.55
C GLY A 60 7.63 -12.43 -8.86
N ASP A 61 6.83 -11.35 -8.87
CA ASP A 61 6.72 -10.41 -9.97
C ASP A 61 7.82 -9.35 -9.84
N GLY A 62 8.30 -9.05 -8.60
CA GLY A 62 9.38 -8.12 -8.32
C GLY A 62 8.85 -6.79 -7.88
N GLU A 63 7.51 -6.72 -7.82
CA GLU A 63 6.71 -5.55 -7.60
C GLU A 63 5.33 -6.10 -7.38
N VAL A 64 4.37 -5.25 -7.00
CA VAL A 64 3.19 -5.71 -6.29
C VAL A 64 1.94 -5.44 -7.08
N SER A 65 1.25 -6.51 -7.51
CA SER A 65 -0.04 -6.42 -8.19
C SER A 65 -1.17 -6.30 -7.18
N GLU A 66 -2.42 -6.21 -7.66
CA GLU A 66 -3.63 -5.97 -6.88
C GLU A 66 -3.89 -7.07 -5.89
N GLN A 67 -3.84 -8.33 -6.37
CA GLN A 67 -3.89 -9.54 -5.57
C GLN A 67 -2.82 -9.58 -4.49
N GLU A 68 -1.57 -9.16 -4.78
CA GLU A 68 -0.48 -9.09 -3.82
C GLU A 68 -0.73 -8.03 -2.77
N PHE A 69 -1.29 -6.87 -3.17
CA PHE A 69 -1.70 -5.84 -2.25
C PHE A 69 -2.85 -6.30 -1.36
N LEU A 70 -3.86 -6.99 -1.94
CA LEU A 70 -4.94 -7.60 -1.19
C LEU A 70 -4.47 -8.72 -0.26
N ARG A 71 -3.48 -9.54 -0.67
CA ARG A 71 -2.78 -10.49 0.19
C ARG A 71 -2.12 -9.83 1.39
N ILE A 72 -1.31 -8.76 1.18
CA ILE A 72 -0.66 -8.07 2.29
C ILE A 72 -1.66 -7.32 3.18
N MET A 73 -2.71 -6.72 2.59
CA MET A 73 -3.80 -6.15 3.38
C MET A 73 -4.61 -7.21 4.14
N LYS A 74 -4.65 -8.47 3.67
CA LYS A 74 -5.19 -9.59 4.42
C LYS A 74 -4.28 -10.03 5.57
N LYS A 75 -2.93 -9.97 5.39
CA LYS A 75 -1.93 -10.16 6.44
C LYS A 75 -2.15 -9.21 7.60
N THR A 76 -2.23 -7.88 7.36
CA THR A 76 -2.30 -6.94 8.46
C THR A 76 -3.70 -6.77 9.01
N SER A 77 -4.07 -7.60 9.99
CA SER A 77 -5.29 -7.52 10.79
C SER A 77 -5.20 -6.48 11.90
N LEU A 78 -4.38 -5.42 11.68
CA LEU A 78 -3.85 -4.51 12.69
C LEU A 78 -2.89 -5.26 13.60
N TYR A 79 -2.17 -6.21 12.95
CA TYR A 79 -1.35 -7.26 13.53
C TYR A 79 -2.19 -8.26 14.37
N ARG B 1 -6.99 0.93 17.26
CA ARG B 1 -7.17 2.39 17.59
C ARG B 1 -8.29 3.11 16.83
N ALA B 2 -9.58 2.77 17.03
CA ALA B 2 -10.14 1.80 17.96
C ALA B 2 -10.15 0.38 17.36
N ASP B 3 -11.12 -0.12 16.56
CA ASP B 3 -12.15 0.62 15.89
C ASP B 3 -13.26 -0.26 15.37
N LEU B 4 -14.20 0.40 14.69
CA LEU B 4 -15.30 -0.17 13.95
C LEU B 4 -15.10 0.15 12.48
N HIS B 5 -14.64 1.38 12.15
CA HIS B 5 -14.52 1.77 10.76
C HIS B 5 -13.64 2.98 10.53
N HIS B 6 -13.25 3.73 11.59
CA HIS B 6 -12.47 4.94 11.41
C HIS B 6 -11.00 4.59 11.21
N GLN B 7 -10.45 5.01 10.04
CA GLN B 7 -9.05 4.85 9.74
C GLN B 7 -8.43 6.24 9.71
N HIS B 8 -7.28 6.44 10.40
CA HIS B 8 -6.72 7.75 10.64
C HIS B 8 -6.24 8.46 9.40
N SER B 9 -6.47 9.78 9.30
CA SER B 9 -6.31 10.57 8.09
C SER B 9 -4.87 10.94 7.78
N VAL B 10 -4.28 10.68 6.59
CA VAL B 10 -4.66 9.83 5.47
C VAL B 10 -3.36 9.26 4.95
N LEU B 11 -3.41 8.30 4.00
CA LEU B 11 -2.29 7.71 3.26
C LEU B 11 -1.34 6.85 4.06
N HIS B 12 -0.81 7.40 5.19
CA HIS B 12 0.13 6.75 6.11
C HIS B 12 -0.31 5.34 6.44
N ARG B 13 -1.61 5.20 6.77
CA ARG B 13 -2.48 4.05 6.64
C ARG B 13 -1.91 2.87 5.87
N ALA B 14 -1.75 3.04 4.56
CA ALA B 14 -1.46 2.00 3.63
C ALA B 14 0.01 1.65 3.62
N LEU B 15 0.89 2.61 4.00
CA LEU B 15 2.29 2.31 4.14
C LEU B 15 2.59 1.70 5.50
N GLN B 16 2.03 2.29 6.58
CA GLN B 16 2.19 1.86 7.94
C GLN B 16 1.60 0.49 8.17
N ALA B 17 0.37 0.22 7.68
CA ALA B 17 -0.26 -1.08 7.84
C ALA B 17 0.23 -2.09 6.82
N TRP B 18 1.15 -1.68 5.91
CA TRP B 18 1.93 -2.62 5.16
C TRP B 18 3.10 -3.07 6.01
N VAL B 19 3.94 -2.10 6.44
CA VAL B 19 5.18 -2.38 7.14
C VAL B 19 4.99 -2.98 8.52
N THR B 20 3.98 -2.52 9.29
CA THR B 20 3.66 -3.09 10.60
C THR B 20 2.16 -3.45 10.70
N THR A 1 -19.26 -7.47 19.58
CA THR A 1 -18.95 -6.68 18.33
C THR A 1 -17.65 -5.92 18.46
N GLN A 2 -16.96 -5.62 17.34
CA GLN A 2 -15.87 -4.67 17.31
C GLN A 2 -16.24 -3.66 16.25
N LYS A 3 -15.39 -3.46 15.22
CA LYS A 3 -15.72 -2.58 14.12
C LYS A 3 -16.66 -3.25 13.13
N MET A 4 -17.38 -2.46 12.32
CA MET A 4 -18.16 -2.95 11.20
C MET A 4 -17.36 -2.65 9.95
N SER A 5 -17.48 -3.47 8.88
CA SER A 5 -16.74 -3.21 7.66
C SER A 5 -17.36 -4.03 6.57
N GLU A 6 -17.42 -3.50 5.33
CA GLU A 6 -18.11 -4.14 4.23
C GLU A 6 -17.38 -3.68 2.94
N LYS A 7 -17.99 -2.85 2.07
CA LYS A 7 -17.42 -2.45 0.79
C LYS A 7 -16.28 -1.46 0.90
N ASP A 8 -16.11 -0.83 2.09
CA ASP A 8 -15.06 0.13 2.41
C ASP A 8 -13.68 -0.46 2.28
N THR A 9 -13.54 -1.77 2.57
CA THR A 9 -12.26 -2.45 2.62
C THR A 9 -11.55 -2.46 1.27
N LYS A 10 -12.11 -3.10 0.22
CA LYS A 10 -11.52 -3.04 -1.11
C LYS A 10 -11.53 -1.64 -1.69
N GLU A 11 -12.54 -0.77 -1.37
CA GLU A 11 -12.52 0.62 -1.80
C GLU A 11 -11.29 1.36 -1.27
N GLU A 12 -11.02 1.30 0.05
CA GLU A 12 -9.88 1.91 0.69
C GLU A 12 -8.59 1.34 0.16
N ILE A 13 -8.50 0.00 0.03
CA ILE A 13 -7.31 -0.67 -0.46
C ILE A 13 -7.03 -0.42 -1.94
N LEU A 14 -8.04 -0.43 -2.84
CA LEU A 14 -7.83 -0.12 -4.26
C LEU A 14 -7.46 1.34 -4.45
N LYS A 15 -8.12 2.26 -3.71
CA LYS A 15 -7.79 3.66 -3.65
C LYS A 15 -6.37 3.88 -3.17
N ALA A 16 -5.97 3.24 -2.06
CA ALA A 16 -4.61 3.21 -1.54
C ALA A 16 -3.60 2.65 -2.53
N PHE A 17 -3.93 1.53 -3.20
CA PHE A 17 -3.15 0.91 -4.27
C PHE A 17 -2.82 1.90 -5.37
N LYS A 18 -3.82 2.66 -5.87
CA LYS A 18 -3.58 3.68 -6.88
C LYS A 18 -2.98 4.96 -6.35
N LEU A 19 -3.06 5.25 -5.05
CA LEU A 19 -2.21 6.25 -4.42
C LEU A 19 -0.73 5.86 -4.41
N PHE A 20 -0.40 4.56 -4.27
CA PHE A 20 0.94 4.08 -4.60
C PHE A 20 1.23 4.14 -6.11
N ASP A 21 0.38 3.52 -6.97
CA ASP A 21 0.57 3.39 -8.41
C ASP A 21 0.45 4.73 -9.17
N ASP A 22 1.45 5.62 -8.98
CA ASP A 22 1.60 6.93 -9.61
C ASP A 22 1.55 6.90 -11.12
N ASP A 23 2.30 5.93 -11.71
CA ASP A 23 2.68 5.92 -13.11
C ASP A 23 1.59 5.35 -13.98
N GLU A 24 0.52 4.80 -13.35
CA GLU A 24 -0.58 4.11 -14.00
C GLU A 24 -0.15 2.84 -14.69
N THR A 25 0.42 1.89 -13.91
CA THR A 25 0.77 0.57 -14.40
C THR A 25 -0.12 -0.47 -13.77
N GLY A 26 -0.75 -0.19 -12.61
CA GLY A 26 -1.58 -1.15 -11.90
C GLY A 26 -0.75 -2.11 -11.10
N LYS A 27 0.43 -1.66 -10.66
CA LYS A 27 1.37 -2.43 -9.89
C LYS A 27 2.07 -1.46 -8.97
N ILE A 28 2.46 -1.90 -7.76
CA ILE A 28 3.26 -1.08 -6.86
C ILE A 28 4.72 -1.45 -7.02
N SER A 29 5.47 -0.60 -7.74
CA SER A 29 6.92 -0.73 -7.88
C SER A 29 7.67 -0.22 -6.67
N PHE A 30 8.98 -0.54 -6.59
CA PHE A 30 9.93 -0.01 -5.63
C PHE A 30 9.99 1.51 -5.71
N LYS A 31 9.96 2.01 -6.95
CA LYS A 31 9.83 3.40 -7.31
C LYS A 31 8.55 4.02 -6.76
N ASN A 32 7.37 3.37 -6.91
CA ASN A 32 6.10 3.79 -6.31
C ASN A 32 6.18 3.84 -4.79
N LEU A 33 6.74 2.78 -4.19
CA LEU A 33 7.02 2.66 -2.77
C LEU A 33 7.79 3.87 -2.23
N LYS A 34 8.91 4.24 -2.90
CA LYS A 34 9.69 5.39 -2.52
C LYS A 34 9.09 6.75 -2.89
N ARG A 35 8.10 6.83 -3.81
CA ARG A 35 7.25 8.01 -3.96
C ARG A 35 6.41 8.19 -2.70
N VAL A 36 5.69 7.14 -2.28
CA VAL A 36 4.87 7.14 -1.08
C VAL A 36 5.69 7.49 0.15
N ALA A 37 6.88 6.88 0.29
CA ALA A 37 7.84 7.24 1.32
C ALA A 37 8.17 8.72 1.42
N LYS A 38 8.48 9.40 0.28
CA LYS A 38 8.76 10.82 0.29
C LYS A 38 7.51 11.68 0.47
N GLU A 39 6.32 11.18 0.11
CA GLU A 39 5.05 11.86 0.37
C GLU A 39 4.73 11.93 1.85
N LEU A 40 4.90 10.82 2.60
CA LEU A 40 4.77 10.87 4.05
C LEU A 40 5.98 11.56 4.68
N GLY A 41 7.20 11.29 4.17
CA GLY A 41 8.43 11.91 4.65
C GLY A 41 9.22 10.94 5.46
N GLU A 42 9.29 9.68 5.00
CA GLU A 42 9.88 8.59 5.74
C GLU A 42 11.39 8.57 5.59
N ASN A 43 12.12 8.68 6.73
CA ASN A 43 13.57 8.68 6.74
C ASN A 43 14.08 7.24 6.79
N LEU A 44 13.70 6.42 5.79
CA LEU A 44 14.00 5.00 5.74
C LEU A 44 15.05 4.67 4.70
N THR A 45 15.64 3.46 4.78
CA THR A 45 16.64 2.99 3.84
C THR A 45 15.99 2.27 2.67
N ASP A 46 16.80 2.09 1.61
CA ASP A 46 16.57 1.27 0.43
C ASP A 46 15.91 -0.08 0.71
N GLU A 47 16.58 -0.90 1.54
CA GLU A 47 16.14 -2.20 2.01
C GLU A 47 14.73 -2.24 2.58
N GLU A 48 14.28 -1.18 3.29
CA GLU A 48 12.92 -1.13 3.83
C GLU A 48 11.87 -1.07 2.72
N LEU A 49 12.13 -0.30 1.64
CA LEU A 49 11.30 -0.30 0.45
C LEU A 49 11.36 -1.66 -0.25
N GLN A 50 12.57 -2.24 -0.35
CA GLN A 50 12.87 -3.50 -1.01
C GLN A 50 12.16 -4.66 -0.35
N GLU A 51 12.24 -4.76 1.00
CA GLU A 51 11.58 -5.73 1.86
C GLU A 51 10.10 -5.81 1.55
N MET A 52 9.37 -4.67 1.56
CA MET A 52 7.95 -4.64 1.25
C MET A 52 7.61 -5.19 -0.13
N ILE A 53 8.44 -4.95 -1.17
CA ILE A 53 8.23 -5.52 -2.48
C ILE A 53 8.41 -7.03 -2.47
N ASP A 54 9.55 -7.51 -1.93
CA ASP A 54 9.93 -8.92 -1.96
C ASP A 54 9.01 -9.76 -1.08
N GLU A 55 8.58 -9.20 0.07
CA GLU A 55 7.56 -9.74 0.96
C GLU A 55 6.25 -10.01 0.24
N ALA A 56 5.69 -8.97 -0.40
CA ALA A 56 4.32 -9.00 -0.86
C ALA A 56 4.06 -9.83 -2.10
N ASP A 57 4.81 -9.63 -3.21
CA ASP A 57 4.33 -10.04 -4.54
C ASP A 57 4.51 -11.54 -4.85
N ARG A 58 3.88 -12.40 -4.03
CA ARG A 58 4.14 -13.82 -3.95
C ARG A 58 3.74 -14.59 -5.20
N ASP A 59 2.52 -14.40 -5.73
CA ASP A 59 2.07 -15.11 -6.91
C ASP A 59 1.86 -14.10 -8.03
N GLY A 60 2.59 -12.94 -8.00
CA GLY A 60 2.30 -11.84 -8.89
C GLY A 60 3.17 -11.77 -10.12
N ASP A 61 4.08 -10.80 -10.13
CA ASP A 61 4.80 -10.36 -11.30
C ASP A 61 6.25 -10.08 -10.94
N GLY A 62 6.52 -9.45 -9.78
CA GLY A 62 7.87 -8.97 -9.47
C GLY A 62 7.79 -7.68 -8.72
N GLU A 63 6.74 -6.90 -9.03
CA GLU A 63 6.39 -5.70 -8.29
C GLU A 63 4.91 -5.78 -8.05
N VAL A 64 4.43 -5.11 -6.99
CA VAL A 64 3.35 -5.65 -6.18
C VAL A 64 2.00 -5.47 -6.82
N SER A 65 1.36 -6.59 -7.23
CA SER A 65 0.05 -6.53 -7.86
C SER A 65 -1.06 -6.40 -6.83
N GLU A 66 -2.29 -5.99 -7.25
CA GLU A 66 -3.34 -5.66 -6.30
C GLU A 66 -3.85 -6.83 -5.51
N GLN A 67 -3.75 -8.06 -6.08
CA GLN A 67 -4.10 -9.30 -5.41
C GLN A 67 -3.26 -9.49 -4.16
N GLU A 68 -1.95 -9.14 -4.23
CA GLU A 68 -0.98 -9.36 -3.18
C GLU A 68 -1.12 -8.28 -2.14
N PHE A 69 -1.30 -7.02 -2.61
CA PHE A 69 -1.59 -5.90 -1.73
C PHE A 69 -2.87 -6.12 -0.93
N LEU A 70 -3.98 -6.54 -1.58
CA LEU A 70 -5.19 -6.82 -0.84
C LEU A 70 -5.12 -8.11 -0.04
N ARG A 71 -4.32 -9.12 -0.45
CA ARG A 71 -4.03 -10.32 0.33
C ARG A 71 -3.39 -10.00 1.67
N ILE A 72 -2.28 -9.21 1.69
CA ILE A 72 -1.61 -8.85 2.93
C ILE A 72 -2.47 -7.98 3.81
N MET A 73 -3.33 -7.13 3.21
CA MET A 73 -4.31 -6.34 3.93
C MET A 73 -5.45 -7.18 4.46
N LYS A 74 -6.00 -8.13 3.66
CA LYS A 74 -7.10 -9.04 4.01
C LYS A 74 -6.83 -9.86 5.25
N LYS A 75 -5.54 -10.13 5.56
CA LYS A 75 -5.12 -10.69 6.83
C LYS A 75 -5.61 -9.90 8.05
N THR A 76 -5.89 -8.59 7.93
CA THR A 76 -6.77 -7.93 8.90
C THR A 76 -7.55 -6.85 8.21
N SER A 77 -8.42 -7.24 7.25
CA SER A 77 -9.48 -6.37 6.77
C SER A 77 -10.62 -6.46 7.76
N LEU A 78 -10.93 -7.71 8.16
CA LEU A 78 -11.74 -8.02 9.30
C LEU A 78 -11.22 -9.37 9.74
N TYR A 79 -10.47 -9.41 10.84
CA TYR A 79 -9.90 -10.59 11.42
C TYR A 79 -9.69 -10.16 12.89
N ARG B 1 3.66 17.86 -14.74
CA ARG B 1 5.11 17.58 -14.45
C ARG B 1 5.91 18.88 -14.30
N ALA B 2 6.71 19.12 -13.24
CA ALA B 2 7.03 18.30 -12.09
C ALA B 2 6.10 18.58 -10.91
N ASP B 3 4.95 19.23 -11.17
CA ASP B 3 3.88 19.51 -10.23
C ASP B 3 3.27 18.26 -9.60
N LEU B 4 2.75 18.42 -8.37
CA LEU B 4 2.12 17.36 -7.61
C LEU B 4 0.77 17.90 -7.19
N HIS B 5 -0.23 17.01 -7.01
CA HIS B 5 -1.61 17.41 -6.83
C HIS B 5 -2.17 16.85 -5.54
N HIS B 6 -2.80 15.67 -5.57
CA HIS B 6 -3.54 15.08 -4.46
C HIS B 6 -2.67 14.52 -3.34
N GLN B 7 -1.79 15.36 -2.76
CA GLN B 7 -0.90 15.00 -1.68
C GLN B 7 -1.60 15.01 -0.33
N HIS B 8 -0.88 14.58 0.73
CA HIS B 8 -1.31 14.66 2.11
C HIS B 8 -2.55 13.85 2.43
N SER B 9 -2.77 12.74 1.69
CA SER B 9 -3.97 11.94 1.76
C SER B 9 -3.86 10.85 2.81
N VAL B 10 -4.84 9.91 2.85
CA VAL B 10 -4.92 8.84 3.84
C VAL B 10 -3.96 7.69 3.52
N LEU B 11 -2.69 8.05 3.25
CA LEU B 11 -1.68 7.20 2.67
C LEU B 11 -0.79 6.56 3.73
N HIS B 12 -0.69 7.22 4.90
CA HIS B 12 0.02 6.76 6.07
C HIS B 12 -0.58 5.49 6.60
N ARG B 13 -1.93 5.41 6.63
CA ARG B 13 -2.73 4.21 6.81
C ARG B 13 -2.21 3.05 5.98
N ALA B 14 -2.20 3.21 4.65
CA ALA B 14 -1.84 2.21 3.69
C ALA B 14 -0.40 1.78 3.81
N LEU B 15 0.53 2.75 4.01
CA LEU B 15 1.92 2.44 4.25
C LEU B 15 2.13 1.71 5.56
N GLN B 16 1.57 2.23 6.68
CA GLN B 16 1.79 1.62 7.98
C GLN B 16 1.04 0.32 8.15
N ALA B 17 -0.16 0.14 7.56
CA ALA B 17 -0.88 -1.11 7.66
C ALA B 17 -0.23 -2.21 6.83
N TRP B 18 0.72 -1.84 5.96
CA TRP B 18 1.63 -2.77 5.32
C TRP B 18 2.85 -2.99 6.21
N VAL B 19 3.58 -1.91 6.58
CA VAL B 19 4.90 -2.06 7.19
C VAL B 19 4.92 -2.23 8.71
N THR B 20 3.96 -1.67 9.46
CA THR B 20 4.03 -1.56 10.91
C THR B 20 3.20 -2.67 11.58
N THR A 1 -14.12 14.50 -6.67
CA THR A 1 -13.14 14.25 -5.52
C THR A 1 -13.28 12.85 -4.97
N GLN A 2 -14.23 12.61 -4.05
CA GLN A 2 -14.55 11.29 -3.58
C GLN A 2 -15.63 10.69 -4.47
N LYS A 3 -15.66 9.36 -4.57
CA LYS A 3 -16.68 8.65 -5.30
C LYS A 3 -16.73 7.31 -4.61
N MET A 4 -17.93 6.73 -4.46
CA MET A 4 -18.11 5.43 -3.86
C MET A 4 -18.77 4.56 -4.91
N SER A 5 -18.50 3.25 -4.89
CA SER A 5 -19.00 2.31 -5.87
C SER A 5 -19.87 1.30 -5.17
N GLU A 6 -19.32 0.69 -4.11
CA GLU A 6 -19.98 -0.29 -3.29
C GLU A 6 -19.92 0.13 -1.83
N LYS A 7 -18.77 0.64 -1.33
CA LYS A 7 -18.63 1.10 0.05
C LYS A 7 -17.53 2.16 0.04
N ASP A 8 -16.60 2.11 1.02
CA ASP A 8 -15.30 2.74 0.92
C ASP A 8 -14.31 1.59 1.04
N THR A 9 -14.13 0.99 2.24
CA THR A 9 -13.22 -0.10 2.61
C THR A 9 -12.56 -0.94 1.51
N LYS A 10 -13.34 -1.73 0.75
CA LYS A 10 -12.86 -2.57 -0.34
C LYS A 10 -12.25 -1.78 -1.48
N GLU A 11 -12.94 -0.71 -1.92
CA GLU A 11 -12.45 0.17 -2.97
C GLU A 11 -11.44 1.15 -2.43
N GLU A 12 -11.36 1.31 -1.09
CA GLU A 12 -10.26 1.95 -0.40
C GLU A 12 -8.95 1.20 -0.55
N ILE A 13 -8.97 -0.15 -0.65
CA ILE A 13 -7.78 -0.90 -1.01
C ILE A 13 -7.33 -0.54 -2.43
N LEU A 14 -8.28 -0.39 -3.37
CA LEU A 14 -8.01 0.15 -4.71
C LEU A 14 -7.53 1.60 -4.69
N LYS A 15 -8.18 2.49 -3.90
CA LYS A 15 -7.76 3.85 -3.58
C LYS A 15 -6.32 3.90 -3.10
N ALA A 16 -5.98 3.10 -2.08
CA ALA A 16 -4.64 2.95 -1.55
C ALA A 16 -3.65 2.43 -2.59
N PHE A 17 -4.06 1.43 -3.39
CA PHE A 17 -3.30 0.93 -4.52
C PHE A 17 -2.97 2.02 -5.52
N LYS A 18 -3.92 2.92 -5.88
CA LYS A 18 -3.62 4.04 -6.76
C LYS A 18 -2.89 5.19 -6.08
N LEU A 19 -3.06 5.39 -4.75
CA LEU A 19 -2.25 6.33 -3.97
C LEU A 19 -0.79 5.90 -3.95
N PHE A 20 -0.53 4.58 -3.92
CA PHE A 20 0.73 4.01 -4.34
C PHE A 20 1.02 4.20 -5.83
N ASP A 21 0.18 3.65 -6.75
CA ASP A 21 0.40 3.63 -8.19
C ASP A 21 0.24 4.99 -8.88
N ASP A 22 1.20 5.87 -8.57
CA ASP A 22 1.46 7.19 -9.13
C ASP A 22 2.02 7.05 -10.53
N ASP A 23 2.79 5.96 -10.77
CA ASP A 23 3.42 5.60 -12.02
C ASP A 23 2.39 5.09 -13.04
N GLU A 24 1.19 4.70 -12.54
CA GLU A 24 0.08 4.12 -13.27
C GLU A 24 0.43 2.84 -14.00
N THR A 25 1.23 1.96 -13.36
CA THR A 25 1.76 0.78 -14.04
C THR A 25 0.93 -0.45 -13.75
N GLY A 26 0.00 -0.43 -12.78
CA GLY A 26 -0.84 -1.59 -12.47
C GLY A 26 -0.11 -2.54 -11.59
N LYS A 27 0.85 -2.00 -10.83
CA LYS A 27 1.67 -2.71 -9.87
C LYS A 27 2.05 -1.68 -8.86
N ILE A 28 2.22 -2.07 -7.59
CA ILE A 28 2.96 -1.26 -6.67
C ILE A 28 4.43 -1.59 -6.88
N SER A 29 5.03 -0.80 -7.79
CA SER A 29 6.44 -0.75 -8.07
C SER A 29 7.23 -0.27 -6.89
N PHE A 30 8.54 -0.57 -6.88
CA PHE A 30 9.53 -0.02 -6.00
C PHE A 30 9.56 1.51 -6.09
N LYS A 31 9.33 2.04 -7.32
CA LYS A 31 9.15 3.45 -7.58
C LYS A 31 7.94 4.02 -6.83
N ASN A 32 6.76 3.37 -6.97
CA ASN A 32 5.50 3.73 -6.34
C ASN A 32 5.61 3.64 -4.82
N LEU A 33 6.25 2.57 -4.32
CA LEU A 33 6.58 2.37 -2.93
C LEU A 33 7.42 3.52 -2.36
N LYS A 34 8.56 3.85 -3.01
CA LYS A 34 9.44 4.90 -2.56
C LYS A 34 8.88 6.31 -2.75
N ARG A 35 7.98 6.52 -3.74
CA ARG A 35 7.16 7.72 -3.89
C ARG A 35 6.31 7.98 -2.66
N VAL A 36 5.56 6.97 -2.17
CA VAL A 36 4.78 7.06 -0.95
C VAL A 36 5.64 7.38 0.26
N ALA A 37 6.79 6.70 0.40
CA ALA A 37 7.76 6.94 1.46
C ALA A 37 8.23 8.38 1.59
N LYS A 38 8.37 9.11 0.45
CA LYS A 38 8.58 10.56 0.46
C LYS A 38 7.42 11.28 1.12
N GLU A 39 6.19 11.05 0.62
CA GLU A 39 5.05 11.89 0.93
C GLU A 39 4.45 11.57 2.29
N LEU A 40 4.89 10.45 2.91
CA LEU A 40 4.77 10.21 4.33
C LEU A 40 5.61 11.18 5.15
N GLY A 41 6.78 11.59 4.63
CA GLY A 41 7.79 12.32 5.36
C GLY A 41 8.66 11.40 6.16
N GLU A 42 9.00 10.22 5.59
CA GLU A 42 9.68 9.18 6.31
C GLU A 42 11.20 9.28 6.22
N ASN A 43 11.86 8.28 6.84
CA ASN A 43 13.25 8.21 7.21
C ASN A 43 13.87 6.99 6.57
N LEU A 44 13.12 5.87 6.52
CA LEU A 44 13.60 4.59 6.02
C LEU A 44 14.14 4.56 4.59
N THR A 45 15.13 3.67 4.37
CA THR A 45 15.97 3.64 3.20
C THR A 45 15.55 2.55 2.22
N ASP A 46 16.33 2.37 1.13
CA ASP A 46 15.95 1.59 -0.03
C ASP A 46 15.80 0.12 0.23
N GLU A 47 16.57 -0.47 1.17
CA GLU A 47 16.45 -1.88 1.52
C GLU A 47 15.15 -2.14 2.25
N GLU A 48 14.75 -1.28 3.22
CA GLU A 48 13.47 -1.35 3.91
C GLU A 48 12.30 -1.30 2.94
N LEU A 49 12.37 -0.36 1.98
CA LEU A 49 11.43 -0.23 0.88
C LEU A 49 11.38 -1.46 -0.02
N GLN A 50 12.54 -2.11 -0.28
CA GLN A 50 12.66 -3.36 -1.01
C GLN A 50 11.96 -4.49 -0.29
N GLU A 51 12.19 -4.65 1.03
CA GLU A 51 11.65 -5.75 1.81
C GLU A 51 10.12 -5.72 1.88
N MET A 52 9.50 -4.52 1.84
CA MET A 52 8.07 -4.37 1.63
C MET A 52 7.57 -5.04 0.35
N ILE A 53 8.28 -4.83 -0.79
CA ILE A 53 7.99 -5.48 -2.07
C ILE A 53 8.05 -6.99 -1.95
N ASP A 54 9.13 -7.53 -1.35
CA ASP A 54 9.30 -8.95 -1.07
C ASP A 54 8.12 -9.50 -0.25
N GLU A 55 7.81 -8.88 0.90
CA GLU A 55 6.81 -9.43 1.80
C GLU A 55 5.40 -9.33 1.28
N ALA A 56 5.13 -8.39 0.36
CA ALA A 56 3.89 -8.40 -0.39
C ALA A 56 3.92 -9.42 -1.52
N ASP A 57 4.88 -9.33 -2.47
CA ASP A 57 4.96 -10.23 -3.60
C ASP A 57 5.79 -11.45 -3.24
N ARG A 58 5.19 -12.36 -2.44
CA ARG A 58 5.85 -13.56 -1.97
C ARG A 58 6.21 -14.52 -3.08
N ASP A 59 5.36 -14.57 -4.13
CA ASP A 59 5.50 -15.47 -5.25
C ASP A 59 6.56 -14.97 -6.20
N GLY A 60 6.61 -13.64 -6.47
CA GLY A 60 7.66 -13.09 -7.32
C GLY A 60 7.20 -12.87 -8.73
N ASP A 61 6.36 -11.84 -8.93
CA ASP A 61 6.11 -11.24 -10.23
C ASP A 61 7.21 -10.21 -10.43
N GLY A 62 7.51 -9.44 -9.36
CA GLY A 62 8.66 -8.56 -9.31
C GLY A 62 8.25 -7.28 -8.65
N GLU A 63 7.04 -6.83 -9.00
CA GLU A 63 6.41 -5.68 -8.42
C GLU A 63 5.04 -6.11 -7.97
N VAL A 64 4.44 -5.35 -7.03
CA VAL A 64 3.37 -5.89 -6.22
C VAL A 64 2.02 -5.70 -6.89
N SER A 65 1.35 -6.81 -7.31
CA SER A 65 0.06 -6.71 -7.98
C SER A 65 -1.08 -6.47 -7.01
N GLU A 66 -2.31 -6.28 -7.52
CA GLU A 66 -3.50 -5.94 -6.75
C GLU A 66 -3.85 -7.03 -5.76
N GLN A 67 -4.01 -8.28 -6.22
CA GLN A 67 -4.03 -9.49 -5.42
C GLN A 67 -2.94 -9.56 -4.33
N GLU A 68 -1.67 -9.23 -4.63
CA GLU A 68 -0.58 -9.25 -3.65
C GLU A 68 -0.74 -8.15 -2.63
N PHE A 69 -1.17 -6.95 -3.06
CA PHE A 69 -1.52 -5.85 -2.18
C PHE A 69 -2.70 -6.23 -1.27
N LEU A 70 -3.77 -6.81 -1.84
CA LEU A 70 -4.89 -7.38 -1.10
C LEU A 70 -4.44 -8.43 -0.09
N ARG A 71 -3.58 -9.40 -0.50
CA ARG A 71 -2.98 -10.39 0.38
C ARG A 71 -2.21 -9.79 1.55
N ILE A 72 -1.27 -8.86 1.31
CA ILE A 72 -0.47 -8.25 2.37
C ILE A 72 -1.32 -7.41 3.31
N MET A 73 -2.31 -6.66 2.78
CA MET A 73 -3.24 -5.88 3.58
C MET A 73 -4.17 -6.77 4.39
N LYS A 74 -4.64 -7.90 3.81
CA LYS A 74 -5.52 -8.87 4.45
C LYS A 74 -4.96 -9.49 5.72
N LYS A 75 -3.62 -9.57 5.88
CA LYS A 75 -2.99 -9.90 7.16
C LYS A 75 -3.44 -8.98 8.28
N THR A 76 -3.44 -7.67 8.02
CA THR A 76 -3.64 -6.64 9.01
C THR A 76 -5.11 -6.28 9.06
N SER A 77 -5.96 -7.28 9.34
CA SER A 77 -7.39 -7.09 9.45
C SER A 77 -7.78 -6.56 10.81
N LEU A 78 -7.01 -6.94 11.84
CA LEU A 78 -7.25 -6.60 13.23
C LEU A 78 -6.30 -5.54 13.74
N TYR A 79 -5.08 -5.49 13.17
CA TYR A 79 -3.95 -4.71 13.62
C TYR A 79 -3.33 -5.28 14.92
N ARG B 1 -5.51 15.10 22.65
CA ARG B 1 -4.15 14.43 22.55
C ARG B 1 -3.23 15.53 22.12
N ALA B 2 -1.95 15.30 21.83
CA ALA B 2 -1.06 16.29 21.28
C ALA B 2 -0.16 15.50 20.36
N ASP B 3 0.83 16.15 19.72
CA ASP B 3 1.81 15.48 18.91
C ASP B 3 3.11 16.22 19.16
N LEU B 4 4.17 15.83 18.44
CA LEU B 4 5.51 16.36 18.51
C LEU B 4 6.14 16.06 17.17
N HIS B 5 6.34 14.75 16.87
CA HIS B 5 6.72 14.30 15.54
C HIS B 5 6.30 12.85 15.42
N HIS B 6 5.02 12.54 15.69
CA HIS B 6 4.49 11.19 15.71
C HIS B 6 3.63 10.91 14.50
N GLN B 7 2.47 11.59 14.34
CA GLN B 7 1.53 11.25 13.29
C GLN B 7 1.90 11.89 11.96
N HIS B 8 2.06 11.07 10.90
CA HIS B 8 2.49 11.49 9.59
C HIS B 8 1.34 12.02 8.74
N SER B 9 1.50 12.00 7.39
CA SER B 9 0.40 12.25 6.47
C SER B 9 -0.50 11.02 6.41
N VAL B 10 -1.81 11.21 6.09
CA VAL B 10 -2.86 10.20 6.24
C VAL B 10 -2.80 9.05 5.25
N LEU B 11 -1.71 9.00 4.45
CA LEU B 11 -1.32 7.92 3.59
C LEU B 11 -0.59 6.84 4.38
N HIS B 12 -0.16 7.15 5.62
CA HIS B 12 0.50 6.25 6.55
C HIS B 12 -0.28 4.97 6.77
N ARG B 13 -1.62 5.09 6.83
CA ARG B 13 -2.62 4.04 6.77
C ARG B 13 -2.29 2.90 5.83
N ALA B 14 -1.93 3.23 4.57
CA ALA B 14 -1.68 2.25 3.53
C ALA B 14 -0.33 1.60 3.70
N LEU B 15 0.73 2.41 3.97
CA LEU B 15 2.06 1.87 4.10
C LEU B 15 2.30 1.16 5.42
N GLN B 16 1.71 1.67 6.52
CA GLN B 16 1.87 1.03 7.80
C GLN B 16 1.08 -0.26 7.86
N ALA B 17 -0.17 -0.31 7.35
CA ALA B 17 -0.97 -1.52 7.43
C ALA B 17 -0.41 -2.67 6.61
N TRP B 18 0.46 -2.34 5.63
CA TRP B 18 1.31 -3.27 4.93
C TRP B 18 2.40 -3.83 5.84
N VAL B 19 3.26 -2.96 6.44
CA VAL B 19 4.50 -3.43 7.04
C VAL B 19 4.73 -3.07 8.50
N THR B 20 4.05 -2.05 9.08
CA THR B 20 4.40 -1.54 10.39
C THR B 20 3.22 -0.78 11.08
N THR A 1 -21.50 -19.59 2.54
CA THR A 1 -20.46 -18.56 2.95
C THR A 1 -21.02 -17.44 3.79
N GLN A 2 -21.19 -17.66 5.11
CA GLN A 2 -21.82 -16.68 5.98
C GLN A 2 -20.82 -15.63 6.43
N LYS A 3 -20.54 -14.64 5.56
CA LYS A 3 -19.78 -13.48 5.90
C LYS A 3 -20.08 -12.39 4.90
N MET A 4 -19.37 -12.38 3.74
CA MET A 4 -19.48 -11.34 2.72
C MET A 4 -19.19 -9.97 3.30
N SER A 5 -20.14 -9.01 3.20
CA SER A 5 -20.16 -7.75 3.97
C SER A 5 -19.13 -6.72 3.58
N GLU A 6 -18.40 -6.92 2.46
CA GLU A 6 -17.36 -6.02 2.01
C GLU A 6 -17.93 -4.75 1.39
N LYS A 7 -17.30 -3.60 1.70
CA LYS A 7 -17.74 -2.29 1.29
C LYS A 7 -16.63 -1.32 1.67
N ASP A 8 -16.95 -0.01 1.82
CA ASP A 8 -16.14 1.18 2.07
C ASP A 8 -14.63 1.05 1.95
N THR A 9 -13.93 0.53 2.98
CA THR A 9 -12.48 0.51 2.99
C THR A 9 -11.88 -0.40 1.90
N LYS A 10 -12.68 -1.30 1.27
CA LYS A 10 -12.24 -2.00 0.07
C LYS A 10 -12.04 -1.06 -1.12
N GLU A 11 -12.89 0.00 -1.26
CA GLU A 11 -12.67 1.02 -2.27
C GLU A 11 -11.47 1.86 -1.90
N GLU A 12 -11.24 2.11 -0.59
CA GLU A 12 -10.01 2.71 -0.09
C GLU A 12 -8.78 1.91 -0.46
N ILE A 13 -8.78 0.56 -0.29
CA ILE A 13 -7.68 -0.29 -0.72
C ILE A 13 -7.45 -0.20 -2.22
N LEU A 14 -8.51 -0.26 -3.05
CA LEU A 14 -8.44 -0.06 -4.49
C LEU A 14 -7.87 1.32 -4.85
N LYS A 15 -8.36 2.37 -4.18
CA LYS A 15 -7.86 3.73 -4.29
C LYS A 15 -6.42 3.85 -3.86
N ALA A 16 -6.04 3.27 -2.70
CA ALA A 16 -4.69 3.19 -2.15
C ALA A 16 -3.71 2.58 -3.11
N PHE A 17 -4.10 1.48 -3.80
CA PHE A 17 -3.34 0.88 -4.88
C PHE A 17 -3.01 1.88 -5.99
N LYS A 18 -4.00 2.68 -6.43
CA LYS A 18 -3.79 3.75 -7.38
C LYS A 18 -3.04 4.94 -6.82
N LEU A 19 -3.21 5.29 -5.52
CA LEU A 19 -2.41 6.30 -4.85
C LEU A 19 -0.95 5.90 -4.72
N PHE A 20 -0.66 4.60 -4.50
CA PHE A 20 0.68 4.06 -4.69
C PHE A 20 1.13 4.11 -6.13
N ASP A 21 0.40 3.47 -7.08
CA ASP A 21 0.79 3.39 -8.47
C ASP A 21 0.67 4.73 -9.20
N ASP A 22 1.73 5.55 -8.99
CA ASP A 22 2.10 6.81 -9.59
C ASP A 22 1.99 6.80 -11.11
N ASP A 23 2.42 5.68 -11.74
CA ASP A 23 2.50 5.52 -13.17
C ASP A 23 1.17 5.09 -13.74
N GLU A 24 0.45 4.22 -13.00
CA GLU A 24 -0.76 3.54 -13.38
C GLU A 24 -0.45 2.42 -14.36
N THR A 25 0.58 1.63 -14.00
CA THR A 25 1.02 0.47 -14.77
C THR A 25 0.27 -0.77 -14.34
N GLY A 26 -0.39 -0.73 -13.16
CA GLY A 26 -1.16 -1.83 -12.61
C GLY A 26 -0.35 -2.59 -11.62
N LYS A 27 0.67 -1.95 -11.02
CA LYS A 27 1.54 -2.58 -10.05
C LYS A 27 2.09 -1.54 -9.11
N ILE A 28 2.24 -1.89 -7.82
CA ILE A 28 3.01 -1.08 -6.91
C ILE A 28 4.47 -1.47 -7.06
N SER A 29 5.16 -0.79 -7.99
CA SER A 29 6.58 -0.91 -8.19
C SER A 29 7.37 -0.34 -7.03
N PHE A 30 8.69 -0.63 -7.00
CA PHE A 30 9.63 -0.20 -5.97
C PHE A 30 9.70 1.32 -5.91
N LYS A 31 9.72 1.98 -7.09
CA LYS A 31 9.59 3.42 -7.21
C LYS A 31 8.32 3.93 -6.56
N ASN A 32 7.19 3.26 -6.80
CA ASN A 32 5.85 3.73 -6.45
C ASN A 32 5.62 3.55 -4.97
N LEU A 33 6.20 2.47 -4.40
CA LEU A 33 6.39 2.26 -2.98
C LEU A 33 7.18 3.40 -2.33
N LYS A 34 8.42 3.66 -2.81
CA LYS A 34 9.29 4.67 -2.22
C LYS A 34 8.86 6.11 -2.47
N ARG A 35 8.06 6.35 -3.53
CA ARG A 35 7.32 7.57 -3.80
C ARG A 35 6.40 7.89 -2.64
N VAL A 36 5.47 6.97 -2.29
CA VAL A 36 4.48 7.13 -1.22
C VAL A 36 5.11 7.44 0.11
N ALA A 37 6.24 6.78 0.42
CA ALA A 37 7.08 7.09 1.56
C ALA A 37 7.44 8.57 1.65
N LYS A 38 7.92 9.16 0.53
CA LYS A 38 8.21 10.59 0.46
C LYS A 38 6.97 11.47 0.40
N GLU A 39 5.88 11.04 -0.29
CA GLU A 39 4.61 11.78 -0.31
C GLU A 39 4.00 11.92 1.07
N LEU A 40 4.04 10.84 1.87
CA LEU A 40 3.58 10.87 3.25
C LEU A 40 4.56 11.59 4.16
N GLY A 41 5.88 11.32 4.02
CA GLY A 41 6.90 11.90 4.88
C GLY A 41 7.60 10.85 5.71
N GLU A 42 7.14 9.60 5.56
CA GLU A 42 7.70 8.42 6.19
C GLU A 42 9.03 8.08 5.54
N ASN A 43 10.15 8.50 6.15
CA ASN A 43 11.45 8.36 5.54
C ASN A 43 12.10 7.05 5.95
N LEU A 44 11.61 5.93 5.35
CA LEU A 44 12.21 4.62 5.50
C LEU A 44 13.39 4.45 4.55
N THR A 45 14.27 3.48 4.85
CA THR A 45 15.45 3.16 4.05
C THR A 45 15.05 2.23 2.92
N ASP A 46 15.89 2.09 1.87
CA ASP A 46 15.57 1.38 0.65
C ASP A 46 15.43 -0.11 0.89
N GLU A 47 16.23 -0.65 1.83
CA GLU A 47 16.12 -1.95 2.45
C GLU A 47 14.71 -2.25 2.97
N GLU A 48 14.15 -1.35 3.80
CA GLU A 48 12.83 -1.47 4.41
C GLU A 48 11.73 -1.41 3.36
N LEU A 49 11.90 -0.47 2.40
CA LEU A 49 11.04 -0.35 1.23
C LEU A 49 11.06 -1.62 0.38
N GLN A 50 12.25 -2.25 0.20
CA GLN A 50 12.40 -3.54 -0.46
C GLN A 50 11.77 -4.66 0.36
N GLU A 51 11.94 -4.68 1.70
CA GLU A 51 11.27 -5.63 2.59
C GLU A 51 9.76 -5.58 2.48
N MET A 52 9.15 -4.38 2.36
CA MET A 52 7.74 -4.25 1.98
C MET A 52 7.40 -4.93 0.66
N ILE A 53 8.19 -4.68 -0.41
CA ILE A 53 8.05 -5.42 -1.67
C ILE A 53 8.16 -6.92 -1.46
N ASP A 54 9.18 -7.40 -0.71
CA ASP A 54 9.41 -8.80 -0.39
C ASP A 54 8.25 -9.46 0.36
N GLU A 55 7.67 -8.77 1.38
CA GLU A 55 6.46 -9.17 2.09
C GLU A 55 5.29 -9.43 1.15
N ALA A 56 5.08 -8.57 0.14
CA ALA A 56 3.98 -8.72 -0.79
C ALA A 56 4.30 -9.61 -2.00
N ASP A 57 5.41 -9.35 -2.71
CA ASP A 57 5.79 -10.03 -3.92
C ASP A 57 6.48 -11.35 -3.58
N ARG A 58 5.67 -12.30 -3.09
CA ARG A 58 6.12 -13.58 -2.60
C ARG A 58 6.40 -14.56 -3.73
N ASP A 59 6.03 -14.17 -4.97
CA ASP A 59 6.36 -14.91 -6.17
C ASP A 59 7.74 -14.48 -6.67
N GLY A 60 8.05 -13.16 -6.69
CA GLY A 60 9.39 -12.69 -7.03
C GLY A 60 9.47 -12.01 -8.37
N ASP A 61 8.53 -11.08 -8.63
CA ASP A 61 8.57 -10.19 -9.78
C ASP A 61 9.37 -8.96 -9.39
N GLY A 62 8.98 -8.29 -8.28
CA GLY A 62 9.67 -7.16 -7.69
C GLY A 62 8.78 -5.94 -7.67
N GLU A 63 7.48 -6.14 -7.96
CA GLU A 63 6.54 -5.09 -8.20
C GLU A 63 5.17 -5.65 -7.88
N VAL A 64 4.43 -4.98 -7.00
CA VAL A 64 3.39 -5.64 -6.25
C VAL A 64 2.03 -5.51 -6.91
N SER A 65 1.36 -6.65 -7.12
CA SER A 65 0.09 -6.75 -7.82
C SER A 65 -1.08 -6.20 -7.00
N GLU A 66 -2.28 -6.12 -7.60
CA GLU A 66 -3.51 -5.67 -6.95
C GLU A 66 -3.91 -6.67 -5.90
N GLN A 67 -3.87 -7.95 -6.27
CA GLN A 67 -4.21 -9.04 -5.40
C GLN A 67 -3.15 -9.31 -4.35
N GLU A 68 -1.84 -9.09 -4.62
CA GLU A 68 -0.80 -9.21 -3.62
C GLU A 68 -0.90 -8.10 -2.60
N PHE A 69 -1.27 -6.88 -3.05
CA PHE A 69 -1.62 -5.78 -2.17
C PHE A 69 -2.82 -6.13 -1.30
N LEU A 70 -3.93 -6.62 -1.89
CA LEU A 70 -5.07 -7.15 -1.14
C LEU A 70 -4.71 -8.29 -0.19
N ARG A 71 -3.85 -9.25 -0.61
CA ARG A 71 -3.28 -10.28 0.24
C ARG A 71 -2.57 -9.69 1.46
N ILE A 72 -1.61 -8.75 1.29
CA ILE A 72 -0.93 -8.15 2.44
C ILE A 72 -1.83 -7.27 3.30
N MET A 73 -2.78 -6.52 2.69
CA MET A 73 -3.73 -5.71 3.43
C MET A 73 -4.71 -6.56 4.21
N LYS A 74 -5.10 -7.74 3.70
CA LYS A 74 -5.88 -8.71 4.45
C LYS A 74 -5.05 -9.41 5.51
N LYS A 75 -3.79 -9.78 5.19
CA LYS A 75 -2.85 -10.39 6.11
C LYS A 75 -2.52 -9.52 7.31
N THR A 76 -2.09 -8.25 7.14
CA THR A 76 -1.77 -7.41 8.31
C THR A 76 -3.04 -6.84 8.92
N SER A 77 -3.79 -7.68 9.65
CA SER A 77 -4.87 -7.23 10.51
C SER A 77 -4.33 -7.00 11.91
N LEU A 78 -3.17 -6.29 11.99
CA LEU A 78 -2.29 -6.20 13.15
C LEU A 78 -1.74 -7.58 13.46
N TYR A 79 -0.99 -8.16 12.50
CA TYR A 79 -0.71 -9.56 12.43
C TYR A 79 0.46 -9.73 11.43
N ARG B 1 0.77 14.31 -7.95
CA ARG B 1 0.87 14.43 -9.45
C ARG B 1 0.14 15.68 -9.91
N ALA B 2 -0.57 15.65 -11.07
CA ALA B 2 -1.49 16.71 -11.43
C ALA B 2 -2.83 16.46 -10.73
N ASP B 3 -2.84 16.66 -9.39
CA ASP B 3 -3.90 16.20 -8.51
C ASP B 3 -5.03 17.20 -8.35
N LEU B 4 -4.82 18.50 -8.03
CA LEU B 4 -3.58 19.19 -7.70
C LEU B 4 -3.84 19.95 -6.41
N HIS B 5 -2.96 19.93 -5.39
CA HIS B 5 -1.84 19.05 -5.10
C HIS B 5 -2.16 18.42 -3.76
N HIS B 6 -2.20 17.08 -3.66
CA HIS B 6 -2.80 16.43 -2.51
C HIS B 6 -1.83 15.49 -1.84
N GLN B 7 -1.44 15.77 -0.57
CA GLN B 7 -0.79 14.77 0.24
C GLN B 7 -1.85 13.91 0.90
N HIS B 8 -2.09 12.70 0.36
CA HIS B 8 -3.13 11.81 0.80
C HIS B 8 -2.79 11.10 2.10
N SER B 9 -2.76 11.87 3.22
CA SER B 9 -2.43 11.49 4.59
C SER B 9 -2.92 10.11 5.00
N VAL B 10 -4.24 9.85 4.87
CA VAL B 10 -4.91 8.63 5.30
C VAL B 10 -4.50 7.36 4.57
N LEU B 11 -3.57 7.46 3.59
CA LEU B 11 -2.87 6.33 2.99
C LEU B 11 -1.84 5.75 3.95
N HIS B 12 -1.40 6.51 4.97
CA HIS B 12 -0.43 6.11 6.00
C HIS B 12 -0.61 4.69 6.51
N ARG B 13 -1.84 4.33 6.91
CA ARG B 13 -2.34 3.00 7.18
C ARG B 13 -1.78 1.90 6.29
N ALA B 14 -1.88 2.09 4.96
CA ALA B 14 -1.51 1.13 3.96
C ALA B 14 -0.01 0.96 3.89
N LEU B 15 0.76 2.06 4.06
CA LEU B 15 2.20 1.96 4.14
C LEU B 15 2.63 1.36 5.46
N GLN B 16 2.07 1.87 6.57
CA GLN B 16 2.46 1.52 7.92
C GLN B 16 2.12 0.10 8.29
N ALA B 17 0.97 -0.45 7.85
CA ALA B 17 0.59 -1.83 8.12
C ALA B 17 1.22 -2.80 7.13
N TRP B 18 1.90 -2.27 6.11
CA TRP B 18 2.70 -3.08 5.22
C TRP B 18 4.08 -3.26 5.80
N VAL B 19 4.69 -2.19 6.36
CA VAL B 19 5.96 -2.33 7.05
C VAL B 19 5.83 -2.93 8.44
N THR B 20 4.77 -2.56 9.19
CA THR B 20 4.58 -2.98 10.58
C THR B 20 3.54 -4.12 10.64
N THR A 1 -27.93 -4.52 15.11
CA THR A 1 -26.67 -3.72 14.82
C THR A 1 -26.93 -2.67 13.78
N GLN A 2 -26.26 -1.49 13.87
CA GLN A 2 -26.32 -0.50 12.81
C GLN A 2 -25.32 -0.83 11.72
N LYS A 3 -25.40 -0.11 10.58
CA LYS A 3 -24.39 -0.17 9.55
C LYS A 3 -24.30 1.23 8.98
N MET A 4 -23.31 1.45 8.09
CA MET A 4 -23.14 2.70 7.37
C MET A 4 -22.33 2.40 6.14
N SER A 5 -21.16 1.74 6.31
CA SER A 5 -20.33 1.23 5.24
C SER A 5 -20.93 -0.04 4.69
N GLU A 6 -20.99 -0.18 3.35
CA GLU A 6 -21.62 -1.30 2.67
C GLU A 6 -20.73 -1.89 1.60
N LYS A 7 -19.93 -1.06 0.91
CA LYS A 7 -19.13 -1.49 -0.22
C LYS A 7 -18.04 -0.44 -0.31
N ASP A 8 -17.19 -0.36 0.74
CA ASP A 8 -16.47 0.87 1.02
C ASP A 8 -15.00 0.60 1.22
N THR A 9 -14.67 -0.38 2.08
CA THR A 9 -13.31 -0.73 2.48
C THR A 9 -12.51 -1.26 1.33
N LYS A 10 -13.09 -2.13 0.47
CA LYS A 10 -12.42 -2.58 -0.75
C LYS A 10 -12.07 -1.43 -1.69
N GLU A 11 -12.96 -0.41 -1.77
CA GLU A 11 -12.76 0.78 -2.56
C GLU A 11 -11.66 1.64 -1.98
N GLU A 12 -11.60 1.73 -0.63
CA GLU A 12 -10.47 2.30 0.10
C GLU A 12 -9.17 1.57 -0.25
N ILE A 13 -9.14 0.22 -0.23
CA ILE A 13 -7.96 -0.56 -0.61
C ILE A 13 -7.59 -0.35 -2.08
N LEU A 14 -8.57 -0.34 -3.01
CA LEU A 14 -8.33 -0.02 -4.41
C LEU A 14 -7.82 1.41 -4.60
N LYS A 15 -8.37 2.38 -3.85
CA LYS A 15 -7.88 3.74 -3.81
C LYS A 15 -6.48 3.83 -3.24
N ALA A 16 -6.17 3.11 -2.14
CA ALA A 16 -4.84 2.97 -1.58
C ALA A 16 -3.86 2.36 -2.57
N PHE A 17 -4.28 1.33 -3.33
CA PHE A 17 -3.54 0.77 -4.45
C PHE A 17 -3.22 1.82 -5.51
N LYS A 18 -4.19 2.68 -5.91
CA LYS A 18 -3.95 3.81 -6.79
C LYS A 18 -3.11 4.92 -6.18
N LEU A 19 -3.25 5.20 -4.87
CA LEU A 19 -2.39 6.13 -4.14
C LEU A 19 -0.95 5.66 -4.06
N PHE A 20 -0.70 4.32 -4.09
CA PHE A 20 0.58 3.79 -4.48
C PHE A 20 0.82 3.91 -5.98
N ASP A 21 0.10 3.16 -6.84
CA ASP A 21 0.35 3.08 -8.28
C ASP A 21 -0.19 4.32 -9.00
N ASP A 22 0.44 5.49 -8.78
CA ASP A 22 0.14 6.72 -9.50
C ASP A 22 0.98 6.83 -10.77
N ASP A 23 1.95 5.90 -10.96
CA ASP A 23 2.75 5.71 -12.14
C ASP A 23 1.98 4.87 -13.16
N GLU A 24 0.83 4.32 -12.73
CA GLU A 24 -0.15 3.60 -13.53
C GLU A 24 0.44 2.40 -14.24
N THR A 25 1.15 1.54 -13.50
CA THR A 25 1.71 0.32 -14.04
C THR A 25 0.87 -0.87 -13.62
N GLY A 26 -0.14 -0.68 -12.75
CA GLY A 26 -1.05 -1.73 -12.32
C GLY A 26 -0.47 -2.55 -11.21
N LYS A 27 0.60 -2.04 -10.59
CA LYS A 27 1.38 -2.75 -9.61
C LYS A 27 1.92 -1.73 -8.66
N ILE A 28 2.21 -2.13 -7.41
CA ILE A 28 2.93 -1.26 -6.52
C ILE A 28 4.40 -1.39 -6.84
N SER A 29 4.93 -0.35 -7.49
CA SER A 29 6.27 -0.30 -7.97
C SER A 29 7.22 0.14 -6.89
N PHE A 30 8.52 -0.22 -7.01
CA PHE A 30 9.56 0.20 -6.09
C PHE A 30 9.72 1.71 -6.17
N LYS A 31 9.60 2.22 -7.40
CA LYS A 31 9.56 3.61 -7.79
C LYS A 31 8.54 4.36 -6.97
N ASN A 32 7.26 3.89 -6.99
CA ASN A 32 6.21 4.56 -6.26
C ASN A 32 6.22 4.25 -4.78
N LEU A 33 6.73 3.08 -4.35
CA LEU A 33 7.03 2.80 -2.94
C LEU A 33 7.94 3.87 -2.34
N LYS A 34 9.05 4.20 -3.04
CA LYS A 34 9.97 5.26 -2.69
C LYS A 34 9.35 6.65 -2.75
N ARG A 35 8.49 6.91 -3.76
CA ARG A 35 7.69 8.11 -3.87
C ARG A 35 6.74 8.29 -2.70
N VAL A 36 5.92 7.28 -2.38
CA VAL A 36 5.00 7.22 -1.25
C VAL A 36 5.73 7.47 0.05
N ALA A 37 6.89 6.80 0.27
CA ALA A 37 7.78 7.05 1.39
C ALA A 37 8.15 8.51 1.59
N LYS A 38 8.64 9.20 0.54
CA LYS A 38 8.98 10.62 0.63
C LYS A 38 7.75 11.52 0.68
N GLU A 39 6.63 11.15 0.03
CA GLU A 39 5.39 11.91 0.03
C GLU A 39 4.67 11.86 1.37
N LEU A 40 4.74 10.73 2.12
CA LEU A 40 4.37 10.73 3.54
C LEU A 40 5.39 11.51 4.34
N GLY A 41 6.69 11.39 3.99
CA GLY A 41 7.77 12.11 4.62
C GLY A 41 8.47 11.24 5.61
N GLU A 42 8.63 9.95 5.27
CA GLU A 42 9.26 8.99 6.15
C GLU A 42 10.75 8.89 5.90
N ASN A 43 11.39 8.11 6.78
CA ASN A 43 12.81 7.92 6.87
C ASN A 43 13.17 6.71 6.02
N LEU A 44 12.85 5.50 6.52
CA LEU A 44 13.04 4.23 5.87
C LEU A 44 14.50 4.01 5.45
N THR A 45 14.76 3.46 4.24
CA THR A 45 16.07 3.26 3.66
C THR A 45 15.65 2.81 2.27
N ASP A 46 16.48 2.11 1.48
CA ASP A 46 16.01 1.51 0.23
C ASP A 46 15.62 0.07 0.52
N GLU A 47 16.40 -0.59 1.39
CA GLU A 47 16.23 -1.89 1.99
C GLU A 47 14.84 -2.09 2.55
N GLU A 48 14.37 -1.14 3.39
CA GLU A 48 13.02 -1.08 3.94
C GLU A 48 11.91 -1.14 2.89
N LEU A 49 12.07 -0.39 1.77
CA LEU A 49 11.15 -0.40 0.66
C LEU A 49 11.19 -1.75 -0.04
N GLN A 50 12.42 -2.26 -0.23
CA GLN A 50 12.71 -3.54 -0.86
C GLN A 50 12.15 -4.71 -0.07
N GLU A 51 12.22 -4.67 1.28
CA GLU A 51 11.59 -5.60 2.21
C GLU A 51 10.09 -5.69 1.98
N MET A 52 9.37 -4.55 1.89
CA MET A 52 7.96 -4.52 1.52
C MET A 52 7.68 -5.19 0.17
N ILE A 53 8.50 -4.92 -0.86
CA ILE A 53 8.41 -5.61 -2.14
C ILE A 53 8.65 -7.11 -2.01
N ASP A 54 9.77 -7.54 -1.37
CA ASP A 54 10.15 -8.93 -1.20
C ASP A 54 9.16 -9.72 -0.35
N GLU A 55 8.55 -9.08 0.68
CA GLU A 55 7.42 -9.62 1.42
C GLU A 55 6.25 -9.93 0.51
N ALA A 56 5.76 -8.91 -0.21
CA ALA A 56 4.49 -8.98 -0.89
C ALA A 56 4.54 -9.70 -2.21
N ASP A 57 5.66 -9.62 -2.98
CA ASP A 57 5.75 -10.24 -4.29
C ASP A 57 5.91 -11.76 -4.21
N ARG A 58 4.82 -12.43 -3.82
CA ARG A 58 4.70 -13.87 -3.77
C ARG A 58 4.21 -14.41 -5.10
N ASP A 59 3.85 -13.50 -6.03
CA ASP A 59 3.71 -13.79 -7.45
C ASP A 59 5.03 -14.27 -8.04
N GLY A 60 6.16 -13.61 -7.69
CA GLY A 60 7.49 -13.99 -8.16
C GLY A 60 7.86 -13.15 -9.34
N ASP A 61 7.50 -11.85 -9.27
CA ASP A 61 7.55 -10.91 -10.36
C ASP A 61 8.68 -9.93 -10.15
N GLY A 62 8.53 -8.99 -9.20
CA GLY A 62 9.45 -7.88 -9.09
C GLY A 62 8.72 -6.67 -8.60
N GLU A 63 7.51 -6.39 -9.16
CA GLU A 63 6.70 -5.29 -8.66
C GLU A 63 5.30 -5.74 -8.32
N VAL A 64 4.78 -5.20 -7.19
CA VAL A 64 3.85 -5.90 -6.31
C VAL A 64 2.43 -5.85 -6.81
N SER A 65 1.80 -7.04 -6.86
CA SER A 65 0.52 -7.26 -7.48
C SER A 65 -0.67 -6.76 -6.70
N GLU A 66 -1.78 -6.62 -7.43
CA GLU A 66 -3.10 -6.25 -6.99
C GLU A 66 -3.60 -7.26 -5.98
N GLN A 67 -3.52 -8.56 -6.36
CA GLN A 67 -3.88 -9.68 -5.53
C GLN A 67 -3.14 -9.70 -4.21
N GLU A 68 -1.80 -9.53 -4.19
CA GLU A 68 -1.07 -9.61 -2.95
C GLU A 68 -1.21 -8.36 -2.10
N PHE A 69 -1.44 -7.17 -2.70
CA PHE A 69 -1.83 -5.99 -1.96
C PHE A 69 -3.17 -6.19 -1.26
N LEU A 70 -4.19 -6.68 -2.00
CA LEU A 70 -5.50 -7.01 -1.43
C LEU A 70 -5.38 -8.09 -0.38
N ARG A 71 -4.51 -9.10 -0.61
CA ARG A 71 -4.16 -10.12 0.37
C ARG A 71 -3.59 -9.55 1.66
N ILE A 72 -2.52 -8.71 1.62
CA ILE A 72 -1.93 -8.14 2.83
C ILE A 72 -2.88 -7.23 3.59
N MET A 73 -3.74 -6.47 2.87
CA MET A 73 -4.71 -5.59 3.50
C MET A 73 -5.86 -6.37 4.10
N LYS A 74 -6.26 -7.51 3.48
CA LYS A 74 -7.21 -8.42 4.10
C LYS A 74 -6.60 -9.22 5.26
N LYS A 75 -5.33 -9.69 5.13
CA LYS A 75 -4.57 -10.34 6.19
C LYS A 75 -4.42 -9.45 7.42
N THR A 76 -3.65 -8.34 7.27
CA THR A 76 -3.25 -7.34 8.28
C THR A 76 -3.36 -7.76 9.73
N SER A 77 -4.53 -7.57 10.39
CA SER A 77 -4.82 -8.02 11.75
C SER A 77 -3.94 -7.43 12.84
N LEU A 78 -3.14 -6.40 12.53
CA LEU A 78 -2.21 -5.78 13.45
C LEU A 78 -2.72 -4.40 13.78
N TYR A 79 -2.73 -3.48 12.80
CA TYR A 79 -3.30 -2.17 12.88
C TYR A 79 -3.43 -1.67 11.43
N ARG B 1 -22.53 -10.66 1.65
CA ARG B 1 -21.28 -9.80 1.63
C ARG B 1 -21.55 -8.77 2.67
N ALA B 2 -20.61 -7.91 3.09
CA ALA B 2 -20.88 -6.88 4.07
C ALA B 2 -19.67 -5.98 4.07
N ASP B 3 -19.78 -4.86 4.79
CA ASP B 3 -18.70 -3.96 5.12
C ASP B 3 -19.23 -3.33 6.39
N LEU B 4 -18.37 -2.63 7.16
CA LEU B 4 -18.70 -2.10 8.47
C LEU B 4 -17.56 -1.28 9.05
N HIS B 5 -17.60 0.07 8.89
CA HIS B 5 -16.71 1.00 9.56
C HIS B 5 -15.26 0.92 9.11
N HIS B 6 -14.29 1.21 10.03
CA HIS B 6 -12.87 1.47 9.81
C HIS B 6 -12.48 1.99 8.45
N GLN B 7 -13.07 3.13 8.05
CA GLN B 7 -13.06 3.61 6.69
C GLN B 7 -12.12 4.79 6.61
N HIS B 8 -10.87 4.55 6.12
CA HIS B 8 -9.77 5.44 6.37
C HIS B 8 -9.14 5.90 5.07
N SER B 9 -9.62 7.04 4.51
CA SER B 9 -9.10 7.56 3.25
C SER B 9 -7.79 8.31 3.41
N VAL B 10 -6.74 7.60 3.87
CA VAL B 10 -5.40 8.12 4.06
C VAL B 10 -4.43 7.04 3.63
N LEU B 11 -3.16 7.41 3.35
CA LEU B 11 -2.20 6.50 2.75
C LEU B 11 -1.32 5.80 3.78
N HIS B 12 -1.09 6.43 4.96
CA HIS B 12 -0.27 5.87 6.01
C HIS B 12 -0.91 4.64 6.64
N ARG B 13 -2.26 4.55 6.60
CA ARG B 13 -3.08 3.36 6.77
C ARG B 13 -2.51 2.14 6.09
N ALA B 14 -2.27 2.23 4.77
CA ALA B 14 -1.71 1.16 4.00
C ALA B 14 -0.22 1.02 4.23
N LEU B 15 0.53 2.15 4.20
CA LEU B 15 1.98 2.12 4.35
C LEU B 15 2.44 1.58 5.69
N GLN B 16 1.85 2.06 6.81
CA GLN B 16 2.31 1.70 8.13
C GLN B 16 1.89 0.30 8.50
N ALA B 17 0.71 -0.16 8.05
CA ALA B 17 0.24 -1.50 8.30
C ALA B 17 1.03 -2.54 7.53
N TRP B 18 1.68 -2.12 6.42
CA TRP B 18 2.58 -2.93 5.66
C TRP B 18 3.94 -3.01 6.34
N VAL B 19 4.56 -1.87 6.68
CA VAL B 19 5.94 -1.86 7.17
C VAL B 19 6.09 -2.11 8.66
N THR B 20 5.16 -1.65 9.50
CA THR B 20 5.47 -1.41 10.92
C THR B 20 5.18 -2.63 11.80
N THR A 1 -5.88 11.95 1.89
CA THR A 1 -6.84 13.11 2.09
C THR A 1 -8.14 12.65 2.70
N GLN A 2 -9.11 12.23 1.87
CA GLN A 2 -10.43 11.81 2.31
C GLN A 2 -10.43 10.51 3.11
N LYS A 3 -11.28 10.42 4.15
CA LYS A 3 -11.56 9.17 4.82
C LYS A 3 -13.05 9.01 5.01
N MET A 4 -13.56 7.80 4.72
CA MET A 4 -14.89 7.37 5.06
C MET A 4 -14.67 5.87 5.13
N SER A 5 -15.56 5.10 5.80
CA SER A 5 -15.29 3.69 6.03
C SER A 5 -16.58 2.94 6.23
N GLU A 6 -17.52 3.09 5.29
CA GLU A 6 -18.82 2.46 5.31
C GLU A 6 -18.78 1.31 4.33
N LYS A 7 -18.78 1.59 3.01
CA LYS A 7 -18.64 0.58 1.98
C LYS A 7 -17.32 0.77 1.26
N ASP A 8 -16.62 1.86 1.62
CA ASP A 8 -15.43 2.41 1.04
C ASP A 8 -14.24 1.49 1.12
N THR A 9 -14.17 0.61 2.14
CA THR A 9 -13.03 -0.22 2.50
C THR A 9 -12.33 -0.94 1.36
N LYS A 10 -13.09 -1.63 0.48
CA LYS A 10 -12.55 -2.32 -0.68
C LYS A 10 -11.97 -1.35 -1.71
N GLU A 11 -12.70 -0.27 -2.05
CA GLU A 11 -12.26 0.69 -3.04
C GLU A 11 -11.14 1.55 -2.50
N GLU A 12 -11.16 1.88 -1.19
CA GLU A 12 -10.10 2.55 -0.45
C GLU A 12 -8.76 1.85 -0.55
N ILE A 13 -8.71 0.50 -0.47
CA ILE A 13 -7.48 -0.26 -0.67
C ILE A 13 -6.95 -0.09 -2.09
N LEU A 14 -7.82 -0.18 -3.11
CA LEU A 14 -7.43 -0.01 -4.51
C LEU A 14 -7.05 1.45 -4.82
N LYS A 15 -7.79 2.41 -4.24
CA LYS A 15 -7.48 3.83 -4.22
C LYS A 15 -6.13 4.11 -3.59
N ALA A 16 -5.84 3.54 -2.40
CA ALA A 16 -4.55 3.59 -1.76
C ALA A 16 -3.45 2.99 -2.62
N PHE A 17 -3.67 1.79 -3.20
CA PHE A 17 -2.80 1.18 -4.19
C PHE A 17 -2.47 2.10 -5.37
N LYS A 18 -3.50 2.73 -5.98
CA LYS A 18 -3.37 3.69 -7.06
C LYS A 18 -2.76 5.02 -6.63
N LEU A 19 -2.84 5.39 -5.33
CA LEU A 19 -2.14 6.52 -4.74
C LEU A 19 -0.68 6.22 -4.42
N PHE A 20 -0.29 4.93 -4.28
CA PHE A 20 1.13 4.56 -4.35
C PHE A 20 1.56 4.61 -5.81
N ASP A 21 0.91 3.83 -6.68
CA ASP A 21 1.29 3.71 -8.07
C ASP A 21 0.57 4.72 -8.95
N ASP A 22 1.18 5.90 -9.15
CA ASP A 22 0.76 6.84 -10.18
C ASP A 22 1.21 6.41 -11.57
N ASP A 23 2.33 5.66 -11.67
CA ASP A 23 3.08 5.46 -12.90
C ASP A 23 2.36 4.52 -13.84
N GLU A 24 1.97 3.33 -13.34
CA GLU A 24 1.26 2.34 -14.13
C GLU A 24 -0.19 2.38 -13.74
N THR A 25 -0.41 2.38 -12.40
CA THR A 25 -1.68 2.30 -11.73
C THR A 25 -2.14 0.85 -11.68
N GLY A 26 -1.15 -0.04 -11.46
CA GLY A 26 -1.28 -1.47 -11.61
C GLY A 26 -0.27 -2.27 -10.83
N LYS A 27 0.88 -1.68 -10.41
CA LYS A 27 1.88 -2.39 -9.65
C LYS A 27 2.53 -1.50 -8.62
N ILE A 28 2.65 -1.97 -7.36
CA ILE A 28 3.52 -1.32 -6.41
C ILE A 28 4.87 -1.98 -6.55
N SER A 29 5.76 -1.35 -7.33
CA SER A 29 7.16 -1.70 -7.40
C SER A 29 7.92 -0.71 -6.54
N PHE A 30 9.28 -0.74 -6.60
CA PHE A 30 10.16 0.09 -5.79
C PHE A 30 9.87 1.58 -5.95
N LYS A 31 9.89 2.07 -7.21
CA LYS A 31 9.63 3.43 -7.65
C LYS A 31 8.33 3.97 -7.12
N ASN A 32 7.27 3.16 -7.24
CA ASN A 32 5.89 3.42 -6.90
C ASN A 32 5.74 3.49 -5.39
N LEU A 33 6.33 2.51 -4.66
CA LEU A 33 6.34 2.51 -3.20
C LEU A 33 7.04 3.74 -2.64
N LYS A 34 8.22 4.11 -3.20
CA LYS A 34 8.91 5.32 -2.77
C LYS A 34 8.36 6.62 -3.34
N ARG A 35 7.17 6.61 -4.00
CA ARG A 35 6.38 7.82 -4.21
C ARG A 35 5.66 8.14 -2.92
N VAL A 36 4.83 7.19 -2.44
CA VAL A 36 3.96 7.40 -1.29
C VAL A 36 4.74 7.67 -0.02
N ALA A 37 5.92 7.02 0.11
CA ALA A 37 6.87 7.24 1.18
C ALA A 37 7.40 8.67 1.26
N LYS A 38 7.35 9.44 0.15
CA LYS A 38 7.62 10.87 0.18
C LYS A 38 6.42 11.66 0.68
N GLU A 39 5.18 11.42 0.19
CA GLU A 39 3.99 12.12 0.68
C GLU A 39 3.75 11.90 2.17
N LEU A 40 3.97 10.66 2.67
CA LEU A 40 3.82 10.39 4.09
C LEU A 40 5.01 10.88 4.90
N GLY A 41 6.14 11.21 4.26
CA GLY A 41 7.30 11.81 4.93
C GLY A 41 8.24 10.80 5.51
N GLU A 42 7.89 9.51 5.38
CA GLU A 42 8.59 8.37 5.96
C GLU A 42 9.91 8.13 5.26
N ASN A 43 9.95 8.31 3.92
CA ASN A 43 11.11 8.11 3.07
C ASN A 43 11.50 6.65 2.91
N LEU A 44 11.98 6.03 4.01
CA LEU A 44 12.51 4.68 4.13
C LEU A 44 13.83 4.47 3.37
N THR A 45 14.61 3.45 3.78
CA THR A 45 15.85 3.05 3.12
C THR A 45 15.58 2.13 1.95
N ASP A 46 16.58 1.97 1.06
CA ASP A 46 16.54 1.16 -0.13
C ASP A 46 16.31 -0.32 0.19
N GLU A 47 16.96 -0.81 1.27
CA GLU A 47 16.69 -2.11 1.86
C GLU A 47 15.24 -2.27 2.25
N GLU A 48 14.66 -1.33 3.04
CA GLU A 48 13.25 -1.33 3.41
C GLU A 48 12.32 -1.27 2.21
N LEU A 49 12.57 -0.35 1.25
CA LEU A 49 11.80 -0.28 0.01
C LEU A 49 11.81 -1.60 -0.75
N GLN A 50 12.99 -2.26 -0.89
CA GLN A 50 13.07 -3.59 -1.49
C GLN A 50 12.36 -4.64 -0.66
N GLU A 51 12.63 -4.71 0.67
CA GLU A 51 12.08 -5.69 1.60
C GLU A 51 10.57 -5.76 1.59
N MET A 52 9.87 -4.60 1.55
CA MET A 52 8.43 -4.56 1.39
C MET A 52 7.92 -5.17 0.09
N ILE A 53 8.69 -5.06 -1.02
CA ILE A 53 8.38 -5.74 -2.27
C ILE A 53 8.59 -7.24 -2.12
N ASP A 54 9.78 -7.64 -1.59
CA ASP A 54 10.18 -9.01 -1.36
C ASP A 54 9.21 -9.77 -0.45
N GLU A 55 8.62 -9.07 0.56
CA GLU A 55 7.57 -9.55 1.42
C GLU A 55 6.30 -9.92 0.69
N ALA A 56 5.77 -9.00 -0.14
CA ALA A 56 4.40 -9.04 -0.57
C ALA A 56 4.11 -10.02 -1.69
N ASP A 57 5.08 -10.24 -2.61
CA ASP A 57 4.96 -11.22 -3.65
C ASP A 57 5.18 -12.62 -3.07
N ARG A 58 4.14 -13.47 -3.16
CA ARG A 58 4.16 -14.83 -2.66
C ARG A 58 4.01 -15.76 -3.85
N ASP A 59 4.02 -15.19 -5.06
CA ASP A 59 3.28 -15.69 -6.19
C ASP A 59 4.23 -15.90 -7.34
N GLY A 60 5.16 -14.94 -7.55
CA GLY A 60 6.21 -15.02 -8.54
C GLY A 60 6.03 -14.04 -9.67
N ASP A 61 6.00 -12.75 -9.34
CA ASP A 61 5.91 -11.66 -10.29
C ASP A 61 7.23 -10.89 -10.24
N GLY A 62 7.68 -10.52 -9.03
CA GLY A 62 8.82 -9.66 -8.78
C GLY A 62 8.36 -8.40 -8.11
N GLU A 63 7.14 -7.93 -8.43
CA GLU A 63 6.61 -6.68 -7.94
C GLU A 63 5.27 -6.97 -7.27
N VAL A 64 4.59 -5.94 -6.73
CA VAL A 64 3.40 -6.17 -5.91
C VAL A 64 2.16 -5.70 -6.64
N SER A 65 1.28 -6.62 -7.09
CA SER A 65 0.04 -6.21 -7.73
C SER A 65 -1.08 -6.01 -6.72
N GLU A 66 -2.30 -5.65 -7.18
CA GLU A 66 -3.40 -5.27 -6.29
C GLU A 66 -3.91 -6.44 -5.48
N GLN A 67 -3.95 -7.65 -6.07
CA GLN A 67 -4.35 -8.86 -5.37
C GLN A 67 -3.40 -9.20 -4.24
N GLU A 68 -2.07 -9.01 -4.42
CA GLU A 68 -1.05 -9.20 -3.40
C GLU A 68 -1.26 -8.23 -2.26
N PHE A 69 -1.48 -6.94 -2.61
CA PHE A 69 -1.78 -5.88 -1.67
C PHE A 69 -3.07 -6.16 -0.88
N LEU A 70 -4.18 -6.51 -1.57
CA LEU A 70 -5.43 -6.94 -0.97
C LEU A 70 -5.24 -8.14 -0.05
N ARG A 71 -4.52 -9.19 -0.52
CA ARG A 71 -4.16 -10.39 0.21
C ARG A 71 -3.45 -10.09 1.52
N ILE A 72 -2.33 -9.34 1.49
CA ILE A 72 -1.57 -9.00 2.68
C ILE A 72 -2.32 -8.08 3.63
N MET A 73 -3.11 -7.11 3.12
CA MET A 73 -3.91 -6.26 3.97
C MET A 73 -5.07 -7.03 4.61
N LYS A 74 -5.79 -7.89 3.85
CA LYS A 74 -6.85 -8.71 4.38
C LYS A 74 -6.32 -9.76 5.35
N LYS A 75 -5.12 -10.34 5.08
CA LYS A 75 -4.41 -11.21 6.01
C LYS A 75 -4.23 -10.59 7.37
N THR A 76 -3.91 -9.27 7.47
CA THR A 76 -3.77 -8.62 8.78
C THR A 76 -5.12 -8.25 9.36
N SER A 77 -5.90 -9.32 9.65
CA SER A 77 -7.18 -9.31 10.32
C SER A 77 -7.00 -10.05 11.62
N LEU A 78 -5.99 -9.64 12.41
CA LEU A 78 -5.55 -10.28 13.65
C LEU A 78 -4.80 -11.57 13.37
N TYR A 79 -3.79 -11.46 12.47
CA TYR A 79 -2.97 -12.51 11.93
C TYR A 79 -1.95 -11.71 11.08
N ARG B 1 -9.42 16.16 -3.76
CA ARG B 1 -8.46 15.02 -4.07
C ARG B 1 -8.88 13.76 -3.33
N ALA B 2 -9.73 12.86 -3.90
CA ALA B 2 -10.32 12.85 -5.23
C ALA B 2 -11.34 13.96 -5.36
N ASP B 3 -12.51 13.82 -4.71
CA ASP B 3 -13.46 14.88 -4.48
C ASP B 3 -12.88 15.89 -3.47
N LEU B 4 -13.44 15.97 -2.26
CA LEU B 4 -13.20 17.01 -1.29
C LEU B 4 -11.82 16.85 -0.63
N HIS B 5 -11.75 17.09 0.69
CA HIS B 5 -10.49 17.10 1.41
C HIS B 5 -10.80 16.92 2.88
N HIS B 6 -11.31 15.73 3.24
CA HIS B 6 -11.76 15.41 4.58
C HIS B 6 -10.96 14.26 5.18
N GLN B 7 -9.73 14.47 5.74
CA GLN B 7 -8.95 15.69 5.82
C GLN B 7 -7.51 15.43 5.38
N HIS B 8 -6.62 15.01 6.32
CA HIS B 8 -5.18 15.04 6.14
C HIS B 8 -4.64 13.76 5.51
N SER B 9 -3.34 13.45 5.70
CA SER B 9 -2.65 12.34 5.04
C SER B 9 -3.01 10.96 5.58
N VAL B 10 -4.31 10.62 5.57
CA VAL B 10 -4.91 9.40 6.09
C VAL B 10 -4.71 8.18 5.19
N LEU B 11 -3.55 8.17 4.51
CA LEU B 11 -3.03 7.13 3.66
C LEU B 11 -2.07 6.30 4.50
N HIS B 12 -1.49 6.94 5.54
CA HIS B 12 -0.46 6.46 6.44
C HIS B 12 -0.56 5.01 6.82
N ARG B 13 -1.68 4.60 7.43
CA ARG B 13 -2.12 3.25 7.73
C ARG B 13 -1.81 2.20 6.67
N ALA B 14 -2.02 2.50 5.37
CA ALA B 14 -1.81 1.55 4.30
C ALA B 14 -0.33 1.30 4.03
N LEU B 15 0.51 2.32 4.27
CA LEU B 15 1.95 2.18 4.22
C LEU B 15 2.46 1.60 5.53
N GLN B 16 2.07 2.24 6.66
CA GLN B 16 2.58 1.95 7.98
C GLN B 16 2.17 0.61 8.50
N ALA B 17 0.93 0.13 8.24
CA ALA B 17 0.48 -1.18 8.68
C ALA B 17 0.61 -2.21 7.58
N TRP B 18 1.37 -1.88 6.51
CA TRP B 18 2.00 -2.87 5.68
C TRP B 18 3.32 -3.20 6.33
N VAL B 19 4.18 -2.18 6.60
CA VAL B 19 5.50 -2.41 7.15
C VAL B 19 5.49 -2.81 8.62
N THR B 20 4.53 -2.30 9.43
CA THR B 20 4.42 -2.56 10.86
C THR B 20 3.30 -3.58 11.13
N THR A 1 -10.97 -12.44 13.65
CA THR A 1 -11.87 -11.42 12.98
C THR A 1 -12.74 -12.01 11.89
N GLN A 2 -12.19 -12.16 10.65
CA GLN A 2 -12.95 -12.40 9.42
C GLN A 2 -13.72 -11.15 9.04
N LYS A 3 -14.74 -10.81 9.85
CA LYS A 3 -15.48 -9.58 9.75
C LYS A 3 -14.94 -8.64 10.80
N MET A 4 -15.04 -7.33 10.56
CA MET A 4 -14.62 -6.31 11.50
C MET A 4 -15.22 -5.04 10.98
N SER A 5 -14.89 -4.72 9.72
CA SER A 5 -15.74 -3.96 8.83
C SER A 5 -16.28 -5.00 7.84
N GLU A 6 -16.77 -4.59 6.64
CA GLU A 6 -17.38 -5.49 5.68
C GLU A 6 -16.60 -5.51 4.37
N LYS A 7 -17.15 -4.90 3.30
CA LYS A 7 -16.59 -4.90 1.97
C LYS A 7 -15.76 -3.65 1.83
N ASP A 8 -16.36 -2.50 2.24
CA ASP A 8 -15.81 -1.15 2.39
C ASP A 8 -14.37 -0.90 1.94
N THR A 9 -13.45 -1.29 2.83
CA THR A 9 -12.00 -1.36 2.79
C THR A 9 -11.45 -1.90 1.50
N LYS A 10 -12.16 -2.78 0.75
CA LYS A 10 -11.79 -3.17 -0.60
C LYS A 10 -11.62 -1.98 -1.53
N GLU A 11 -12.54 -0.99 -1.44
CA GLU A 11 -12.44 0.25 -2.19
C GLU A 11 -11.31 1.12 -1.66
N GLU A 12 -11.15 1.20 -0.31
CA GLU A 12 -10.05 1.90 0.33
C GLU A 12 -8.69 1.39 -0.13
N ILE A 13 -8.50 0.05 -0.14
CA ILE A 13 -7.30 -0.62 -0.60
C ILE A 13 -7.09 -0.42 -2.10
N LEU A 14 -8.17 -0.47 -2.92
CA LEU A 14 -8.11 -0.09 -4.33
C LEU A 14 -7.68 1.36 -4.55
N LYS A 15 -8.25 2.31 -3.77
CA LYS A 15 -7.81 3.69 -3.74
C LYS A 15 -6.37 3.83 -3.31
N ALA A 16 -5.97 3.16 -2.20
CA ALA A 16 -4.61 3.11 -1.69
C ALA A 16 -3.62 2.60 -2.72
N PHE A 17 -3.97 1.51 -3.43
CA PHE A 17 -3.23 0.96 -4.56
C PHE A 17 -2.98 2.00 -5.65
N LYS A 18 -4.03 2.76 -6.07
CA LYS A 18 -3.86 3.81 -7.06
C LYS A 18 -3.13 5.03 -6.50
N LEU A 19 -3.32 5.38 -5.21
CA LEU A 19 -2.56 6.41 -4.53
C LEU A 19 -1.09 6.07 -4.38
N PHE A 20 -0.74 4.78 -4.19
CA PHE A 20 0.61 4.29 -4.47
C PHE A 20 0.98 4.49 -5.91
N ASP A 21 0.19 3.95 -6.88
CA ASP A 21 0.50 4.02 -8.28
C ASP A 21 0.34 5.40 -8.92
N ASP A 22 1.28 6.29 -8.53
CA ASP A 22 1.54 7.60 -9.05
C ASP A 22 2.25 7.49 -10.40
N ASP A 23 3.12 6.45 -10.58
CA ASP A 23 3.76 6.22 -11.86
C ASP A 23 2.72 5.91 -12.92
N GLU A 24 1.69 5.14 -12.53
CA GLU A 24 0.66 4.60 -13.38
C GLU A 24 1.25 3.45 -14.17
N THR A 25 1.78 2.47 -13.41
CA THR A 25 2.40 1.27 -13.93
C THR A 25 1.44 0.10 -13.78
N GLY A 26 0.43 0.23 -12.89
CA GLY A 26 -0.63 -0.76 -12.69
C GLY A 26 -0.39 -1.59 -11.49
N LYS A 27 0.76 -1.38 -10.83
CA LYS A 27 1.25 -2.21 -9.75
C LYS A 27 1.93 -1.33 -8.73
N ILE A 28 2.03 -1.79 -7.48
CA ILE A 28 2.73 -1.07 -6.44
C ILE A 28 4.20 -1.41 -6.58
N SER A 29 4.86 -0.65 -7.46
CA SER A 29 6.27 -0.74 -7.64
C SER A 29 7.05 -0.18 -6.47
N PHE A 30 8.32 -0.60 -6.35
CA PHE A 30 9.35 0.08 -5.58
C PHE A 30 9.47 1.57 -5.93
N LYS A 31 9.28 1.91 -7.24
CA LYS A 31 9.20 3.27 -7.76
C LYS A 31 8.11 4.08 -7.05
N ASN A 32 6.92 3.48 -6.95
CA ASN A 32 5.73 4.04 -6.32
C ASN A 32 5.89 4.03 -4.81
N LEU A 33 6.45 2.95 -4.25
CA LEU A 33 6.78 2.80 -2.83
C LEU A 33 7.67 3.94 -2.32
N LYS A 34 8.81 4.20 -2.98
CA LYS A 34 9.72 5.25 -2.54
C LYS A 34 9.24 6.65 -2.82
N ARG A 35 8.37 6.82 -3.85
CA ARG A 35 7.56 8.02 -4.01
C ARG A 35 6.70 8.25 -2.79
N VAL A 36 5.79 7.29 -2.44
CA VAL A 36 4.89 7.38 -1.29
C VAL A 36 5.61 7.64 0.02
N ALA A 37 6.73 6.95 0.28
CA ALA A 37 7.56 7.20 1.45
C ALA A 37 7.97 8.67 1.62
N LYS A 38 8.34 9.35 0.51
CA LYS A 38 8.65 10.77 0.51
C LYS A 38 7.40 11.65 0.47
N GLU A 39 6.29 11.21 -0.15
CA GLU A 39 4.99 11.88 -0.11
C GLU A 39 4.43 11.96 1.30
N LEU A 40 4.65 10.91 2.12
CA LEU A 40 4.38 10.94 3.53
C LEU A 40 5.44 11.76 4.26
N GLY A 41 6.73 11.51 3.94
CA GLY A 41 7.85 12.21 4.54
C GLY A 41 8.51 11.40 5.59
N GLU A 42 8.32 10.07 5.54
CA GLU A 42 8.75 9.16 6.57
C GLU A 42 10.17 8.67 6.31
N ASN A 43 10.97 8.53 7.39
CA ASN A 43 12.39 8.26 7.31
C ASN A 43 12.75 6.79 7.23
N LEU A 44 12.01 6.00 6.44
CA LEU A 44 12.29 4.59 6.25
C LEU A 44 13.21 4.40 5.06
N THR A 45 14.12 3.41 5.16
CA THR A 45 15.26 3.23 4.28
C THR A 45 14.90 2.31 3.14
N ASP A 46 15.53 2.46 1.94
CA ASP A 46 15.30 1.67 0.74
C ASP A 46 15.27 0.16 0.95
N GLU A 47 16.11 -0.36 1.86
CA GLU A 47 16.13 -1.75 2.29
C GLU A 47 14.82 -2.19 2.91
N GLU A 48 14.20 -1.35 3.76
CA GLU A 48 12.92 -1.57 4.41
C GLU A 48 11.80 -1.56 3.38
N LEU A 49 11.87 -0.65 2.38
CA LEU A 49 10.95 -0.66 1.26
C LEU A 49 11.11 -1.90 0.40
N GLN A 50 12.36 -2.35 0.17
CA GLN A 50 12.65 -3.55 -0.58
C GLN A 50 12.09 -4.78 0.10
N GLU A 51 12.18 -4.89 1.45
CA GLU A 51 11.51 -5.89 2.27
C GLU A 51 10.01 -5.96 2.00
N MET A 52 9.31 -4.80 2.00
CA MET A 52 7.89 -4.71 1.66
C MET A 52 7.56 -5.23 0.27
N ILE A 53 8.43 -4.96 -0.73
CA ILE A 53 8.29 -5.49 -2.06
C ILE A 53 8.52 -7.00 -2.09
N ASP A 54 9.62 -7.50 -1.45
CA ASP A 54 9.99 -8.90 -1.39
C ASP A 54 8.93 -9.74 -0.67
N GLU A 55 8.35 -9.19 0.42
CA GLU A 55 7.21 -9.74 1.13
C GLU A 55 5.99 -9.90 0.22
N ALA A 56 5.53 -8.80 -0.41
CA ALA A 56 4.29 -8.82 -1.14
C ALA A 56 4.39 -9.41 -2.54
N ASP A 57 5.47 -9.14 -3.31
CA ASP A 57 5.72 -9.89 -4.53
C ASP A 57 6.46 -11.17 -4.15
N ARG A 58 5.66 -12.14 -3.67
CA ARG A 58 6.06 -13.45 -3.19
C ARG A 58 6.74 -14.31 -4.23
N ASP A 59 6.43 -14.06 -5.52
CA ASP A 59 6.94 -14.81 -6.63
C ASP A 59 8.19 -14.10 -7.11
N GLY A 60 8.18 -12.74 -7.16
CA GLY A 60 9.40 -11.95 -7.27
C GLY A 60 9.76 -11.62 -8.69
N ASP A 61 8.94 -10.79 -9.36
CA ASP A 61 9.22 -10.37 -10.71
C ASP A 61 8.56 -9.04 -11.03
N GLY A 62 7.22 -9.05 -11.14
CA GLY A 62 6.43 -7.96 -11.66
C GLY A 62 5.99 -6.96 -10.65
N GLU A 63 6.55 -7.03 -9.42
CA GLU A 63 6.33 -6.11 -8.32
C GLU A 63 4.88 -6.12 -7.80
N VAL A 64 4.55 -5.22 -6.84
CA VAL A 64 3.51 -5.57 -5.87
C VAL A 64 2.13 -5.42 -6.45
N SER A 65 1.54 -6.59 -6.70
CA SER A 65 0.42 -6.71 -7.58
C SER A 65 -0.89 -6.68 -6.83
N GLU A 66 -1.96 -6.38 -7.59
CA GLU A 66 -3.36 -6.22 -7.26
C GLU A 66 -3.84 -7.20 -6.20
N GLN A 67 -3.84 -8.49 -6.56
CA GLN A 67 -4.28 -9.58 -5.73
C GLN A 67 -3.33 -9.91 -4.59
N GLU A 68 -2.07 -9.42 -4.66
CA GLU A 68 -1.06 -9.66 -3.64
C GLU A 68 -1.19 -8.67 -2.53
N PHE A 69 -1.41 -7.37 -2.88
CA PHE A 69 -1.70 -6.31 -1.94
C PHE A 69 -2.94 -6.62 -1.09
N LEU A 70 -3.95 -7.23 -1.75
CA LEU A 70 -5.14 -7.74 -1.09
C LEU A 70 -4.90 -8.87 -0.10
N ARG A 71 -3.82 -9.68 -0.21
CA ARG A 71 -3.43 -10.60 0.86
C ARG A 71 -3.02 -9.85 2.10
N ILE A 72 -2.01 -8.97 1.99
CA ILE A 72 -1.39 -8.34 3.15
C ILE A 72 -2.35 -7.38 3.84
N MET A 73 -3.29 -6.79 3.08
CA MET A 73 -4.33 -5.95 3.63
C MET A 73 -5.56 -6.71 4.12
N LYS A 74 -6.19 -7.59 3.30
CA LYS A 74 -7.49 -8.14 3.65
C LYS A 74 -7.51 -9.66 3.73
N LYS A 75 -6.34 -10.32 3.86
CA LYS A 75 -6.29 -11.70 4.34
C LYS A 75 -5.61 -11.73 5.68
N THR A 76 -4.36 -11.21 5.78
CA THR A 76 -3.58 -11.28 7.00
C THR A 76 -4.02 -10.24 8.02
N SER A 77 -5.21 -10.46 8.61
CA SER A 77 -5.93 -9.57 9.53
C SER A 77 -5.22 -9.27 10.84
N LEU A 78 -4.04 -9.85 11.10
CA LEU A 78 -3.24 -9.58 12.28
C LEU A 78 -1.83 -9.18 11.90
N TYR A 79 -1.53 -9.10 10.58
CA TYR A 79 -0.18 -9.08 10.02
C TYR A 79 0.85 -10.06 10.63
N ARG B 1 8.18 7.54 -13.65
CA ARG B 1 7.31 8.76 -13.63
C ARG B 1 7.01 9.12 -12.19
N ALA B 2 6.90 10.44 -11.91
CA ALA B 2 6.70 10.99 -10.58
C ALA B 2 6.68 12.51 -10.71
N ASP B 3 6.12 12.98 -11.84
CA ASP B 3 6.24 14.28 -12.43
C ASP B 3 5.36 15.31 -11.72
N LEU B 4 5.64 15.50 -10.41
CA LEU B 4 4.92 16.34 -9.48
C LEU B 4 3.58 15.74 -9.10
N HIS B 5 2.62 15.74 -10.05
CA HIS B 5 1.24 15.30 -9.86
C HIS B 5 0.50 16.14 -8.83
N HIS B 6 0.28 15.58 -7.62
CA HIS B 6 -0.31 16.22 -6.47
C HIS B 6 0.40 15.55 -5.33
N GLN B 7 0.24 16.05 -4.08
CA GLN B 7 0.94 15.54 -2.93
C GLN B 7 0.16 14.43 -2.26
N HIS B 8 0.67 13.17 -2.31
CA HIS B 8 -0.05 11.99 -1.85
C HIS B 8 0.24 11.68 -0.40
N SER B 9 0.03 12.67 0.51
CA SER B 9 0.23 12.46 1.92
C SER B 9 -0.99 11.78 2.54
N VAL B 10 -0.96 11.50 3.86
CA VAL B 10 -1.99 10.78 4.64
C VAL B 10 -2.35 9.39 4.14
N LEU B 11 -1.44 8.76 3.36
CA LEU B 11 -1.49 7.37 2.94
C LEU B 11 -0.68 6.51 3.92
N HIS B 12 -0.39 7.08 5.11
CA HIS B 12 0.30 6.45 6.22
C HIS B 12 -0.48 5.27 6.74
N ARG B 13 -1.82 5.37 6.65
CA ARG B 13 -2.79 4.29 6.75
C ARG B 13 -2.36 3.01 6.07
N ALA B 14 -2.01 3.10 4.76
CA ALA B 14 -1.58 1.97 3.99
C ALA B 14 -0.10 1.69 4.19
N LEU B 15 0.76 2.74 4.18
CA LEU B 15 2.19 2.52 4.28
C LEU B 15 2.63 1.97 5.63
N GLN B 16 2.15 2.57 6.74
CA GLN B 16 2.63 2.23 8.06
C GLN B 16 2.10 0.88 8.47
N ALA B 17 0.81 0.57 8.14
CA ALA B 17 0.20 -0.69 8.50
C ALA B 17 0.67 -1.85 7.64
N TRP B 18 1.44 -1.55 6.57
CA TRP B 18 2.17 -2.53 5.81
C TRP B 18 3.56 -2.70 6.41
N VAL B 19 4.31 -1.60 6.69
CA VAL B 19 5.67 -1.73 7.18
C VAL B 19 5.80 -2.10 8.66
N THR B 20 4.85 -1.69 9.53
CA THR B 20 4.92 -1.99 10.95
C THR B 20 3.52 -2.22 11.55
N THR A 1 -11.49 14.27 -9.37
CA THR A 1 -10.77 13.03 -9.90
C THR A 1 -11.78 11.95 -9.75
N GLN A 2 -11.46 10.65 -9.95
CA GLN A 2 -12.38 9.54 -9.88
C GLN A 2 -12.85 9.28 -8.45
N LYS A 3 -14.14 8.93 -8.29
CA LYS A 3 -14.77 8.62 -7.02
C LYS A 3 -16.02 7.88 -7.44
N MET A 4 -16.42 6.78 -6.77
CA MET A 4 -17.70 6.16 -7.04
C MET A 4 -18.73 6.74 -6.09
N SER A 5 -20.01 6.79 -6.48
CA SER A 5 -21.08 7.30 -5.64
C SER A 5 -21.33 6.40 -4.45
N GLU A 6 -21.35 5.08 -4.72
CA GLU A 6 -21.47 4.04 -3.72
C GLU A 6 -20.11 3.45 -3.36
N LYS A 7 -20.15 2.39 -2.51
CA LYS A 7 -19.22 1.29 -2.32
C LYS A 7 -18.54 1.41 -0.97
N ASP A 8 -17.39 0.71 -0.79
CA ASP A 8 -16.89 0.39 0.54
C ASP A 8 -15.36 0.33 0.48
N THR A 9 -14.74 -0.40 1.44
CA THR A 9 -13.31 -0.53 1.68
C THR A 9 -12.51 -0.87 0.44
N LYS A 10 -13.07 -1.67 -0.49
CA LYS A 10 -12.40 -1.98 -1.74
C LYS A 10 -12.14 -0.76 -2.62
N GLU A 11 -13.02 0.28 -2.64
CA GLU A 11 -12.72 1.50 -3.38
C GLU A 11 -11.68 2.33 -2.66
N GLU A 12 -11.65 2.30 -1.30
CA GLU A 12 -10.60 2.92 -0.50
C GLU A 12 -9.24 2.28 -0.77
N ILE A 13 -9.19 0.92 -0.77
CA ILE A 13 -8.03 0.12 -1.11
C ILE A 13 -7.57 0.40 -2.54
N LEU A 14 -8.49 0.47 -3.53
CA LEU A 14 -8.17 0.90 -4.89
C LEU A 14 -7.66 2.34 -4.97
N LYS A 15 -8.24 3.29 -4.21
CA LYS A 15 -7.73 4.65 -4.11
C LYS A 15 -6.31 4.65 -3.54
N ALA A 16 -6.07 3.89 -2.45
CA ALA A 16 -4.76 3.68 -1.88
C ALA A 16 -3.77 3.08 -2.89
N PHE A 17 -4.17 2.02 -3.61
CA PHE A 17 -3.41 1.42 -4.70
C PHE A 17 -3.02 2.44 -5.77
N LYS A 18 -3.96 3.30 -6.21
CA LYS A 18 -3.70 4.39 -7.14
C LYS A 18 -2.89 5.54 -6.57
N LEU A 19 -2.79 5.71 -5.24
CA LEU A 19 -1.89 6.69 -4.63
C LEU A 19 -0.47 6.16 -4.60
N PHE A 20 -0.32 4.82 -4.51
CA PHE A 20 0.95 4.15 -4.66
C PHE A 20 1.33 4.08 -6.14
N ASP A 21 0.62 3.27 -6.97
CA ASP A 21 0.89 3.12 -8.39
C ASP A 21 -0.19 3.82 -9.18
N ASP A 22 0.01 5.11 -9.59
CA ASP A 22 -0.89 5.97 -10.36
C ASP A 22 -1.90 5.22 -11.20
N ASP A 23 -1.38 4.60 -12.27
CA ASP A 23 -1.92 3.44 -12.94
C ASP A 23 -0.90 3.12 -14.02
N GLU A 24 0.40 3.11 -13.63
CA GLU A 24 1.49 3.12 -14.61
C GLU A 24 1.96 1.73 -14.95
N THR A 25 2.02 0.82 -13.95
CA THR A 25 2.27 -0.58 -14.19
C THR A 25 1.03 -1.33 -13.73
N GLY A 26 0.35 -0.83 -12.67
CA GLY A 26 -0.83 -1.47 -12.13
C GLY A 26 -0.42 -2.51 -11.12
N LYS A 27 0.85 -2.43 -10.71
CA LYS A 27 1.48 -3.29 -9.77
C LYS A 27 2.36 -2.39 -8.93
N ILE A 28 2.33 -2.49 -7.59
CA ILE A 28 3.10 -1.59 -6.75
C ILE A 28 4.56 -1.96 -6.80
N SER A 29 5.31 -1.07 -7.48
CA SER A 29 6.74 -1.18 -7.72
C SER A 29 7.54 -0.57 -6.57
N PHE A 30 8.87 -0.81 -6.55
CA PHE A 30 9.82 -0.23 -5.61
C PHE A 30 9.78 1.30 -5.68
N LYS A 31 9.85 1.83 -6.91
CA LYS A 31 9.77 3.24 -7.23
C LYS A 31 8.50 3.87 -6.71
N ASN A 32 7.36 3.16 -6.85
CA ASN A 32 6.05 3.67 -6.53
C ASN A 32 5.69 3.43 -5.08
N LEU A 33 6.25 2.40 -4.43
CA LEU A 33 6.29 2.33 -2.97
C LEU A 33 7.12 3.47 -2.37
N LYS A 34 8.21 3.88 -3.03
CA LYS A 34 8.96 5.05 -2.62
C LYS A 34 8.22 6.38 -2.85
N ARG A 35 7.18 6.40 -3.73
CA ARG A 35 6.25 7.53 -3.82
C ARG A 35 5.45 7.72 -2.55
N VAL A 36 4.83 6.67 -1.96
CA VAL A 36 4.02 6.80 -0.75
C VAL A 36 4.84 7.33 0.41
N ALA A 37 6.11 6.89 0.53
CA ALA A 37 7.06 7.50 1.45
C ALA A 37 7.20 9.02 1.30
N LYS A 38 7.25 9.55 0.05
CA LYS A 38 7.31 10.98 -0.19
C LYS A 38 5.96 11.67 -0.14
N GLU A 39 4.84 10.94 -0.40
CA GLU A 39 3.45 11.34 -0.18
C GLU A 39 3.22 11.73 1.26
N LEU A 40 3.73 10.89 2.18
CA LEU A 40 3.74 11.14 3.60
C LEU A 40 4.80 12.15 3.98
N GLY A 41 6.00 12.06 3.39
CA GLY A 41 7.08 13.02 3.59
C GLY A 41 8.14 12.45 4.49
N GLU A 42 8.41 11.15 4.33
CA GLU A 42 9.32 10.40 5.15
C GLU A 42 10.72 10.38 4.54
N ASN A 43 11.55 9.39 4.93
CA ASN A 43 12.88 9.24 4.40
C ASN A 43 13.01 7.83 3.87
N LEU A 44 13.27 6.86 4.78
CA LEU A 44 13.43 5.44 4.51
C LEU A 44 14.74 5.10 3.82
N THR A 45 15.31 3.91 4.14
CA THR A 45 16.41 3.31 3.40
C THR A 45 15.83 2.40 2.35
N ASP A 46 16.68 1.85 1.46
CA ASP A 46 16.33 0.99 0.36
C ASP A 46 15.86 -0.35 0.87
N GLU A 47 16.46 -0.79 1.99
CA GLU A 47 16.12 -1.92 2.84
C GLU A 47 14.62 -2.03 3.08
N GLU A 48 14.02 -0.97 3.67
CA GLU A 48 12.60 -0.83 3.95
C GLU A 48 11.75 -1.03 2.71
N LEU A 49 12.02 -0.25 1.63
CA LEU A 49 11.29 -0.36 0.38
C LEU A 49 11.42 -1.74 -0.23
N GLN A 50 12.66 -2.29 -0.29
CA GLN A 50 12.88 -3.63 -0.81
C GLN A 50 12.18 -4.70 0.01
N GLU A 51 12.36 -4.75 1.34
CA GLU A 51 11.79 -5.82 2.15
C GLU A 51 10.27 -5.79 2.15
N MET A 52 9.64 -4.59 2.13
CA MET A 52 8.22 -4.47 1.89
C MET A 52 7.76 -5.08 0.57
N ILE A 53 8.46 -4.81 -0.55
CA ILE A 53 8.20 -5.46 -1.83
C ILE A 53 8.46 -6.96 -1.76
N ASP A 54 9.66 -7.39 -1.33
CA ASP A 54 10.10 -8.79 -1.34
C ASP A 54 9.19 -9.71 -0.53
N GLU A 55 8.59 -9.22 0.57
CA GLU A 55 7.66 -10.00 1.37
C GLU A 55 6.26 -10.07 0.76
N ALA A 56 5.89 -9.09 -0.10
CA ALA A 56 4.53 -8.92 -0.56
C ALA A 56 4.03 -9.95 -1.56
N ASP A 57 4.50 -9.95 -2.84
CA ASP A 57 3.92 -10.78 -3.87
C ASP A 57 4.49 -12.20 -3.87
N ARG A 58 3.67 -13.15 -3.39
CA ARG A 58 4.15 -14.40 -2.83
C ARG A 58 4.73 -15.34 -3.85
N ASP A 59 4.01 -15.54 -4.96
CA ASP A 59 4.45 -16.30 -6.10
C ASP A 59 4.20 -15.39 -7.29
N GLY A 60 4.60 -14.10 -7.17
CA GLY A 60 4.10 -13.06 -8.05
C GLY A 60 4.99 -12.69 -9.20
N ASP A 61 5.57 -11.49 -9.11
CA ASP A 61 6.03 -10.75 -10.26
C ASP A 61 7.33 -10.03 -9.93
N GLY A 62 7.38 -9.34 -8.77
CA GLY A 62 8.43 -8.39 -8.48
C GLY A 62 7.80 -7.08 -8.12
N GLU A 63 6.70 -6.72 -8.81
CA GLU A 63 5.87 -5.62 -8.41
C GLU A 63 4.55 -6.17 -7.92
N VAL A 64 3.96 -5.48 -6.92
CA VAL A 64 2.93 -6.04 -6.08
C VAL A 64 1.55 -5.76 -6.64
N SER A 65 0.84 -6.77 -7.19
CA SER A 65 -0.48 -6.54 -7.77
C SER A 65 -1.57 -6.24 -6.75
N GLU A 66 -2.78 -5.94 -7.24
CA GLU A 66 -3.99 -5.72 -6.46
C GLU A 66 -4.27 -6.87 -5.50
N GLN A 67 -4.14 -8.13 -5.97
CA GLN A 67 -4.25 -9.34 -5.19
C GLN A 67 -3.28 -9.38 -4.05
N GLU A 68 -2.00 -9.11 -4.33
CA GLU A 68 -0.94 -9.25 -3.37
C GLU A 68 -0.92 -8.08 -2.41
N PHE A 69 -1.35 -6.89 -2.85
CA PHE A 69 -1.72 -5.78 -1.99
C PHE A 69 -2.83 -6.17 -1.01
N LEU A 70 -3.94 -6.77 -1.52
CA LEU A 70 -4.99 -7.34 -0.69
C LEU A 70 -4.50 -8.45 0.24
N ARG A 71 -3.59 -9.36 -0.20
CA ARG A 71 -2.95 -10.33 0.68
C ARG A 71 -2.15 -9.66 1.78
N ILE A 72 -1.26 -8.68 1.43
CA ILE A 72 -0.41 -7.99 2.40
C ILE A 72 -1.20 -7.18 3.40
N MET A 73 -2.28 -6.49 2.96
CA MET A 73 -3.15 -5.76 3.88
C MET A 73 -4.03 -6.69 4.70
N LYS A 74 -4.43 -7.86 4.16
CA LYS A 74 -5.20 -8.84 4.92
C LYS A 74 -4.36 -9.59 5.95
N LYS A 75 -3.01 -9.63 5.80
CA LYS A 75 -2.13 -10.12 6.85
C LYS A 75 -2.33 -9.37 8.16
N THR A 76 -2.13 -8.04 8.15
CA THR A 76 -2.21 -7.21 9.33
C THR A 76 -3.66 -6.88 9.67
N SER A 77 -4.44 -7.94 9.91
CA SER A 77 -5.83 -7.89 10.33
C SER A 77 -5.88 -8.16 11.83
N LEU A 78 -4.75 -7.86 12.51
CA LEU A 78 -4.35 -8.28 13.84
C LEU A 78 -3.72 -9.65 13.71
N TYR A 79 -2.37 -9.68 13.70
CA TYR A 79 -1.61 -10.89 13.48
C TYR A 79 -0.74 -11.12 14.73
N ARG B 1 8.65 16.37 -17.55
CA ARG B 1 7.39 15.85 -16.87
C ARG B 1 6.55 17.09 -16.70
N ALA B 2 5.33 17.02 -16.15
CA ALA B 2 4.55 18.19 -15.86
C ALA B 2 3.68 17.83 -14.68
N ASP B 3 2.93 16.72 -14.85
CA ASP B 3 1.96 16.12 -13.98
C ASP B 3 2.54 15.66 -12.65
N LEU B 4 1.80 15.89 -11.54
CA LEU B 4 2.14 15.37 -10.23
C LEU B 4 0.90 15.45 -9.38
N HIS B 5 0.82 14.64 -8.31
CA HIS B 5 -0.35 14.58 -7.47
C HIS B 5 0.07 13.99 -6.15
N HIS B 6 -0.59 14.40 -5.06
CA HIS B 6 -0.45 13.86 -3.74
C HIS B 6 -1.74 14.27 -3.08
N GLN B 7 -2.10 13.70 -1.91
CA GLN B 7 -3.14 14.25 -1.06
C GLN B 7 -2.54 14.64 0.27
N HIS B 8 -1.47 13.94 0.70
CA HIS B 8 -0.73 14.08 1.92
C HIS B 8 -1.43 13.36 3.05
N SER B 9 -1.22 12.03 3.13
CA SER B 9 -1.75 11.18 4.19
C SER B 9 -3.26 10.90 3.98
N VAL B 10 -3.97 10.07 4.79
CA VAL B 10 -3.64 9.23 5.92
C VAL B 10 -3.09 7.88 5.48
N LEU B 11 -2.36 7.89 4.35
CA LEU B 11 -1.81 6.76 3.65
C LEU B 11 -0.75 5.99 4.41
N HIS B 12 -0.29 6.53 5.56
CA HIS B 12 0.55 5.85 6.53
C HIS B 12 -0.19 4.69 7.16
N ARG B 13 -1.53 4.75 7.22
CA ARG B 13 -2.38 3.62 7.55
C ARG B 13 -2.17 2.44 6.62
N ALA B 14 -2.01 2.69 5.30
CA ALA B 14 -1.66 1.67 4.34
C ALA B 14 -0.20 1.27 4.50
N LEU B 15 0.74 2.24 4.43
CA LEU B 15 2.16 1.95 4.47
C LEU B 15 2.63 1.26 5.74
N GLN B 16 2.16 1.73 6.93
CA GLN B 16 2.57 1.13 8.17
C GLN B 16 1.98 -0.24 8.35
N ALA B 17 0.71 -0.46 7.93
CA ALA B 17 0.06 -1.75 8.10
C ALA B 17 0.63 -2.83 7.19
N TRP B 18 1.35 -2.42 6.12
CA TRP B 18 2.13 -3.29 5.29
C TRP B 18 3.36 -3.77 6.06
N VAL B 19 4.14 -2.83 6.64
CA VAL B 19 5.39 -3.17 7.28
C VAL B 19 5.27 -3.67 8.72
N THR B 20 4.33 -3.12 9.52
CA THR B 20 4.21 -3.43 10.94
C THR B 20 2.73 -3.48 11.39
N THR A 1 -24.62 -12.74 9.91
CA THR A 1 -23.61 -12.76 8.78
C THR A 1 -24.09 -12.01 7.55
N GLN A 2 -24.89 -12.65 6.66
CA GLN A 2 -25.35 -12.00 5.44
C GLN A 2 -26.57 -11.11 5.68
N LYS A 3 -26.42 -10.12 6.60
CA LYS A 3 -27.47 -9.20 6.95
C LYS A 3 -26.84 -8.08 7.75
N MET A 4 -26.48 -6.97 7.07
CA MET A 4 -25.86 -5.77 7.65
C MET A 4 -24.43 -5.97 8.12
N SER A 5 -23.48 -5.24 7.51
CA SER A 5 -22.09 -5.23 7.93
C SER A 5 -21.44 -4.13 7.13
N GLU A 6 -20.24 -3.69 7.53
CA GLU A 6 -19.41 -2.78 6.76
C GLU A 6 -18.28 -3.58 6.15
N LYS A 7 -17.70 -3.10 5.04
CA LYS A 7 -16.44 -3.64 4.54
C LYS A 7 -15.77 -2.68 3.57
N ASP A 8 -16.19 -1.42 3.64
CA ASP A 8 -15.93 -0.27 2.81
C ASP A 8 -14.46 0.10 2.79
N THR A 9 -13.72 -0.36 3.82
CA THR A 9 -12.26 -0.36 3.88
C THR A 9 -11.61 -1.06 2.70
N LYS A 10 -12.29 -2.02 2.03
CA LYS A 10 -11.77 -2.60 0.80
C LYS A 10 -11.77 -1.66 -0.39
N GLU A 11 -12.68 -0.65 -0.48
CA GLU A 11 -12.51 0.40 -1.48
C GLU A 11 -11.42 1.37 -1.08
N GLU A 12 -11.19 1.57 0.24
CA GLU A 12 -10.05 2.30 0.78
C GLU A 12 -8.73 1.65 0.37
N ILE A 13 -8.63 0.29 0.45
CA ILE A 13 -7.54 -0.50 -0.10
C ILE A 13 -7.37 -0.29 -1.60
N LEU A 14 -8.45 -0.32 -2.40
CA LEU A 14 -8.41 -0.01 -3.82
C LEU A 14 -7.90 1.41 -4.10
N LYS A 15 -8.40 2.41 -3.34
CA LYS A 15 -7.90 3.77 -3.30
C LYS A 15 -6.42 3.82 -2.99
N ALA A 16 -5.99 3.18 -1.87
CA ALA A 16 -4.62 3.05 -1.43
C ALA A 16 -3.69 2.45 -2.47
N PHE A 17 -4.13 1.38 -3.17
CA PHE A 17 -3.41 0.77 -4.28
C PHE A 17 -3.07 1.78 -5.36
N LYS A 18 -4.03 2.67 -5.73
CA LYS A 18 -3.77 3.73 -6.69
C LYS A 18 -3.00 4.91 -6.10
N LEU A 19 -2.97 5.09 -4.76
CA LEU A 19 -2.10 6.08 -4.13
C LEU A 19 -0.67 5.59 -4.13
N PHE A 20 -0.46 4.27 -3.89
CA PHE A 20 0.79 3.59 -4.11
C PHE A 20 1.21 3.61 -5.56
N ASP A 21 0.47 2.95 -6.47
CA ASP A 21 0.76 3.08 -7.87
C ASP A 21 0.06 4.31 -8.43
N ASP A 22 0.70 5.48 -8.19
CA ASP A 22 0.25 6.75 -8.73
C ASP A 22 1.04 7.06 -9.99
N ASP A 23 1.66 6.01 -10.58
CA ASP A 23 2.32 6.06 -11.86
C ASP A 23 1.44 5.36 -12.88
N GLU A 24 0.23 4.94 -12.45
CA GLU A 24 -0.86 4.45 -13.28
C GLU A 24 -0.50 3.28 -14.19
N THR A 25 0.23 2.27 -13.67
CA THR A 25 0.67 1.12 -14.47
C THR A 25 -0.04 -0.14 -14.03
N GLY A 26 -0.50 -0.20 -12.75
CA GLY A 26 -1.39 -1.24 -12.28
C GLY A 26 -0.75 -2.17 -11.31
N LYS A 27 0.56 -1.98 -11.03
CA LYS A 27 1.28 -2.73 -10.03
C LYS A 27 2.17 -1.77 -9.31
N ILE A 28 2.46 -2.02 -8.01
CA ILE A 28 3.27 -1.13 -7.22
C ILE A 28 4.72 -1.47 -7.43
N SER A 29 5.43 -0.66 -8.24
CA SER A 29 6.87 -0.73 -8.38
C SER A 29 7.57 -0.28 -7.12
N PHE A 30 8.85 -0.65 -6.96
CA PHE A 30 9.74 -0.16 -5.90
C PHE A 30 9.79 1.36 -5.86
N LYS A 31 9.95 1.99 -7.04
CA LYS A 31 9.87 3.42 -7.24
C LYS A 31 8.58 4.04 -6.72
N ASN A 32 7.43 3.38 -6.94
CA ASN A 32 6.11 3.91 -6.69
C ASN A 32 5.80 3.76 -5.21
N LEU A 33 6.31 2.66 -4.61
CA LEU A 33 6.36 2.45 -3.18
C LEU A 33 7.17 3.54 -2.49
N LYS A 34 8.43 3.79 -2.93
CA LYS A 34 9.23 4.83 -2.31
C LYS A 34 8.80 6.26 -2.66
N ARG A 35 8.06 6.46 -3.77
CA ARG A 35 7.29 7.67 -4.06
C ARG A 35 6.34 7.99 -2.93
N VAL A 36 5.50 7.03 -2.48
CA VAL A 36 4.66 7.17 -1.30
C VAL A 36 5.46 7.52 -0.05
N ALA A 37 6.58 6.82 0.19
CA ALA A 37 7.50 7.12 1.27
C ALA A 37 7.98 8.57 1.30
N LYS A 38 8.42 9.15 0.16
CA LYS A 38 8.83 10.56 0.12
C LYS A 38 7.66 11.52 0.14
N GLU A 39 6.45 11.06 -0.27
CA GLU A 39 5.22 11.83 -0.23
C GLU A 39 4.71 11.99 1.18
N LEU A 40 4.79 10.95 2.04
CA LEU A 40 4.58 11.15 3.48
C LEU A 40 5.74 11.91 4.09
N GLY A 41 6.99 11.53 3.77
CA GLY A 41 8.17 12.14 4.34
C GLY A 41 8.80 11.17 5.29
N GLU A 42 9.35 10.08 4.73
CA GLU A 42 9.92 8.99 5.48
C GLU A 42 11.26 9.27 6.14
N ASN A 43 11.72 8.27 6.92
CA ASN A 43 13.12 8.15 7.28
C ASN A 43 13.38 6.67 7.51
N LEU A 44 13.19 5.81 6.47
CA LEU A 44 13.58 4.41 6.55
C LEU A 44 14.73 4.06 5.64
N THR A 45 14.66 4.36 4.31
CA THR A 45 15.68 4.14 3.26
C THR A 45 15.29 2.98 2.34
N ASP A 46 15.88 2.95 1.13
CA ASP A 46 15.69 2.03 0.04
C ASP A 46 15.72 0.55 0.39
N GLU A 47 16.61 0.09 1.28
CA GLU A 47 16.87 -1.31 1.50
C GLU A 47 15.72 -1.96 2.25
N GLU A 48 15.24 -1.31 3.32
CA GLU A 48 14.08 -1.74 4.09
C GLU A 48 12.79 -1.53 3.32
N LEU A 49 12.71 -0.53 2.42
CA LEU A 49 11.65 -0.46 1.41
C LEU A 49 11.69 -1.61 0.42
N GLN A 50 12.88 -2.08 0.01
CA GLN A 50 13.07 -3.24 -0.85
C GLN A 50 12.59 -4.51 -0.16
N GLU A 51 12.83 -4.64 1.17
CA GLU A 51 12.26 -5.70 1.99
C GLU A 51 10.75 -5.77 1.89
N MET A 52 10.02 -4.62 1.94
CA MET A 52 8.58 -4.57 1.69
C MET A 52 8.17 -5.14 0.34
N ILE A 53 8.93 -4.82 -0.73
CA ILE A 53 8.72 -5.42 -2.05
C ILE A 53 8.95 -6.92 -2.03
N ASP A 54 10.09 -7.39 -1.48
CA ASP A 54 10.45 -8.80 -1.39
C ASP A 54 9.46 -9.60 -0.56
N GLU A 55 8.97 -9.01 0.56
CA GLU A 55 7.89 -9.53 1.38
C GLU A 55 6.60 -9.66 0.61
N ALA A 56 6.14 -8.57 -0.03
CA ALA A 56 4.83 -8.55 -0.65
C ALA A 56 4.77 -9.32 -1.96
N ASP A 57 5.77 -9.18 -2.87
CA ASP A 57 5.79 -9.98 -4.09
C ASP A 57 6.40 -11.35 -3.80
N ARG A 58 5.65 -12.13 -3.00
CA ARG A 58 5.98 -13.46 -2.51
C ARG A 58 6.34 -14.45 -3.61
N ASP A 59 5.48 -14.52 -4.65
CA ASP A 59 5.53 -15.56 -5.64
C ASP A 59 6.35 -15.11 -6.84
N GLY A 60 6.55 -13.79 -7.05
CA GLY A 60 7.27 -13.28 -8.21
C GLY A 60 6.32 -12.90 -9.32
N ASP A 61 5.47 -11.90 -9.05
CA ASP A 61 4.56 -11.26 -9.97
C ASP A 61 5.35 -10.29 -10.84
N GLY A 62 6.34 -9.57 -10.24
CA GLY A 62 7.27 -8.71 -10.93
C GLY A 62 7.39 -7.42 -10.19
N GLU A 63 6.26 -6.97 -9.65
CA GLU A 63 6.08 -5.78 -8.88
C GLU A 63 4.99 -6.13 -7.91
N VAL A 64 4.67 -5.24 -6.94
CA VAL A 64 3.73 -5.61 -5.90
C VAL A 64 2.32 -5.40 -6.40
N SER A 65 1.62 -6.52 -6.60
CA SER A 65 0.59 -6.62 -7.59
C SER A 65 -0.81 -6.51 -7.05
N GLU A 66 -1.78 -6.54 -7.98
CA GLU A 66 -3.21 -6.49 -7.78
C GLU A 66 -3.65 -7.57 -6.81
N GLN A 67 -3.22 -8.82 -7.09
CA GLN A 67 -3.43 -9.96 -6.25
C GLN A 67 -2.69 -9.84 -4.93
N GLU A 68 -1.38 -9.52 -4.91
CA GLU A 68 -0.59 -9.62 -3.69
C GLU A 68 -0.88 -8.51 -2.72
N PHE A 69 -1.22 -7.30 -3.22
CA PHE A 69 -1.70 -6.24 -2.38
C PHE A 69 -3.02 -6.62 -1.72
N LEU A 70 -3.96 -7.22 -2.48
CA LEU A 70 -5.21 -7.70 -1.92
C LEU A 70 -5.04 -8.88 -0.97
N ARG A 71 -4.00 -9.74 -1.13
CA ARG A 71 -3.60 -10.69 -0.09
C ARG A 71 -3.15 -9.96 1.18
N ILE A 72 -2.07 -9.16 1.12
CA ILE A 72 -1.50 -8.53 2.31
C ILE A 72 -2.43 -7.52 2.97
N MET A 73 -3.39 -6.96 2.19
CA MET A 73 -4.44 -6.09 2.70
C MET A 73 -5.76 -6.80 2.88
N LYS A 74 -5.85 -8.16 2.80
CA LYS A 74 -7.05 -8.87 3.21
C LYS A 74 -7.19 -8.79 4.71
N LYS A 75 -6.13 -9.22 5.45
CA LYS A 75 -6.06 -9.45 6.90
C LYS A 75 -7.21 -10.26 7.53
N THR A 76 -8.46 -9.79 7.40
CA THR A 76 -9.72 -10.29 7.95
C THR A 76 -9.94 -11.81 7.97
N SER A 77 -10.60 -12.27 9.06
CA SER A 77 -11.11 -13.62 9.21
C SER A 77 -12.35 -13.84 8.39
N LEU A 78 -13.07 -12.74 8.04
CA LEU A 78 -14.28 -12.79 7.24
C LEU A 78 -14.04 -11.95 6.01
N TYR A 79 -13.49 -12.61 4.96
CA TYR A 79 -13.19 -12.06 3.66
C TYR A 79 -14.42 -11.39 3.00
N ARG B 1 -10.25 23.70 -3.94
CA ARG B 1 -10.61 22.64 -2.92
C ARG B 1 -9.54 21.56 -2.98
N ALA B 2 -9.65 20.46 -2.21
CA ALA B 2 -8.96 19.23 -2.53
C ALA B 2 -9.64 18.58 -3.74
N ASP B 3 -9.40 19.17 -4.93
CA ASP B 3 -10.08 18.87 -6.17
C ASP B 3 -9.11 18.15 -7.09
N LEU B 4 -8.03 18.83 -7.47
CA LEU B 4 -6.97 18.32 -8.33
C LEU B 4 -6.21 17.13 -7.80
N HIS B 5 -6.04 17.01 -6.46
CA HIS B 5 -5.27 15.93 -5.86
C HIS B 5 -6.15 14.84 -5.28
N HIS B 6 -5.51 13.78 -4.76
CA HIS B 6 -6.15 12.58 -4.26
C HIS B 6 -6.89 12.76 -2.94
N GLN B 7 -8.05 13.45 -2.98
CA GLN B 7 -8.89 13.76 -1.83
C GLN B 7 -9.23 12.54 -0.95
N HIS B 8 -9.14 12.63 0.40
CA HIS B 8 -8.49 13.66 1.20
C HIS B 8 -6.97 13.69 1.02
N SER B 9 -6.15 12.66 1.31
CA SER B 9 -6.42 11.38 1.95
C SER B 9 -5.16 11.00 2.70
N VAL B 10 -5.29 10.08 3.68
CA VAL B 10 -4.31 9.84 4.72
C VAL B 10 -3.03 9.17 4.28
N LEU B 11 -3.10 7.99 3.62
CA LEU B 11 -1.98 7.29 3.00
C LEU B 11 -0.96 6.66 3.96
N HIS B 12 -0.58 7.36 5.05
CA HIS B 12 0.30 6.86 6.11
C HIS B 12 -0.30 5.63 6.75
N ARG B 13 -1.62 5.71 6.98
CA ARG B 13 -2.61 4.64 7.13
C ARG B 13 -2.29 3.37 6.37
N ALA B 14 -2.18 3.46 5.02
CA ALA B 14 -1.95 2.34 4.14
C ALA B 14 -0.51 1.89 4.19
N LEU B 15 0.44 2.86 4.30
CA LEU B 15 1.85 2.57 4.48
C LEU B 15 2.10 1.79 5.75
N GLN B 16 1.50 2.23 6.88
CA GLN B 16 1.59 1.54 8.14
C GLN B 16 0.80 0.25 8.15
N ALA B 17 -0.40 0.16 7.51
CA ALA B 17 -1.16 -1.07 7.46
C ALA B 17 -0.46 -2.18 6.67
N TRP B 18 0.55 -1.81 5.88
CA TRP B 18 1.53 -2.70 5.32
C TRP B 18 2.67 -2.92 6.32
N VAL B 19 3.43 -1.85 6.68
CA VAL B 19 4.73 -2.03 7.30
C VAL B 19 4.72 -2.17 8.82
N THR B 20 3.62 -1.77 9.50
CA THR B 20 3.52 -1.79 10.95
C THR B 20 2.56 -2.90 11.40
N THR A 1 -19.64 -2.83 -11.38
CA THR A 1 -19.60 -3.25 -12.82
C THR A 1 -19.73 -4.76 -12.90
N GLN A 2 -19.33 -5.40 -14.03
CA GLN A 2 -19.47 -6.80 -14.35
C GLN A 2 -18.98 -7.74 -13.26
N LYS A 3 -17.82 -7.43 -12.66
CA LYS A 3 -17.42 -7.97 -11.38
C LYS A 3 -16.93 -6.77 -10.61
N MET A 4 -17.19 -6.74 -9.28
CA MET A 4 -16.92 -5.62 -8.40
C MET A 4 -17.79 -4.39 -8.67
N SER A 5 -17.84 -3.47 -7.70
CA SER A 5 -18.60 -2.24 -7.76
C SER A 5 -18.09 -1.48 -6.57
N GLU A 6 -18.66 -0.29 -6.28
CA GLU A 6 -18.30 0.52 -5.14
C GLU A 6 -18.72 -0.12 -3.83
N LYS A 7 -17.76 -0.39 -2.95
CA LYS A 7 -18.02 -0.91 -1.63
C LYS A 7 -16.92 -0.34 -0.76
N ASP A 8 -17.29 0.23 0.41
CA ASP A 8 -16.44 0.84 1.44
C ASP A 8 -15.00 0.34 1.53
N THR A 9 -14.79 -0.90 2.01
CA THR A 9 -13.49 -1.52 2.17
C THR A 9 -12.70 -1.59 0.87
N LYS A 10 -13.25 -2.21 -0.18
CA LYS A 10 -12.60 -2.34 -1.47
C LYS A 10 -12.33 -0.99 -2.13
N GLU A 11 -13.26 -0.01 -2.01
CA GLU A 11 -13.05 1.38 -2.38
C GLU A 11 -11.81 1.93 -1.71
N GLU A 12 -11.78 1.90 -0.35
CA GLU A 12 -10.66 2.39 0.42
C GLU A 12 -9.35 1.69 0.12
N ILE A 13 -9.38 0.35 -0.09
CA ILE A 13 -8.21 -0.41 -0.48
C ILE A 13 -7.74 -0.05 -1.89
N LEU A 14 -8.66 0.11 -2.87
CA LEU A 14 -8.35 0.57 -4.21
C LEU A 14 -7.83 2.01 -4.20
N LYS A 15 -8.45 2.90 -3.40
CA LYS A 15 -8.00 4.25 -3.14
C LYS A 15 -6.60 4.28 -2.57
N ALA A 16 -6.32 3.47 -1.52
CA ALA A 16 -4.99 3.27 -0.98
C ALA A 16 -4.01 2.75 -2.02
N PHE A 17 -4.39 1.73 -2.83
CA PHE A 17 -3.61 1.24 -3.95
C PHE A 17 -3.28 2.32 -4.97
N LYS A 18 -4.27 3.14 -5.40
CA LYS A 18 -4.02 4.20 -6.38
C LYS A 18 -3.29 5.39 -5.79
N LEU A 19 -3.41 5.65 -4.47
CA LEU A 19 -2.59 6.63 -3.79
C LEU A 19 -1.16 6.16 -3.62
N PHE A 20 -0.92 4.83 -3.49
CA PHE A 20 0.37 4.21 -3.69
C PHE A 20 0.83 4.36 -5.15
N ASP A 21 0.03 3.84 -6.10
CA ASP A 21 0.30 3.88 -7.53
C ASP A 21 0.07 5.28 -8.13
N ASP A 22 0.74 6.29 -7.54
CA ASP A 22 0.87 7.68 -7.92
C ASP A 22 1.39 7.79 -9.35
N ASP A 23 2.28 6.85 -9.74
CA ASP A 23 2.88 6.78 -11.05
C ASP A 23 1.95 6.12 -12.07
N GLU A 24 0.81 5.53 -11.61
CA GLU A 24 -0.21 4.83 -12.37
C GLU A 24 0.33 3.74 -13.27
N THR A 25 1.08 2.77 -12.69
CA THR A 25 1.74 1.74 -13.47
C THR A 25 1.14 0.35 -13.26
N GLY A 26 0.22 0.14 -12.29
CA GLY A 26 -0.59 -1.07 -12.20
C GLY A 26 -0.06 -2.07 -11.24
N LYS A 27 1.23 -1.96 -10.90
CA LYS A 27 1.88 -2.77 -9.89
C LYS A 27 2.77 -1.83 -9.12
N ILE A 28 2.78 -1.94 -7.78
CA ILE A 28 3.61 -1.11 -6.93
C ILE A 28 5.03 -1.64 -7.00
N SER A 29 5.84 -0.98 -7.86
CA SER A 29 7.27 -1.14 -7.98
C SER A 29 8.02 -0.66 -6.77
N PHE A 30 9.33 -1.01 -6.67
CA PHE A 30 10.27 -0.47 -5.70
C PHE A 30 10.32 1.06 -5.72
N LYS A 31 10.48 1.64 -6.93
CA LYS A 31 10.51 3.07 -7.13
C LYS A 31 9.17 3.73 -6.79
N ASN A 32 8.04 3.07 -7.09
CA ASN A 32 6.71 3.55 -6.76
C ASN A 32 6.48 3.47 -5.25
N LEU A 33 6.93 2.36 -4.60
CA LEU A 33 6.90 2.23 -3.16
C LEU A 33 7.68 3.33 -2.47
N LYS A 34 8.88 3.66 -2.97
CA LYS A 34 9.67 4.74 -2.42
C LYS A 34 9.12 6.12 -2.78
N ARG A 35 8.42 6.28 -3.94
CA ARG A 35 7.58 7.43 -4.24
C ARG A 35 6.51 7.66 -3.19
N VAL A 36 5.59 6.69 -2.94
CA VAL A 36 4.58 6.86 -1.91
C VAL A 36 5.19 7.09 -0.54
N ALA A 37 6.30 6.39 -0.21
CA ALA A 37 7.08 6.64 0.98
C ALA A 37 7.55 8.10 1.11
N LYS A 38 8.13 8.69 0.04
CA LYS A 38 8.45 10.12 -0.02
C LYS A 38 7.22 10.98 0.23
N GLU A 39 6.15 10.75 -0.57
CA GLU A 39 5.03 11.67 -0.63
C GLU A 39 4.18 11.61 0.62
N LEU A 40 4.09 10.41 1.26
CA LEU A 40 3.51 10.22 2.57
C LEU A 40 4.38 10.85 3.65
N GLY A 41 5.70 10.59 3.62
CA GLY A 41 6.65 11.18 4.55
C GLY A 41 7.29 10.14 5.41
N GLU A 42 8.13 9.28 4.78
CA GLU A 42 8.81 8.19 5.44
C GLU A 42 10.02 8.59 6.28
N ASN A 43 10.82 7.58 6.67
CA ASN A 43 12.05 7.71 7.42
C ASN A 43 12.67 6.33 7.54
N LEU A 44 12.58 5.48 6.48
CA LEU A 44 13.08 4.13 6.50
C LEU A 44 14.38 4.13 5.71
N THR A 45 14.59 3.18 4.77
CA THR A 45 15.77 3.10 3.93
C THR A 45 15.37 2.12 2.84
N ASP A 46 16.07 2.13 1.69
CA ASP A 46 15.93 1.25 0.55
C ASP A 46 15.92 -0.24 0.89
N GLU A 47 16.69 -0.65 1.92
CA GLU A 47 16.74 -1.99 2.47
C GLU A 47 15.39 -2.45 2.97
N GLU A 48 14.77 -1.67 3.90
CA GLU A 48 13.40 -1.82 4.37
C GLU A 48 12.39 -1.84 3.23
N LEU A 49 12.49 -0.90 2.27
CA LEU A 49 11.62 -0.84 1.11
C LEU A 49 11.73 -2.09 0.23
N GLN A 50 12.94 -2.66 0.06
CA GLN A 50 13.14 -3.92 -0.61
C GLN A 50 12.54 -5.10 0.16
N GLU A 51 12.64 -5.10 1.51
CA GLU A 51 12.02 -6.11 2.35
C GLU A 51 10.51 -6.03 2.31
N MET A 52 9.93 -4.80 2.30
CA MET A 52 8.52 -4.58 1.99
C MET A 52 8.10 -5.11 0.64
N ILE A 53 8.89 -4.84 -0.44
CA ILE A 53 8.66 -5.47 -1.73
C ILE A 53 8.71 -6.99 -1.64
N ASP A 54 9.73 -7.60 -0.99
CA ASP A 54 9.77 -9.05 -0.80
C ASP A 54 8.54 -9.54 -0.06
N GLU A 55 8.13 -8.93 1.09
CA GLU A 55 6.94 -9.26 1.87
C GLU A 55 5.73 -9.62 1.01
N ALA A 56 5.44 -8.80 -0.02
CA ALA A 56 4.52 -9.14 -1.07
C ALA A 56 5.08 -10.05 -2.17
N ASP A 57 6.09 -9.57 -2.91
CA ASP A 57 6.60 -10.11 -4.16
C ASP A 57 7.70 -11.11 -3.88
N ARG A 58 7.31 -12.40 -3.83
CA ARG A 58 8.17 -13.54 -3.58
C ARG A 58 9.25 -13.70 -4.63
N ASP A 59 8.83 -13.65 -5.91
CA ASP A 59 9.64 -13.69 -7.10
C ASP A 59 10.63 -12.54 -7.12
N GLY A 60 10.17 -11.31 -6.80
CA GLY A 60 11.05 -10.17 -6.55
C GLY A 60 11.05 -9.20 -7.68
N ASP A 61 10.67 -9.68 -8.88
CA ASP A 61 10.57 -8.92 -10.10
C ASP A 61 9.14 -8.46 -10.32
N GLY A 62 8.18 -9.41 -10.29
CA GLY A 62 6.81 -9.22 -10.72
C GLY A 62 5.90 -8.53 -9.74
N GLU A 63 6.37 -7.37 -9.25
CA GLU A 63 5.85 -6.30 -8.38
C GLU A 63 4.38 -6.27 -7.97
N VAL A 64 4.00 -5.37 -7.05
CA VAL A 64 2.84 -5.64 -6.21
C VAL A 64 1.54 -5.07 -6.78
N SER A 65 0.64 -5.91 -7.36
CA SER A 65 -0.64 -5.44 -7.91
C SER A 65 -1.70 -5.39 -6.85
N GLU A 66 -2.94 -5.00 -7.21
CA GLU A 66 -4.02 -4.85 -6.26
C GLU A 66 -4.44 -6.14 -5.58
N GLN A 67 -4.31 -7.31 -6.24
CA GLN A 67 -4.54 -8.60 -5.61
C GLN A 67 -3.44 -8.95 -4.62
N GLU A 68 -2.15 -8.68 -4.95
CA GLU A 68 -1.03 -8.86 -4.06
C GLU A 68 -1.12 -7.88 -2.89
N PHE A 69 -1.54 -6.63 -3.18
CA PHE A 69 -1.85 -5.60 -2.21
C PHE A 69 -2.98 -6.02 -1.27
N LEU A 70 -4.14 -6.48 -1.80
CA LEU A 70 -5.22 -7.07 -1.01
C LEU A 70 -4.74 -8.18 -0.09
N ARG A 71 -3.94 -9.12 -0.63
CA ARG A 71 -3.29 -10.18 0.13
C ARG A 71 -2.44 -9.66 1.28
N ILE A 72 -1.47 -8.75 1.01
CA ILE A 72 -0.61 -8.19 2.06
C ILE A 72 -1.27 -7.16 2.94
N MET A 73 -2.43 -6.57 2.54
CA MET A 73 -3.26 -5.78 3.43
C MET A 73 -4.01 -6.67 4.40
N LYS A 74 -4.61 -7.77 3.91
CA LYS A 74 -5.33 -8.72 4.75
C LYS A 74 -4.42 -9.48 5.69
N LYS A 75 -3.31 -10.05 5.17
CA LYS A 75 -2.31 -10.86 5.85
C LYS A 75 -2.85 -11.87 6.85
N THR A 76 -2.88 -11.55 8.16
CA THR A 76 -3.80 -12.20 9.07
C THR A 76 -4.21 -11.16 10.08
N SER A 77 -4.83 -10.07 9.61
CA SER A 77 -5.31 -8.99 10.45
C SER A 77 -6.73 -9.26 10.94
N LEU A 78 -7.06 -10.53 11.24
CA LEU A 78 -8.37 -10.91 11.69
C LEU A 78 -8.25 -12.19 12.51
N TYR A 79 -7.82 -13.28 11.84
CA TYR A 79 -7.79 -14.66 12.31
C TYR A 79 -9.14 -15.31 11.99
N ARG B 1 -16.85 2.66 9.19
CA ARG B 1 -17.10 3.69 10.28
C ARG B 1 -18.37 3.38 11.08
N ALA B 2 -18.38 3.46 12.42
CA ALA B 2 -17.36 3.92 13.35
C ALA B 2 -16.16 3.00 13.45
N ASP B 3 -16.41 1.67 13.51
CA ASP B 3 -15.42 0.61 13.49
C ASP B 3 -14.64 0.56 14.80
N LEU B 4 -13.30 0.72 14.73
CA LEU B 4 -12.46 0.91 15.89
C LEU B 4 -11.66 2.14 15.57
N HIS B 5 -11.36 2.99 16.59
CA HIS B 5 -10.78 4.30 16.37
C HIS B 5 -9.26 4.25 16.17
N HIS B 6 -8.82 3.55 15.11
CA HIS B 6 -7.43 3.46 14.73
C HIS B 6 -7.32 3.83 13.27
N GLN B 7 -6.08 4.17 12.84
CA GLN B 7 -5.72 4.65 11.51
C GLN B 7 -6.58 5.76 10.94
N HIS B 8 -6.73 6.87 11.69
CA HIS B 8 -7.64 7.98 11.46
C HIS B 8 -7.69 8.58 10.06
N SER B 9 -6.51 8.86 9.45
CA SER B 9 -6.44 9.45 8.11
C SER B 9 -6.51 8.38 7.04
N VAL B 10 -6.02 8.70 5.82
CA VAL B 10 -5.92 7.79 4.68
C VAL B 10 -4.45 7.64 4.31
N LEU B 11 -4.15 6.68 3.40
CA LEU B 11 -2.83 6.41 2.84
C LEU B 11 -1.87 5.73 3.81
N HIS B 12 -1.72 6.30 5.02
CA HIS B 12 -0.93 5.76 6.12
C HIS B 12 -1.47 4.39 6.50
N ARG B 13 -2.81 4.24 6.42
CA ARG B 13 -3.63 3.06 6.18
C ARG B 13 -2.88 1.84 5.71
N ALA B 14 -2.32 1.94 4.49
CA ALA B 14 -1.67 0.85 3.83
C ALA B 14 -0.21 0.82 4.15
N LEU B 15 0.45 1.99 4.32
CA LEU B 15 1.87 2.01 4.63
C LEU B 15 2.17 1.47 6.02
N GLN B 16 1.25 1.73 6.99
CA GLN B 16 1.33 1.20 8.33
C GLN B 16 1.01 -0.28 8.35
N ALA B 17 -0.01 -0.74 7.60
CA ALA B 17 -0.34 -2.15 7.52
C ALA B 17 0.70 -2.97 6.78
N TRP B 18 1.55 -2.28 5.99
CA TRP B 18 2.69 -2.85 5.37
C TRP B 18 3.86 -2.91 6.33
N VAL B 19 4.32 -1.74 6.85
CA VAL B 19 5.58 -1.69 7.58
C VAL B 19 5.53 -0.98 8.93
N THR B 20 4.76 0.12 9.07
CA THR B 20 4.95 1.07 10.17
C THR B 20 3.64 1.44 10.91
N THR A 1 -11.58 14.33 11.90
CA THR A 1 -11.47 13.00 12.64
C THR A 1 -12.80 12.36 12.95
N GLN A 2 -13.52 12.82 14.00
CA GLN A 2 -14.82 12.26 14.36
C GLN A 2 -15.89 12.66 13.37
N LYS A 3 -16.14 11.81 12.36
CA LYS A 3 -17.09 12.08 11.31
C LYS A 3 -17.59 10.73 10.82
N MET A 4 -18.84 10.65 10.35
CA MET A 4 -19.39 9.45 9.77
C MET A 4 -19.38 9.58 8.26
N SER A 5 -19.19 8.46 7.54
CA SER A 5 -19.28 8.40 6.09
C SER A 5 -19.18 6.94 5.75
N GLU A 6 -19.58 6.58 4.51
CA GLU A 6 -19.39 5.26 3.95
C GLU A 6 -18.30 5.42 2.92
N LYS A 7 -17.07 4.93 3.20
CA LYS A 7 -15.91 5.07 2.34
C LYS A 7 -14.90 4.10 2.89
N ASP A 8 -15.08 2.81 2.57
CA ASP A 8 -14.53 1.75 3.39
C ASP A 8 -13.64 0.83 2.57
N THR A 9 -13.71 -0.50 2.83
CA THR A 9 -12.60 -1.44 2.71
C THR A 9 -11.93 -1.53 1.35
N LYS A 10 -12.53 -2.24 0.38
CA LYS A 10 -11.91 -2.53 -0.90
C LYS A 10 -11.70 -1.27 -1.73
N GLU A 11 -12.57 -0.25 -1.58
CA GLU A 11 -12.38 1.03 -2.23
C GLU A 11 -11.21 1.80 -1.63
N GLU A 12 -10.99 1.77 -0.29
CA GLU A 12 -9.82 2.33 0.32
C GLU A 12 -8.56 1.54 -0.04
N ILE A 13 -8.64 0.20 -0.18
CA ILE A 13 -7.57 -0.63 -0.76
C ILE A 13 -7.23 -0.17 -2.18
N LEU A 14 -8.23 -0.05 -3.09
CA LEU A 14 -8.04 0.51 -4.42
C LEU A 14 -7.48 1.94 -4.41
N LYS A 15 -8.01 2.82 -3.54
CA LYS A 15 -7.52 4.17 -3.36
C LYS A 15 -6.08 4.20 -2.89
N ALA A 16 -5.72 3.35 -1.91
CA ALA A 16 -4.35 3.15 -1.46
C ALA A 16 -3.46 2.64 -2.56
N PHE A 17 -3.90 1.62 -3.33
CA PHE A 17 -3.18 1.13 -4.50
C PHE A 17 -2.88 2.23 -5.50
N LYS A 18 -3.87 3.09 -5.81
CA LYS A 18 -3.69 4.28 -6.64
C LYS A 18 -2.84 5.39 -6.03
N LEU A 19 -2.78 5.51 -4.69
CA LEU A 19 -1.86 6.42 -4.05
C LEU A 19 -0.41 5.99 -4.16
N PHE A 20 -0.13 4.68 -4.28
CA PHE A 20 1.19 4.19 -4.61
C PHE A 20 1.40 4.17 -6.14
N ASP A 21 0.43 3.67 -6.93
CA ASP A 21 0.52 3.64 -8.39
C ASP A 21 -0.06 4.91 -8.99
N ASP A 22 0.67 6.06 -8.84
CA ASP A 22 0.40 7.34 -9.49
C ASP A 22 0.45 7.21 -11.01
N ASP A 23 1.43 6.43 -11.50
CA ASP A 23 1.87 6.43 -12.87
C ASP A 23 0.92 5.60 -13.75
N GLU A 24 0.01 4.85 -13.10
CA GLU A 24 -1.01 4.03 -13.74
C GLU A 24 -0.41 2.85 -14.47
N THR A 25 0.50 2.12 -13.79
CA THR A 25 1.09 0.92 -14.36
C THR A 25 0.39 -0.32 -13.86
N GLY A 26 -0.46 -0.23 -12.81
CA GLY A 26 -1.23 -1.36 -12.32
C GLY A 26 -0.45 -2.23 -11.38
N LYS A 27 0.69 -1.70 -10.91
CA LYS A 27 1.64 -2.40 -10.10
C LYS A 27 2.07 -1.45 -9.01
N ILE A 28 2.44 -1.98 -7.83
CA ILE A 28 3.25 -1.24 -6.89
C ILE A 28 4.68 -1.75 -7.03
N SER A 29 5.51 -0.98 -7.75
CA SER A 29 6.95 -1.19 -7.79
C SER A 29 7.63 -0.58 -6.57
N PHE A 30 8.97 -0.72 -6.48
CA PHE A 30 9.81 0.00 -5.54
C PHE A 30 9.70 1.50 -5.76
N LYS A 31 9.59 1.97 -7.02
CA LYS A 31 9.39 3.37 -7.32
C LYS A 31 8.09 3.88 -6.71
N ASN A 32 7.00 3.09 -6.82
CA ASN A 32 5.68 3.40 -6.29
C ASN A 32 5.66 3.35 -4.77
N LEU A 33 6.40 2.38 -4.19
CA LEU A 33 6.70 2.33 -2.77
C LEU A 33 7.43 3.60 -2.32
N LYS A 34 8.50 3.99 -3.04
CA LYS A 34 9.23 5.21 -2.80
C LYS A 34 8.38 6.46 -2.95
N ARG A 35 7.46 6.56 -3.94
CA ARG A 35 6.51 7.67 -4.08
C ARG A 35 5.78 7.97 -2.79
N VAL A 36 5.13 6.95 -2.18
CA VAL A 36 4.47 7.16 -0.91
C VAL A 36 5.47 7.35 0.20
N ALA A 37 6.58 6.59 0.20
CA ALA A 37 7.62 6.72 1.20
C ALA A 37 8.23 8.12 1.25
N LYS A 38 8.41 8.82 0.11
CA LYS A 38 8.88 10.19 0.09
C LYS A 38 7.81 11.22 0.36
N GLU A 39 6.51 10.87 0.24
CA GLU A 39 5.43 11.74 0.68
C GLU A 39 5.28 11.69 2.19
N LEU A 40 5.54 10.52 2.82
CA LEU A 40 5.74 10.45 4.25
C LEU A 40 7.08 11.07 4.62
N GLY A 41 8.18 10.67 3.94
CA GLY A 41 9.52 11.18 4.12
C GLY A 41 10.35 10.09 4.72
N GLU A 42 11.22 9.43 3.93
CA GLU A 42 11.91 8.24 4.39
C GLU A 42 12.82 8.45 5.58
N ASN A 43 12.44 7.84 6.73
CA ASN A 43 13.27 7.74 7.91
C ASN A 43 13.71 6.29 8.05
N LEU A 44 13.54 5.52 6.97
CA LEU A 44 13.95 4.14 6.85
C LEU A 44 14.67 4.02 5.53
N THR A 45 15.60 3.05 5.41
CA THR A 45 16.48 2.93 4.27
C THR A 45 15.77 2.26 3.12
N ASP A 46 16.24 2.50 1.89
CA ASP A 46 15.75 1.98 0.62
C ASP A 46 15.69 0.47 0.58
N GLU A 47 16.64 -0.18 1.27
CA GLU A 47 16.69 -1.59 1.59
C GLU A 47 15.40 -2.10 2.25
N GLU A 48 14.80 -1.31 3.15
CA GLU A 48 13.60 -1.66 3.86
C GLU A 48 12.39 -1.54 2.95
N LEU A 49 12.32 -0.48 2.11
CA LEU A 49 11.29 -0.36 1.09
C LEU A 49 11.35 -1.50 0.07
N GLN A 50 12.57 -1.90 -0.33
CA GLN A 50 12.83 -3.09 -1.12
C GLN A 50 12.38 -4.38 -0.41
N GLU A 51 12.72 -4.58 0.89
CA GLU A 51 12.27 -5.68 1.71
C GLU A 51 10.75 -5.76 1.79
N MET A 52 10.05 -4.60 1.97
CA MET A 52 8.60 -4.49 1.88
C MET A 52 8.01 -5.02 0.57
N ILE A 53 8.62 -4.69 -0.59
CA ILE A 53 8.28 -5.28 -1.88
C ILE A 53 8.54 -6.78 -1.91
N ASP A 54 9.74 -7.20 -1.48
CA ASP A 54 10.20 -8.58 -1.56
C ASP A 54 9.35 -9.53 -0.71
N GLU A 55 8.99 -9.12 0.54
CA GLU A 55 8.08 -9.89 1.37
C GLU A 55 6.65 -9.84 0.86
N ALA A 56 6.23 -8.78 0.15
CA ALA A 56 4.89 -8.74 -0.41
C ALA A 56 4.67 -9.79 -1.49
N ASP A 57 5.45 -9.75 -2.58
CA ASP A 57 5.22 -10.54 -3.79
C ASP A 57 5.47 -12.03 -3.58
N ARG A 58 4.37 -12.77 -3.33
CA ARG A 58 4.33 -14.18 -3.08
C ARG A 58 4.16 -14.89 -4.40
N ASP A 59 3.36 -14.27 -5.30
CA ASP A 59 3.06 -14.75 -6.63
C ASP A 59 4.30 -14.80 -7.50
N GLY A 60 5.16 -13.76 -7.46
CA GLY A 60 6.43 -13.75 -8.16
C GLY A 60 6.35 -13.05 -9.49
N ASP A 61 6.12 -11.72 -9.44
CA ASP A 61 6.09 -10.84 -10.58
C ASP A 61 7.39 -10.04 -10.58
N GLY A 62 7.69 -9.40 -9.44
CA GLY A 62 8.76 -8.44 -9.31
C GLY A 62 8.19 -7.19 -8.71
N GLU A 63 7.00 -6.79 -9.18
CA GLU A 63 6.28 -5.66 -8.64
C GLU A 63 5.00 -6.18 -8.03
N VAL A 64 4.41 -5.40 -7.11
CA VAL A 64 3.34 -5.91 -6.28
C VAL A 64 2.00 -5.57 -6.89
N SER A 65 1.28 -6.60 -7.36
CA SER A 65 -0.01 -6.46 -8.01
C SER A 65 -1.13 -6.37 -6.99
N GLU A 66 -2.33 -5.90 -7.41
CA GLU A 66 -3.40 -5.58 -6.47
C GLU A 66 -3.99 -6.79 -5.77
N GLN A 67 -3.98 -7.96 -6.46
CA GLN A 67 -4.30 -9.26 -5.93
C GLN A 67 -3.43 -9.69 -4.76
N GLU A 68 -2.14 -9.29 -4.77
CA GLU A 68 -1.20 -9.56 -3.71
C GLU A 68 -1.38 -8.55 -2.60
N PHE A 69 -1.45 -7.26 -2.98
CA PHE A 69 -1.70 -6.12 -2.10
C PHE A 69 -2.93 -6.33 -1.22
N LEU A 70 -4.07 -6.72 -1.81
CA LEU A 70 -5.28 -6.95 -1.05
C LEU A 70 -5.21 -8.11 -0.07
N ARG A 71 -4.32 -9.11 -0.28
CA ARG A 71 -4.12 -10.18 0.69
C ARG A 71 -3.52 -9.68 1.99
N ILE A 72 -2.43 -8.88 1.91
CA ILE A 72 -1.76 -8.41 3.11
C ILE A 72 -2.60 -7.39 3.85
N MET A 73 -3.47 -6.64 3.13
CA MET A 73 -4.48 -5.79 3.71
C MET A 73 -5.60 -6.60 4.37
N LYS A 74 -6.14 -7.63 3.66
CA LYS A 74 -7.16 -8.54 4.17
C LYS A 74 -6.71 -9.36 5.37
N LYS A 75 -5.41 -9.71 5.43
CA LYS A 75 -4.77 -10.16 6.66
C LYS A 75 -4.85 -9.11 7.76
N THR A 76 -4.06 -8.01 7.62
CA THR A 76 -3.65 -7.07 8.67
C THR A 76 -3.64 -7.65 10.08
N SER A 77 -2.73 -8.62 10.31
CA SER A 77 -2.70 -9.45 11.50
C SER A 77 -1.72 -8.89 12.51
N LEU A 78 -1.38 -7.59 12.31
CA LEU A 78 -0.05 -7.03 12.50
C LEU A 78 0.78 -7.51 11.34
N TYR A 79 0.46 -6.96 10.14
CA TYR A 79 1.01 -7.34 8.85
C TYR A 79 0.36 -8.62 8.26
N ARG B 1 -3.54 -0.90 20.08
CA ARG B 1 -3.04 -2.16 19.45
C ARG B 1 -2.87 -3.28 20.46
N ALA B 2 -3.35 -4.53 20.23
CA ALA B 2 -4.10 -5.04 19.10
C ALA B 2 -5.58 -4.73 19.26
N ASP B 3 -6.14 -3.99 18.28
CA ASP B 3 -7.50 -3.48 18.32
C ASP B 3 -7.75 -3.13 16.87
N LEU B 4 -9.02 -2.85 16.51
CA LEU B 4 -9.38 -2.46 15.16
C LEU B 4 -10.42 -1.38 15.28
N HIS B 5 -10.39 -0.39 14.37
CA HIS B 5 -11.38 0.64 14.26
C HIS B 5 -11.01 1.31 12.96
N HIS B 6 -11.64 2.44 12.59
CA HIS B 6 -11.14 3.27 11.52
C HIS B 6 -10.18 4.29 12.10
N GLN B 7 -9.00 4.41 11.48
CA GLN B 7 -7.85 5.03 12.10
C GLN B 7 -7.65 6.47 11.67
N HIS B 8 -8.47 6.91 10.70
CA HIS B 8 -8.32 8.12 9.92
C HIS B 8 -7.38 7.86 8.75
N SER B 9 -7.49 8.69 7.71
CA SER B 9 -7.06 8.30 6.38
C SER B 9 -6.51 9.52 5.69
N VAL B 10 -5.80 9.40 4.54
CA VAL B 10 -5.51 8.23 3.72
C VAL B 10 -4.10 7.71 3.94
N LEU B 11 -3.72 6.68 3.14
CA LEU B 11 -2.36 6.26 2.90
C LEU B 11 -1.69 5.49 4.01
N HIS B 12 -1.64 6.05 5.23
CA HIS B 12 -0.88 5.46 6.33
C HIS B 12 -1.57 4.26 6.94
N ARG B 13 -2.81 4.00 6.49
CA ARG B 13 -3.53 2.75 6.60
C ARG B 13 -2.74 1.61 5.98
N ALA B 14 -2.43 1.78 4.67
CA ALA B 14 -1.74 0.83 3.85
C ALA B 14 -0.29 0.78 4.21
N LEU B 15 0.37 1.95 4.42
CA LEU B 15 1.78 1.96 4.77
C LEU B 15 2.06 1.34 6.12
N GLN B 16 1.17 1.51 7.14
CA GLN B 16 1.38 0.84 8.41
C GLN B 16 1.12 -0.63 8.33
N ALA B 17 0.04 -1.05 7.60
CA ALA B 17 -0.30 -2.45 7.43
C ALA B 17 0.75 -3.18 6.62
N TRP B 18 1.49 -2.43 5.78
CA TRP B 18 2.60 -2.93 5.02
C TRP B 18 3.92 -2.44 5.60
N VAL B 19 3.99 -2.20 6.94
CA VAL B 19 5.16 -2.22 7.82
C VAL B 19 5.16 -1.05 8.78
N THR B 20 5.02 0.19 8.28
CA THR B 20 5.60 1.37 8.91
C THR B 20 4.68 2.62 8.91
N THR A 1 0.49 -4.50 16.85
CA THR A 1 -0.49 -3.46 16.31
C THR A 1 -1.94 -3.93 16.35
N GLN A 2 -2.29 -4.86 15.44
CA GLN A 2 -3.64 -5.21 15.04
C GLN A 2 -4.20 -4.15 14.09
N LYS A 3 -5.22 -4.54 13.30
CA LYS A 3 -5.61 -3.80 12.13
C LYS A 3 -7.12 -3.67 12.14
N MET A 4 -7.67 -2.66 11.45
CA MET A 4 -9.10 -2.46 11.35
C MET A 4 -9.61 -3.22 10.14
N SER A 5 -10.91 -3.60 10.11
CA SER A 5 -11.43 -4.47 9.06
C SER A 5 -12.89 -4.73 9.33
N GLU A 6 -13.78 -3.78 8.99
CA GLU A 6 -15.20 -3.93 9.20
C GLU A 6 -15.91 -3.90 7.86
N LYS A 7 -15.45 -3.04 6.95
CA LYS A 7 -15.84 -3.00 5.56
C LYS A 7 -14.55 -2.86 4.78
N ASP A 8 -14.21 -1.59 4.46
CA ASP A 8 -12.87 -1.09 4.30
C ASP A 8 -12.11 -1.62 3.10
N THR A 9 -11.56 -2.85 3.21
CA THR A 9 -10.43 -3.37 2.45
C THR A 9 -10.53 -3.18 0.94
N LYS A 10 -11.67 -3.51 0.30
CA LYS A 10 -11.82 -3.43 -1.14
C LYS A 10 -11.81 -1.99 -1.65
N GLU A 11 -12.42 -1.05 -0.91
CA GLU A 11 -12.39 0.36 -1.30
C GLU A 11 -11.10 1.01 -0.85
N GLU A 12 -10.54 0.59 0.31
CA GLU A 12 -9.29 1.04 0.88
C GLU A 12 -8.13 0.75 -0.05
N ILE A 13 -8.03 -0.50 -0.59
CA ILE A 13 -6.98 -0.85 -1.53
C ILE A 13 -7.12 -0.10 -2.83
N LEU A 14 -8.36 0.10 -3.32
CA LEU A 14 -8.64 0.89 -4.50
C LEU A 14 -8.18 2.33 -4.36
N LYS A 15 -8.45 2.97 -3.20
CA LYS A 15 -7.88 4.25 -2.82
C LYS A 15 -6.36 4.19 -2.78
N ALA A 16 -5.79 3.28 -1.96
CA ALA A 16 -4.39 3.22 -1.66
C ALA A 16 -3.51 2.83 -2.84
N PHE A 17 -3.97 1.93 -3.74
CA PHE A 17 -3.23 1.53 -4.92
C PHE A 17 -3.12 2.70 -5.89
N LYS A 18 -4.21 3.49 -6.04
CA LYS A 18 -4.22 4.72 -6.82
C LYS A 18 -3.36 5.82 -6.22
N LEU A 19 -3.28 5.90 -4.87
CA LEU A 19 -2.34 6.78 -4.20
C LEU A 19 -0.89 6.35 -4.40
N PHE A 20 -0.58 5.04 -4.33
CA PHE A 20 0.78 4.54 -4.52
C PHE A 20 1.22 4.54 -5.97
N ASP A 21 0.43 3.97 -6.91
CA ASP A 21 0.84 3.78 -8.29
C ASP A 21 0.71 5.10 -9.08
N ASP A 22 1.85 5.81 -9.24
CA ASP A 22 1.96 7.19 -9.69
C ASP A 22 1.57 7.36 -11.15
N ASP A 23 2.15 6.53 -12.04
CA ASP A 23 1.89 6.49 -13.45
C ASP A 23 0.73 5.57 -13.76
N GLU A 24 0.21 4.88 -12.72
CA GLU A 24 -0.86 3.91 -12.71
C GLU A 24 -0.71 2.80 -13.75
N THR A 25 0.42 2.08 -13.68
CA THR A 25 0.71 0.99 -14.60
C THR A 25 0.06 -0.31 -14.15
N GLY A 26 -0.42 -0.40 -12.89
CA GLY A 26 -1.08 -1.58 -12.37
C GLY A 26 -0.12 -2.40 -11.56
N LYS A 27 0.88 -1.74 -10.96
CA LYS A 27 1.91 -2.41 -10.20
C LYS A 27 2.37 -1.46 -9.13
N ILE A 28 2.36 -1.88 -7.84
CA ILE A 28 3.10 -1.11 -6.86
C ILE A 28 4.55 -1.57 -6.92
N SER A 29 5.33 -0.85 -7.74
CA SER A 29 6.75 -1.07 -7.90
C SER A 29 7.54 -0.48 -6.76
N PHE A 30 8.84 -0.84 -6.65
CA PHE A 30 9.78 -0.27 -5.70
C PHE A 30 9.90 1.25 -5.88
N LYS A 31 9.91 1.70 -7.16
CA LYS A 31 9.92 3.09 -7.54
C LYS A 31 8.70 3.83 -7.02
N ASN A 32 7.50 3.27 -7.23
CA ASN A 32 6.25 3.90 -6.83
C ASN A 32 6.05 3.80 -5.32
N LEU A 33 6.56 2.71 -4.69
CA LEU A 33 6.74 2.63 -3.24
C LEU A 33 7.64 3.73 -2.70
N LYS A 34 8.86 3.92 -3.25
CA LYS A 34 9.76 5.00 -2.88
C LYS A 34 9.17 6.39 -3.11
N ARG A 35 8.38 6.54 -4.20
CA ARG A 35 7.54 7.71 -4.46
C ARG A 35 6.57 7.95 -3.32
N VAL A 36 5.72 6.97 -2.94
CA VAL A 36 4.80 7.16 -1.82
C VAL A 36 5.51 7.35 -0.49
N ALA A 37 6.67 6.67 -0.29
CA ALA A 37 7.53 6.86 0.85
C ALA A 37 8.03 8.29 1.01
N LYS A 38 8.42 8.99 -0.09
CA LYS A 38 8.73 10.41 -0.02
C LYS A 38 7.50 11.28 0.23
N GLU A 39 6.29 10.87 -0.24
CA GLU A 39 5.05 11.58 0.04
C GLU A 39 4.65 11.50 1.49
N LEU A 40 4.86 10.34 2.16
CA LEU A 40 4.75 10.25 3.61
C LEU A 40 5.85 11.03 4.29
N GLY A 41 7.10 10.92 3.78
CA GLY A 41 8.25 11.61 4.33
C GLY A 41 9.06 10.64 5.14
N GLU A 42 9.52 9.56 4.49
CA GLU A 42 10.20 8.47 5.13
C GLU A 42 11.58 8.79 5.70
N ASN A 43 11.96 8.02 6.73
CA ASN A 43 13.32 7.98 7.24
C ASN A 43 13.62 6.51 7.46
N LEU A 44 13.63 5.73 6.36
CA LEU A 44 13.91 4.32 6.39
C LEU A 44 15.37 4.14 5.98
N THR A 45 15.64 3.31 4.98
CA THR A 45 16.83 3.39 4.16
C THR A 45 16.30 2.96 2.81
N ASP A 46 16.63 1.77 2.28
CA ASP A 46 15.92 1.25 1.11
C ASP A 46 15.52 -0.19 1.31
N GLU A 47 16.31 -0.96 2.07
CA GLU A 47 16.13 -2.34 2.45
C GLU A 47 14.76 -2.61 3.05
N GLU A 48 14.33 -1.73 3.98
CA GLU A 48 13.02 -1.74 4.61
C GLU A 48 11.87 -1.74 3.64
N LEU A 49 11.85 -0.81 2.66
CA LEU A 49 10.76 -0.76 1.71
C LEU A 49 10.93 -1.80 0.60
N GLN A 50 12.18 -2.29 0.35
CA GLN A 50 12.39 -3.42 -0.53
C GLN A 50 11.84 -4.71 0.09
N GLU A 51 12.05 -4.92 1.41
CA GLU A 51 11.41 -5.95 2.21
C GLU A 51 9.90 -5.87 2.11
N MET A 52 9.31 -4.67 2.26
CA MET A 52 7.89 -4.44 2.00
C MET A 52 7.42 -4.93 0.63
N ILE A 53 8.13 -4.59 -0.46
CA ILE A 53 7.89 -5.12 -1.80
C ILE A 53 8.00 -6.63 -1.85
N ASP A 54 9.13 -7.23 -1.40
CA ASP A 54 9.38 -8.65 -1.48
C ASP A 54 8.43 -9.47 -0.62
N GLU A 55 8.05 -8.97 0.58
CA GLU A 55 7.06 -9.58 1.46
C GLU A 55 5.70 -9.57 0.83
N ALA A 56 5.33 -8.47 0.15
CA ALA A 56 4.09 -8.40 -0.59
C ALA A 56 4.09 -9.27 -1.83
N ASP A 57 5.10 -9.13 -2.71
CA ASP A 57 5.26 -9.89 -3.95
C ASP A 57 5.77 -11.31 -3.69
N ARG A 58 5.16 -11.98 -2.69
CA ARG A 58 5.55 -13.26 -2.16
C ARG A 58 5.48 -14.38 -3.20
N ASP A 59 4.52 -14.24 -4.14
CA ASP A 59 4.26 -15.21 -5.18
C ASP A 59 4.25 -14.54 -6.54
N GLY A 60 4.74 -13.28 -6.67
CA GLY A 60 4.30 -12.41 -7.75
C GLY A 60 5.26 -12.18 -8.89
N ASP A 61 5.55 -10.89 -9.17
CA ASP A 61 6.19 -10.44 -10.39
C ASP A 61 7.03 -9.19 -10.11
N GLY A 62 7.79 -9.16 -9.00
CA GLY A 62 8.80 -8.16 -8.68
C GLY A 62 8.21 -6.90 -8.11
N GLU A 63 7.06 -6.52 -8.65
CA GLU A 63 6.31 -5.33 -8.35
C GLU A 63 4.92 -5.79 -8.00
N VAL A 64 4.30 -5.12 -7.02
CA VAL A 64 3.25 -5.72 -6.24
C VAL A 64 1.90 -5.55 -6.91
N SER A 65 1.19 -6.68 -7.10
CA SER A 65 -0.12 -6.75 -7.73
C SER A 65 -1.23 -6.26 -6.79
N GLU A 66 -2.45 -6.05 -7.34
CA GLU A 66 -3.62 -5.70 -6.54
C GLU A 66 -4.03 -6.81 -5.58
N GLN A 67 -3.96 -8.10 -5.98
CA GLN A 67 -4.25 -9.22 -5.12
C GLN A 67 -3.20 -9.37 -4.02
N GLU A 68 -1.90 -9.15 -4.34
CA GLU A 68 -0.83 -9.21 -3.36
C GLU A 68 -0.94 -8.06 -2.38
N PHE A 69 -1.30 -6.86 -2.89
CA PHE A 69 -1.64 -5.70 -2.09
C PHE A 69 -2.82 -5.96 -1.17
N LEU A 70 -3.94 -6.51 -1.68
CA LEU A 70 -5.07 -7.01 -0.90
C LEU A 70 -4.65 -7.95 0.22
N ARG A 71 -3.85 -8.99 -0.10
CA ARG A 71 -3.32 -9.93 0.86
C ARG A 71 -2.54 -9.28 2.00
N ILE A 72 -1.56 -8.38 1.69
CA ILE A 72 -0.81 -7.69 2.73
C ILE A 72 -1.58 -6.61 3.45
N MET A 73 -2.57 -5.94 2.80
CA MET A 73 -3.44 -4.98 3.43
C MET A 73 -4.43 -5.66 4.36
N LYS A 74 -4.85 -6.89 4.02
CA LYS A 74 -5.63 -7.74 4.91
C LYS A 74 -4.79 -8.21 6.08
N LYS A 75 -3.86 -9.18 5.90
CA LYS A 75 -3.14 -9.85 6.99
C LYS A 75 -4.06 -10.40 8.10
N THR A 76 -4.30 -9.59 9.18
CA THR A 76 -5.22 -9.84 10.30
C THR A 76 -6.54 -10.39 9.89
N SER A 77 -6.68 -11.71 10.09
CA SER A 77 -7.81 -12.50 9.67
C SER A 77 -8.33 -13.18 10.90
N LEU A 78 -8.47 -12.37 11.98
CA LEU A 78 -8.73 -12.75 13.35
C LEU A 78 -7.41 -13.05 14.04
N TYR A 79 -6.50 -12.05 14.02
CA TYR A 79 -5.17 -12.16 14.57
C TYR A 79 -4.54 -10.74 14.60
N ARG B 1 -10.46 4.66 18.90
CA ARG B 1 -10.01 3.24 19.09
C ARG B 1 -8.63 3.18 19.68
N ALA B 2 -7.70 2.39 19.12
CA ALA B 2 -6.30 2.42 19.53
C ALA B 2 -5.59 3.53 18.79
N ASP B 3 -5.83 4.78 19.23
CA ASP B 3 -5.32 5.98 18.62
C ASP B 3 -4.49 6.74 19.63
N LEU B 4 -5.17 7.37 20.60
CA LEU B 4 -4.63 8.22 21.65
C LEU B 4 -4.01 9.50 21.10
N HIS B 5 -4.81 10.49 20.62
CA HIS B 5 -6.26 10.55 20.60
C HIS B 5 -6.78 10.89 19.23
N HIS B 6 -6.10 11.82 18.52
CA HIS B 6 -6.44 12.30 17.20
C HIS B 6 -6.32 11.23 16.12
N GLN B 7 -7.40 10.45 15.90
CA GLN B 7 -7.45 9.35 14.96
C GLN B 7 -7.52 9.81 13.51
N HIS B 8 -6.52 10.58 13.07
CA HIS B 8 -6.32 10.98 11.69
C HIS B 8 -5.76 9.80 10.94
N SER B 9 -6.49 9.32 9.92
CA SER B 9 -6.24 8.03 9.30
C SER B 9 -6.30 8.24 7.81
N VAL B 10 -5.12 8.41 7.14
CA VAL B 10 -5.07 8.90 5.77
C VAL B 10 -4.19 7.98 4.93
N LEU B 11 -3.08 8.47 4.34
CA LEU B 11 -2.19 7.72 3.47
C LEU B 11 -1.31 6.78 4.24
N HIS B 12 -1.01 7.16 5.51
CA HIS B 12 -0.18 6.42 6.43
C HIS B 12 -0.77 5.08 6.79
N ARG B 13 -2.11 4.94 6.73
CA ARG B 13 -2.84 3.68 6.73
C ARG B 13 -2.20 2.64 5.86
N ALA B 14 -2.08 2.94 4.55
CA ALA B 14 -1.66 2.04 3.53
C ALA B 14 -0.21 1.66 3.70
N LEU B 15 0.65 2.62 4.11
CA LEU B 15 2.04 2.31 4.38
C LEU B 15 2.22 1.48 5.64
N GLN B 16 1.59 1.91 6.77
CA GLN B 16 1.75 1.23 8.05
C GLN B 16 1.08 -0.13 8.03
N ALA B 17 -0.15 -0.22 7.50
CA ALA B 17 -0.92 -1.44 7.52
C ALA B 17 -0.60 -2.32 6.34
N TRP B 18 0.39 -1.96 5.51
CA TRP B 18 1.09 -2.90 4.67
C TRP B 18 2.07 -3.64 5.54
N VAL B 19 3.00 -2.87 6.16
CA VAL B 19 4.13 -3.45 6.85
C VAL B 19 3.73 -4.15 8.14
N THR B 20 2.88 -3.51 8.98
CA THR B 20 2.59 -4.01 10.32
C THR B 20 1.07 -4.03 10.66
N THR A 1 -19.89 8.84 -12.94
CA THR A 1 -20.94 7.83 -12.55
C THR A 1 -20.81 7.40 -11.11
N GLN A 2 -19.85 6.50 -10.78
CA GLN A 2 -19.67 6.01 -9.42
C GLN A 2 -18.96 7.03 -8.56
N LYS A 3 -19.68 7.60 -7.56
CA LYS A 3 -19.11 8.54 -6.61
C LYS A 3 -19.64 8.25 -5.22
N MET A 4 -20.98 8.31 -5.02
CA MET A 4 -21.58 8.18 -3.71
C MET A 4 -22.00 6.75 -3.39
N SER A 5 -21.63 5.78 -4.24
CA SER A 5 -21.99 4.37 -4.12
C SER A 5 -20.89 3.64 -3.35
N GLU A 6 -20.34 2.54 -3.92
CA GLU A 6 -19.12 1.87 -3.50
C GLU A 6 -17.95 2.83 -3.63
N LYS A 7 -17.58 3.49 -2.50
CA LYS A 7 -16.41 4.34 -2.40
C LYS A 7 -15.52 3.80 -1.28
N ASP A 8 -15.88 2.60 -0.77
CA ASP A 8 -15.77 2.19 0.62
C ASP A 8 -15.04 0.87 0.81
N THR A 9 -15.36 -0.17 0.00
CA THR A 9 -14.86 -1.53 0.23
C THR A 9 -13.66 -1.82 -0.65
N LYS A 10 -13.77 -2.42 -1.86
CA LYS A 10 -12.60 -2.65 -2.70
C LYS A 10 -12.09 -1.34 -3.23
N GLU A 11 -13.00 -0.38 -3.52
CA GLU A 11 -12.68 0.97 -3.85
C GLU A 11 -11.85 1.70 -2.78
N GLU A 12 -12.04 1.50 -1.45
CA GLU A 12 -11.12 2.11 -0.49
C GLU A 12 -9.72 1.50 -0.57
N ILE A 13 -9.63 0.17 -0.75
CA ILE A 13 -8.36 -0.51 -0.95
C ILE A 13 -7.69 -0.04 -2.25
N LEU A 14 -8.48 0.06 -3.33
CA LEU A 14 -8.10 0.60 -4.62
C LEU A 14 -7.65 2.06 -4.55
N LYS A 15 -8.33 2.91 -3.77
CA LYS A 15 -7.99 4.30 -3.51
C LYS A 15 -6.65 4.45 -2.81
N ALA A 16 -6.37 3.59 -1.80
CA ALA A 16 -5.05 3.47 -1.20
C ALA A 16 -4.01 3.01 -2.22
N PHE A 17 -4.34 1.96 -3.00
CA PHE A 17 -3.55 1.45 -4.10
C PHE A 17 -3.23 2.52 -5.16
N LYS A 18 -4.21 3.35 -5.55
CA LYS A 18 -4.13 4.46 -6.48
C LYS A 18 -3.07 5.49 -6.12
N LEU A 19 -2.89 5.79 -4.81
CA LEU A 19 -1.87 6.70 -4.31
C LEU A 19 -0.48 6.13 -4.53
N PHE A 20 -0.32 4.81 -4.34
CA PHE A 20 0.88 4.12 -4.77
C PHE A 20 1.01 4.07 -6.30
N ASP A 21 -0.03 3.60 -7.03
CA ASP A 21 -0.02 3.37 -8.47
C ASP A 21 -0.07 4.65 -9.32
N ASP A 22 0.89 5.57 -9.06
CA ASP A 22 1.25 6.80 -9.73
C ASP A 22 1.23 6.69 -11.26
N ASP A 23 1.82 5.60 -11.78
CA ASP A 23 2.17 5.43 -13.16
C ASP A 23 1.03 4.80 -13.96
N GLU A 24 -0.08 4.42 -13.27
CA GLU A 24 -1.26 3.81 -13.86
C GLU A 24 -0.95 2.47 -14.53
N THR A 25 -0.49 1.50 -13.72
CA THR A 25 0.00 0.21 -14.21
C THR A 25 -0.64 -0.96 -13.48
N GLY A 26 -1.24 -0.75 -12.29
CA GLY A 26 -1.91 -1.82 -11.56
C GLY A 26 -0.97 -2.66 -10.76
N LYS A 27 0.17 -2.08 -10.32
CA LYS A 27 1.20 -2.79 -9.61
C LYS A 27 2.02 -1.82 -8.78
N ILE A 28 2.11 -2.04 -7.45
CA ILE A 28 2.94 -1.23 -6.59
C ILE A 28 4.37 -1.70 -6.70
N SER A 29 5.18 -1.07 -7.56
CA SER A 29 6.59 -1.34 -7.64
C SER A 29 7.36 -0.65 -6.52
N PHE A 30 8.68 -0.93 -6.47
CA PHE A 30 9.66 -0.29 -5.62
C PHE A 30 9.61 1.23 -5.70
N LYS A 31 9.56 1.74 -6.95
CA LYS A 31 9.43 3.16 -7.25
C LYS A 31 8.17 3.73 -6.65
N ASN A 32 7.00 3.08 -6.86
CA ASN A 32 5.70 3.48 -6.36
C ASN A 32 5.67 3.55 -4.85
N LEU A 33 6.29 2.54 -4.20
CA LEU A 33 6.44 2.49 -2.77
C LEU A 33 7.30 3.62 -2.21
N LYS A 34 8.46 3.89 -2.83
CA LYS A 34 9.33 4.97 -2.36
C LYS A 34 8.86 6.36 -2.77
N ARG A 35 7.99 6.46 -3.80
CA ARG A 35 7.20 7.64 -4.16
C ARG A 35 6.31 8.05 -3.00
N VAL A 36 5.51 7.11 -2.46
CA VAL A 36 4.71 7.27 -1.28
C VAL A 36 5.55 7.63 -0.06
N ALA A 37 6.69 6.95 0.15
CA ALA A 37 7.62 7.28 1.22
C ALA A 37 8.09 8.74 1.24
N LYS A 38 8.43 9.33 0.07
CA LYS A 38 8.77 10.75 -0.02
C LYS A 38 7.57 11.68 0.10
N GLU A 39 6.35 11.23 -0.24
CA GLU A 39 5.11 11.98 -0.01
C GLU A 39 4.81 12.14 1.45
N LEU A 40 4.98 11.09 2.28
CA LEU A 40 4.90 11.23 3.72
C LEU A 40 6.12 11.97 4.25
N GLY A 41 7.32 11.65 3.75
CA GLY A 41 8.58 12.20 4.23
C GLY A 41 9.19 11.28 5.23
N GLU A 42 9.07 9.97 4.96
CA GLU A 42 9.45 8.94 5.90
C GLU A 42 10.90 8.53 5.77
N ASN A 43 11.45 7.92 6.84
CA ASN A 43 12.87 7.65 6.92
C ASN A 43 13.22 6.26 6.39
N LEU A 44 13.36 6.09 5.06
CA LEU A 44 13.70 4.80 4.48
C LEU A 44 14.42 4.91 3.14
N THR A 45 15.12 3.82 2.77
CA THR A 45 16.34 3.80 1.95
C THR A 45 16.11 3.03 0.66
N ASP A 46 16.72 1.83 0.48
CA ASP A 46 16.34 0.84 -0.53
C ASP A 46 15.75 -0.34 0.22
N GLU A 47 16.53 -0.85 1.18
CA GLU A 47 16.39 -2.05 1.96
C GLU A 47 14.99 -2.30 2.47
N GLU A 48 14.39 -1.32 3.16
CA GLU A 48 13.13 -1.42 3.85
C GLU A 48 11.98 -1.45 2.86
N LEU A 49 12.12 -0.74 1.72
CA LEU A 49 11.20 -0.77 0.59
C LEU A 49 11.30 -2.12 -0.09
N GLN A 50 12.54 -2.62 -0.29
CA GLN A 50 12.85 -3.90 -0.88
C GLN A 50 12.28 -5.05 -0.04
N GLU A 51 12.46 -4.98 1.31
CA GLU A 51 11.83 -5.85 2.29
C GLU A 51 10.32 -5.88 2.15
N MET A 52 9.64 -4.70 2.13
CA MET A 52 8.21 -4.63 1.88
C MET A 52 7.75 -5.30 0.58
N ILE A 53 8.47 -5.06 -0.54
CA ILE A 53 8.22 -5.72 -1.81
C ILE A 53 8.44 -7.23 -1.74
N ASP A 54 9.57 -7.70 -1.17
CA ASP A 54 9.90 -9.12 -1.11
C ASP A 54 9.06 -9.88 -0.07
N GLU A 55 8.56 -9.19 0.98
CA GLU A 55 7.49 -9.68 1.84
C GLU A 55 6.22 -9.84 1.04
N ALA A 56 5.82 -8.80 0.30
CA ALA A 56 4.58 -8.77 -0.42
C ALA A 56 4.49 -9.72 -1.60
N ASP A 57 5.43 -9.66 -2.56
CA ASP A 57 5.27 -10.27 -3.86
C ASP A 57 5.54 -11.78 -3.84
N ARG A 58 4.50 -12.61 -3.70
CA ARG A 58 4.67 -14.02 -3.43
C ARG A 58 4.86 -14.81 -4.70
N ASP A 59 4.36 -14.24 -5.82
CA ASP A 59 4.54 -14.76 -7.15
C ASP A 59 5.98 -14.50 -7.61
N GLY A 60 6.55 -13.32 -7.31
CA GLY A 60 7.93 -13.00 -7.64
C GLY A 60 8.00 -12.15 -8.88
N ASP A 61 7.11 -11.14 -8.96
CA ASP A 61 7.05 -10.18 -10.05
C ASP A 61 8.03 -9.05 -9.72
N GLY A 62 7.91 -8.46 -8.52
CA GLY A 62 8.78 -7.42 -7.99
C GLY A 62 8.03 -6.14 -7.83
N GLU A 63 6.69 -6.25 -7.83
CA GLU A 63 5.79 -5.16 -8.05
C GLU A 63 4.37 -5.67 -7.89
N VAL A 64 3.68 -5.07 -6.91
CA VAL A 64 2.66 -5.76 -6.15
C VAL A 64 1.27 -5.39 -6.63
N SER A 65 0.50 -6.37 -7.16
CA SER A 65 -0.83 -6.16 -7.73
C SER A 65 -1.90 -5.99 -6.68
N GLU A 66 -3.12 -5.56 -7.07
CA GLU A 66 -4.21 -5.25 -6.15
C GLU A 66 -4.72 -6.46 -5.38
N GLN A 67 -4.90 -7.60 -6.07
CA GLN A 67 -5.18 -8.89 -5.48
C GLN A 67 -4.12 -9.37 -4.51
N GLU A 68 -2.82 -9.12 -4.80
CA GLU A 68 -1.71 -9.42 -3.92
C GLU A 68 -1.67 -8.45 -2.75
N PHE A 69 -1.91 -7.15 -2.99
CA PHE A 69 -2.08 -6.11 -1.98
C PHE A 69 -3.14 -6.48 -0.95
N LEU A 70 -4.31 -6.97 -1.41
CA LEU A 70 -5.34 -7.56 -0.56
C LEU A 70 -4.85 -8.76 0.27
N ARG A 71 -3.97 -9.63 -0.29
CA ARG A 71 -3.38 -10.72 0.46
C ARG A 71 -2.41 -10.19 1.51
N ILE A 72 -1.48 -9.30 1.12
CA ILE A 72 -0.37 -8.84 1.94
C ILE A 72 -0.80 -7.84 2.99
N MET A 73 -2.02 -7.28 2.88
CA MET A 73 -2.60 -6.51 3.97
C MET A 73 -3.08 -7.41 5.10
N LYS A 74 -3.71 -8.58 4.82
CA LYS A 74 -4.01 -9.51 5.91
C LYS A 74 -2.78 -10.35 6.31
N LYS A 75 -1.92 -10.68 5.33
CA LYS A 75 -0.69 -11.46 5.47
C LYS A 75 -0.96 -12.92 5.71
N THR A 76 -1.29 -13.28 6.98
CA THR A 76 -1.27 -14.63 7.56
C THR A 76 0.13 -14.99 7.99
N SER A 77 0.36 -14.92 9.32
CA SER A 77 1.53 -15.50 9.97
C SER A 77 0.99 -16.40 11.06
N LEU A 78 0.00 -17.24 10.69
CA LEU A 78 -0.94 -17.91 11.57
C LEU A 78 -1.93 -16.88 12.06
N TYR A 79 -2.67 -16.29 11.10
CA TYR A 79 -3.51 -15.13 11.24
C TYR A 79 -4.25 -15.01 9.89
N ARG B 1 0.39 -0.81 13.85
CA ARG B 1 -1.08 -0.71 14.13
C ARG B 1 -2.00 -1.00 12.97
N ALA B 2 -3.34 -0.87 13.20
CA ALA B 2 -4.34 -0.90 12.15
C ALA B 2 -4.71 0.53 11.81
N ASP B 3 -5.81 0.71 11.06
CA ASP B 3 -6.30 1.96 10.52
C ASP B 3 -6.60 3.09 11.49
N LEU B 4 -6.38 4.33 10.99
CA LEU B 4 -7.00 5.52 11.50
C LEU B 4 -7.47 6.29 10.29
N HIS B 5 -8.78 6.26 9.99
CA HIS B 5 -9.38 6.86 8.82
C HIS B 5 -9.82 8.30 9.11
N HIS B 6 -8.97 9.06 9.81
CA HIS B 6 -9.23 10.45 10.14
C HIS B 6 -8.06 11.26 9.63
N GLN B 7 -8.17 12.02 8.52
CA GLN B 7 -9.28 12.07 7.59
C GLN B 7 -8.69 12.12 6.20
N HIS B 8 -8.09 13.28 5.83
CA HIS B 8 -7.41 13.44 4.56
C HIS B 8 -5.98 12.99 4.67
N SER B 9 -5.40 12.54 3.53
CA SER B 9 -4.00 12.14 3.40
C SER B 9 -3.58 11.00 4.30
N VAL B 10 -4.51 10.08 4.66
CA VAL B 10 -4.25 8.93 5.49
C VAL B 10 -3.53 7.82 4.72
N LEU B 11 -2.30 8.14 4.28
CA LEU B 11 -1.46 7.31 3.44
C LEU B 11 -0.38 6.63 4.26
N HIS B 12 0.01 7.26 5.39
CA HIS B 12 0.91 6.69 6.38
C HIS B 12 0.25 5.51 7.05
N ARG B 13 -1.09 5.55 7.19
CA ARG B 13 -1.96 4.43 7.46
C ARG B 13 -1.71 3.26 6.53
N ALA B 14 -1.79 3.45 5.19
CA ALA B 14 -1.57 2.39 4.23
C ALA B 14 -0.12 1.91 4.22
N LEU B 15 0.85 2.84 4.32
CA LEU B 15 2.26 2.50 4.43
C LEU B 15 2.57 1.73 5.69
N GLN B 16 2.11 2.21 6.86
CA GLN B 16 2.34 1.54 8.11
C GLN B 16 1.41 0.36 8.30
N ALA B 17 0.32 0.16 7.52
CA ALA B 17 -0.43 -1.08 7.58
C ALA B 17 0.34 -2.22 6.91
N TRP B 18 1.26 -1.87 6.00
CA TRP B 18 2.16 -2.81 5.37
C TRP B 18 3.29 -3.17 6.32
N VAL B 19 3.95 -2.18 6.94
CA VAL B 19 5.14 -2.44 7.74
C VAL B 19 4.94 -2.49 9.23
N THR B 20 3.89 -1.85 9.77
CA THR B 20 3.60 -1.82 11.19
C THR B 20 2.17 -2.36 11.34
#